data_4M9A
#
_entry.id   4M9A
#
_cell.length_a   87.260
_cell.length_b   111.000
_cell.length_c   170.250
_cell.angle_alpha   90.00
_cell.angle_beta   90.00
_cell.angle_gamma   90.00
#
_symmetry.space_group_name_H-M   'P 21 21 21'
#
loop_
_entity.id
_entity.type
_entity.pdbx_description
1 polymer 'Acyl-CoA dehydrogenase'
2 non-polymer 'DIHYDROFLAVINE-ADENINE DINUCLEOTIDE'
3 water water
#
_entity_poly.entity_id   1
_entity_poly.type   'polypeptide(L)'
_entity_poly.pdbx_seq_one_letter_code
;MAHHHHHHMDDLYTEDQRMILDAARAFCAEVLAPNAAQWDRESHLPDEVVAQMGELGFLGMIVPADWGGSYTDYVAYALA
LEEIAAGCASCATLVSVHNSVGCGPVLNYGTTEQKERWLRDLASGKTVGAFSLTEPHAGSEAHNLRTRAELRDGKWILNG
SKQFVTNGARAGLAIVFAMTDPDEGKRGLSAFVVPTDTPGFIVGKPEKKMGIRASDTCPITLENCAIPQENLLGKRGEGL
KIALSNLEGGRIGIAAQATGIARAAFDRARRYARERVQFGKPIAEHQAIAEKLANMATQINAARLLTHHAARLRTAGLPC
LSEASQAKLFASEMAEAVCSDAIQIHGGYGFLVDYEVERHYRDARITQIYEGTSEVQRMVIARQL
;
_entity_poly.pdbx_strand_id   A,B,C,D
#
loop_
_chem_comp.id
_chem_comp.type
_chem_comp.name
_chem_comp.formula
FDA non-polymer 'DIHYDROFLAVINE-ADENINE DINUCLEOTIDE' 'C27 H35 N9 O15 P2'
#
# COMPACT_ATOMS: atom_id res chain seq x y z
N ASP A 10 17.07 7.40 24.92
CA ASP A 10 16.74 6.85 26.28
C ASP A 10 16.34 7.91 27.31
N ASP A 11 16.88 9.12 27.18
CA ASP A 11 16.56 10.22 28.11
C ASP A 11 15.13 10.14 28.59
N LEU A 12 14.21 9.83 27.69
CA LEU A 12 12.78 9.84 28.01
C LEU A 12 12.24 8.62 28.80
N TYR A 13 13.05 7.58 29.03
CA TYR A 13 12.59 6.45 29.85
C TYR A 13 12.86 6.71 31.34
N THR A 14 12.28 5.88 32.21
CA THR A 14 12.49 5.98 33.65
C THR A 14 13.70 5.14 34.08
N GLU A 15 14.09 5.29 35.35
CA GLU A 15 15.22 4.56 35.91
C GLU A 15 14.98 3.05 35.84
N ASP A 16 13.77 2.61 36.16
CA ASP A 16 13.47 1.16 36.04
C ASP A 16 13.44 0.76 34.55
N GLN A 17 12.84 1.60 33.72
CA GLN A 17 12.76 1.29 32.29
C GLN A 17 14.16 1.16 31.69
N ARG A 18 14.99 2.18 31.91
CA ARG A 18 16.39 2.18 31.41
C ARG A 18 17.19 0.98 31.98
N MET A 19 16.90 0.63 33.23
CA MET A 19 17.56 -0.47 33.89
C MET A 19 17.28 -1.76 33.17
N ILE A 20 15.98 -2.10 32.97
CA ILE A 20 15.61 -3.36 32.32
C ILE A 20 16.05 -3.35 30.83
N LEU A 21 15.97 -2.18 30.17
CA LEU A 21 16.43 -2.07 28.79
C LEU A 21 17.91 -2.47 28.67
N ASP A 22 18.74 -1.80 29.46
CA ASP A 22 20.18 -2.05 29.45
C ASP A 22 20.55 -3.50 29.71
N ALA A 23 19.86 -4.14 30.64
CA ALA A 23 20.10 -5.56 30.90
C ALA A 23 19.65 -6.44 29.73
N ALA A 24 18.49 -6.13 29.16
CA ALA A 24 18.03 -6.88 28.00
C ALA A 24 19.03 -6.73 26.83
N ARG A 25 19.51 -5.51 26.59
CA ARG A 25 20.56 -5.23 25.58
C ARG A 25 21.79 -6.11 25.74
N ALA A 26 22.39 -6.05 26.93
CA ALA A 26 23.62 -6.76 27.17
C ALA A 26 23.35 -8.19 26.89
N PHE A 27 22.21 -8.68 27.33
CA PHE A 27 21.95 -10.11 27.23
C PHE A 27 21.64 -10.54 25.80
N CYS A 28 20.80 -9.77 25.09
CA CYS A 28 20.60 -10.02 23.64
C CYS A 28 21.97 -10.12 22.95
N ALA A 29 22.81 -9.13 23.21
CA ALA A 29 24.05 -8.98 22.47
C ALA A 29 25.08 -10.08 22.73
N GLU A 30 25.15 -10.58 23.96
CA GLU A 30 26.15 -11.60 24.32
C GLU A 30 25.62 -13.03 24.11
N VAL A 31 24.35 -13.28 24.44
CA VAL A 31 23.82 -14.65 24.30
C VAL A 31 22.91 -14.89 23.08
N LEU A 32 21.93 -14.01 22.86
CA LEU A 32 20.90 -14.28 21.85
C LEU A 32 21.38 -14.08 20.41
N ALA A 33 21.83 -12.89 20.09
CA ALA A 33 22.14 -12.53 18.70
C ALA A 33 23.27 -13.36 18.08
N PRO A 34 24.27 -13.72 18.87
CA PRO A 34 25.26 -14.57 18.19
C PRO A 34 24.76 -15.98 17.90
N ASN A 35 23.73 -16.46 18.57
CA ASN A 35 23.38 -17.88 18.44
C ASN A 35 22.02 -18.17 17.76
N ALA A 36 21.25 -17.12 17.45
CA ALA A 36 19.90 -17.25 16.90
C ALA A 36 19.84 -18.00 15.57
N ALA A 37 20.84 -17.81 14.71
CA ALA A 37 20.82 -18.49 13.44
C ALA A 37 20.88 -20.01 13.67
N GLN A 38 21.85 -20.45 14.46
CA GLN A 38 21.98 -21.87 14.81
C GLN A 38 20.71 -22.49 15.43
N TRP A 39 20.06 -21.74 16.31
CA TRP A 39 18.84 -22.26 16.96
C TRP A 39 17.70 -22.40 15.93
N ASP A 40 17.58 -21.42 15.03
CA ASP A 40 16.64 -21.50 13.92
C ASP A 40 16.95 -22.72 13.04
N ARG A 41 18.23 -22.93 12.77
CA ARG A 41 18.66 -24.05 11.91
C ARG A 41 18.29 -25.41 12.54
N GLU A 42 18.48 -25.53 13.85
CA GLU A 42 18.19 -26.77 14.60
C GLU A 42 16.78 -26.83 15.17
N SER A 43 16.02 -25.74 15.07
CA SER A 43 14.69 -25.66 15.64
C SER A 43 14.72 -26.02 17.12
N HIS A 44 15.63 -25.42 17.87
CA HIS A 44 15.78 -25.75 19.29
C HIS A 44 16.40 -24.61 20.07
N LEU A 45 15.72 -24.20 21.14
CA LEU A 45 16.35 -23.36 22.17
C LEU A 45 17.07 -24.20 23.24
N PRO A 46 18.39 -23.97 23.44
CA PRO A 46 19.11 -24.58 24.56
C PRO A 46 18.41 -24.29 25.89
N ASP A 47 18.25 -25.32 26.72
CA ASP A 47 17.62 -25.19 28.02
C ASP A 47 18.35 -24.18 28.87
N GLU A 48 19.69 -24.17 28.80
CA GLU A 48 20.46 -23.30 29.69
C GLU A 48 20.16 -21.84 29.38
N VAL A 49 19.84 -21.54 28.12
CA VAL A 49 19.48 -20.19 27.73
C VAL A 49 18.12 -19.78 28.35
N VAL A 50 17.17 -20.71 28.36
CA VAL A 50 15.90 -20.48 29.06
C VAL A 50 16.17 -20.26 30.53
N ALA A 51 17.09 -21.03 31.10
CA ALA A 51 17.41 -20.88 32.52
C ALA A 51 18.00 -19.51 32.79
N GLN A 52 18.85 -19.02 31.88
CA GLN A 52 19.44 -17.68 32.04
C GLN A 52 18.38 -16.57 31.96
N MET A 53 17.39 -16.75 31.08
CA MET A 53 16.26 -15.81 31.03
C MET A 53 15.50 -15.78 32.35
N GLY A 54 15.18 -16.97 32.87
CA GLY A 54 14.59 -17.07 34.22
C GLY A 54 15.40 -16.33 35.26
N GLU A 55 16.66 -16.74 35.38
CA GLU A 55 17.61 -16.18 36.31
C GLU A 55 17.71 -14.67 36.21
N LEU A 56 17.57 -14.12 34.99
CA LEU A 56 17.69 -12.68 34.82
C LEU A 56 16.36 -11.95 35.05
N GLY A 57 15.30 -12.70 35.38
CA GLY A 57 14.02 -12.07 35.75
C GLY A 57 13.08 -11.90 34.56
N PHE A 58 13.46 -12.45 33.41
CA PHE A 58 12.70 -12.21 32.17
C PHE A 58 11.43 -13.04 32.09
N LEU A 59 11.37 -14.09 32.90
CA LEU A 59 10.21 -14.97 33.02
C LEU A 59 9.29 -14.61 34.19
N GLY A 60 9.56 -13.49 34.86
CA GLY A 60 8.69 -12.96 35.90
C GLY A 60 8.34 -11.48 35.75
N MET A 61 8.43 -10.97 34.54
CA MET A 61 8.33 -9.51 34.29
C MET A 61 6.97 -8.86 34.51
N ILE A 62 5.89 -9.64 34.52
CA ILE A 62 4.58 -9.08 34.91
C ILE A 62 3.94 -9.82 36.10
N VAL A 63 4.79 -10.35 36.97
CA VAL A 63 4.41 -10.78 38.29
C VAL A 63 5.10 -9.90 39.34
N PRO A 64 4.36 -9.53 40.41
CA PRO A 64 4.97 -8.68 41.41
C PRO A 64 6.17 -9.30 42.10
N ALA A 65 7.06 -8.43 42.59
CA ALA A 65 8.27 -8.85 43.30
C ALA A 65 7.95 -9.78 44.48
N ASP A 66 6.86 -9.50 45.20
CA ASP A 66 6.35 -10.39 46.27
C ASP A 66 6.20 -11.87 45.91
N TRP A 67 5.95 -12.17 44.62
CA TRP A 67 5.68 -13.53 44.18
C TRP A 67 6.84 -14.13 43.43
N GLY A 68 7.99 -13.50 43.60
CA GLY A 68 9.21 -13.90 42.91
C GLY A 68 9.44 -13.21 41.58
N GLY A 69 8.56 -12.29 41.17
CA GLY A 69 8.68 -11.62 39.87
C GLY A 69 9.61 -10.41 39.82
N SER A 70 9.60 -9.70 38.71
CA SER A 70 10.41 -8.52 38.57
C SER A 70 9.58 -7.35 38.05
N TYR A 71 8.26 -7.41 38.23
CA TYR A 71 7.40 -6.38 37.64
C TYR A 71 7.72 -4.95 38.11
N THR A 72 7.86 -4.05 37.13
CA THR A 72 8.06 -2.62 37.36
C THR A 72 6.88 -1.88 36.71
N ASP A 73 6.86 -1.82 35.38
CA ASP A 73 5.65 -1.45 34.64
C ASP A 73 5.57 -2.15 33.26
N TYR A 74 4.51 -1.91 32.49
CA TYR A 74 4.39 -2.57 31.16
C TYR A 74 5.26 -1.93 30.09
N VAL A 75 5.73 -0.70 30.29
CA VAL A 75 6.67 -0.10 29.35
C VAL A 75 8.00 -0.83 29.41
N ALA A 76 8.48 -1.06 30.61
CA ALA A 76 9.68 -1.91 30.82
C ALA A 76 9.54 -3.32 30.19
N TYR A 77 8.38 -3.93 30.32
CA TYR A 77 8.10 -5.25 29.72
C TYR A 77 8.27 -5.21 28.22
N ALA A 78 7.64 -4.23 27.59
CA ALA A 78 7.73 -4.01 26.16
C ALA A 78 9.13 -3.71 25.68
N LEU A 79 9.90 -2.92 26.40
CA LEU A 79 11.31 -2.70 26.02
C LEU A 79 12.15 -3.98 26.03
N ALA A 80 11.98 -4.76 27.08
CA ALA A 80 12.73 -5.98 27.24
C ALA A 80 12.32 -7.03 26.15
N LEU A 81 11.02 -7.14 25.91
CA LEU A 81 10.54 -8.02 24.83
C LEU A 81 11.08 -7.61 23.44
N GLU A 82 11.10 -6.30 23.19
CA GLU A 82 11.68 -5.79 21.94
C GLU A 82 13.15 -6.24 21.78
N GLU A 83 13.94 -6.07 22.82
CA GLU A 83 15.36 -6.41 22.76
C GLU A 83 15.56 -7.89 22.60
N ILE A 84 14.78 -8.65 23.33
CA ILE A 84 14.89 -10.11 23.23
C ILE A 84 14.57 -10.50 21.80
N ALA A 85 13.43 -10.03 21.31
CA ALA A 85 12.98 -10.31 19.94
C ALA A 85 13.98 -9.97 18.85
N ALA A 86 14.69 -8.88 19.05
CA ALA A 86 15.73 -8.43 18.13
C ALA A 86 16.94 -9.36 18.09
N GLY A 87 17.22 -10.02 19.20
CA GLY A 87 18.25 -11.05 19.23
C GLY A 87 17.76 -12.42 18.88
N CYS A 88 16.52 -12.74 19.22
CA CYS A 88 15.97 -14.08 18.96
C CYS A 88 14.45 -14.11 19.13
N ALA A 89 13.76 -14.04 18.00
CA ALA A 89 12.32 -14.04 17.92
C ALA A 89 11.68 -15.23 18.69
N SER A 90 12.29 -16.41 18.65
CA SER A 90 11.72 -17.58 19.33
C SER A 90 11.73 -17.41 20.86
N CYS A 91 12.84 -16.93 21.40
CA CYS A 91 12.94 -16.62 22.80
C CYS A 91 11.88 -15.61 23.21
N ALA A 92 11.57 -14.66 22.33
CA ALA A 92 10.57 -13.63 22.64
C ALA A 92 9.18 -14.25 22.65
N THR A 93 8.93 -15.21 21.72
CA THR A 93 7.65 -15.92 21.71
C THR A 93 7.47 -16.67 23.04
N LEU A 94 8.48 -17.41 23.43
CA LEU A 94 8.47 -18.13 24.70
C LEU A 94 8.22 -17.19 25.86
N VAL A 95 8.97 -16.09 25.88
CA VAL A 95 8.86 -15.12 26.96
C VAL A 95 7.49 -14.45 27.02
N SER A 96 6.97 -14.05 25.87
CA SER A 96 5.73 -13.30 25.86
C SER A 96 4.60 -14.17 26.35
N VAL A 97 4.60 -15.43 25.90
CA VAL A 97 3.55 -16.37 26.28
C VAL A 97 3.65 -16.71 27.75
N HIS A 98 4.85 -17.10 28.18
CA HIS A 98 5.09 -17.48 29.55
C HIS A 98 4.60 -16.41 30.49
N ASN A 99 5.00 -15.16 30.23
CA ASN A 99 4.60 -14.10 31.14
C ASN A 99 3.11 -13.92 31.10
N SER A 100 2.55 -13.83 29.89
CA SER A 100 1.19 -13.28 29.76
C SER A 100 0.18 -14.29 30.20
N VAL A 101 0.24 -15.49 29.62
CA VAL A 101 -0.79 -16.50 29.87
C VAL A 101 -0.33 -17.72 30.67
N GLY A 102 0.97 -17.83 30.89
CA GLY A 102 1.52 -18.78 31.87
C GLY A 102 1.29 -18.25 33.29
N CYS A 103 1.89 -17.11 33.56
CA CYS A 103 1.78 -16.53 34.88
C CYS A 103 0.46 -15.83 35.17
N GLY A 104 -0.14 -15.20 34.16
CA GLY A 104 -1.28 -14.31 34.34
C GLY A 104 -2.48 -14.96 35.04
N PRO A 105 -2.97 -16.08 34.49
CA PRO A 105 -4.10 -16.78 35.12
C PRO A 105 -3.88 -17.15 36.59
N VAL A 106 -2.72 -17.71 36.93
CA VAL A 106 -2.46 -18.12 38.29
C VAL A 106 -2.40 -16.88 39.15
N LEU A 107 -1.63 -15.90 38.68
CA LEU A 107 -1.50 -14.66 39.40
C LEU A 107 -2.88 -14.07 39.76
N ASN A 108 -3.77 -14.01 38.79
CA ASN A 108 -4.98 -13.21 38.95
C ASN A 108 -6.18 -14.02 39.47
N TYR A 109 -6.18 -15.32 39.23
CA TYR A 109 -7.31 -16.12 39.60
C TYR A 109 -6.95 -17.16 40.67
N GLY A 110 -5.64 -17.37 40.92
CA GLY A 110 -5.24 -18.40 41.85
C GLY A 110 -5.54 -18.04 43.31
N THR A 111 -5.84 -19.06 44.10
CA THR A 111 -5.90 -18.90 45.55
C THR A 111 -4.48 -18.70 46.09
N THR A 112 -4.35 -18.31 47.35
CA THR A 112 -3.05 -18.15 47.93
C THR A 112 -2.34 -19.48 47.87
N GLU A 113 -3.02 -20.56 48.22
CA GLU A 113 -2.37 -21.90 48.16
C GLU A 113 -1.85 -22.19 46.77
N GLN A 114 -2.66 -21.92 45.74
CA GLN A 114 -2.23 -22.12 44.35
C GLN A 114 -1.04 -21.25 43.96
N LYS A 115 -1.06 -19.99 44.39
CA LYS A 115 0.04 -19.09 44.11
C LYS A 115 1.33 -19.54 44.80
N GLU A 116 1.25 -20.00 46.04
CA GLU A 116 2.42 -20.56 46.72
C GLU A 116 2.92 -21.82 46.01
N ARG A 117 2.02 -22.64 45.51
CA ARG A 117 2.40 -23.91 44.93
C ARG A 117 3.11 -23.74 43.57
N TRP A 118 2.67 -22.78 42.77
CA TRP A 118 3.15 -22.71 41.40
C TRP A 118 3.70 -21.37 40.98
N LEU A 119 3.24 -20.26 41.56
CA LEU A 119 3.52 -18.96 40.95
C LEU A 119 4.95 -18.55 41.10
N ARG A 120 5.60 -18.96 42.19
CA ARG A 120 7.00 -18.59 42.43
C ARG A 120 7.96 -19.24 41.44
N ASP A 121 7.68 -20.50 41.12
CA ASP A 121 8.45 -21.27 40.13
C ASP A 121 8.21 -20.79 38.70
N LEU A 122 6.96 -20.41 38.42
CA LEU A 122 6.68 -19.75 37.15
C LEU A 122 7.43 -18.42 37.08
N ALA A 123 7.49 -17.68 38.18
CA ALA A 123 8.01 -16.33 38.15
C ALA A 123 9.52 -16.35 38.06
N SER A 124 10.13 -17.41 38.55
CA SER A 124 11.59 -17.48 38.59
C SER A 124 12.06 -18.16 37.33
N GLY A 125 11.14 -18.64 36.52
CA GLY A 125 11.56 -19.40 35.37
C GLY A 125 11.87 -20.85 35.63
N LYS A 126 11.87 -21.29 36.89
CA LYS A 126 12.15 -22.69 37.17
C LYS A 126 11.18 -23.60 36.40
N THR A 127 9.91 -23.20 36.40
CA THR A 127 8.89 -23.87 35.67
C THR A 127 8.41 -22.92 34.54
N VAL A 128 8.45 -23.40 33.30
CA VAL A 128 7.91 -22.66 32.19
C VAL A 128 6.42 -23.01 32.05
N GLY A 129 5.60 -22.01 31.73
CA GLY A 129 4.14 -22.16 31.64
C GLY A 129 3.62 -22.17 30.20
N ALA A 130 2.54 -22.92 29.99
CA ALA A 130 1.83 -22.91 28.71
C ALA A 130 0.33 -22.66 28.94
N PHE A 131 -0.39 -22.43 27.85
CA PHE A 131 -1.81 -22.05 27.87
C PHE A 131 -2.48 -22.76 26.72
N SER A 132 -3.57 -23.46 26.99
CA SER A 132 -4.18 -24.31 26.00
C SER A 132 -5.70 -24.18 25.93
N LEU A 133 -6.15 -23.35 25.00
CA LEU A 133 -7.58 -23.14 24.78
C LEU A 133 -7.97 -23.78 23.48
N THR A 134 -7.28 -23.46 22.40
CA THR A 134 -7.86 -23.82 21.09
C THR A 134 -7.66 -25.28 20.65
N GLU A 135 -8.67 -25.77 19.95
CA GLU A 135 -8.75 -27.16 19.52
C GLU A 135 -8.76 -27.21 17.97
N PRO A 136 -8.41 -28.37 17.38
CA PRO A 136 -8.34 -28.54 15.92
C PRO A 136 -9.50 -27.94 15.13
N HIS A 137 -10.74 -28.26 15.50
CA HIS A 137 -11.89 -27.60 14.88
C HIS A 137 -11.91 -26.11 15.22
N HIS A 143 -14.62 -20.80 22.01
CA HIS A 143 -15.68 -20.84 23.02
C HIS A 143 -16.49 -22.17 23.01
N ASN A 144 -16.83 -22.73 21.84
CA ASN A 144 -17.55 -24.03 21.76
C ASN A 144 -16.57 -25.20 21.64
N LEU A 145 -16.20 -25.79 22.78
CA LEU A 145 -15.05 -26.70 22.88
C LEU A 145 -15.40 -28.13 23.22
N ARG A 146 -14.61 -29.08 22.74
CA ARG A 146 -14.87 -30.49 22.91
C ARG A 146 -14.21 -31.03 24.16
N THR A 147 -13.08 -30.44 24.57
CA THR A 147 -12.35 -30.98 25.71
C THR A 147 -13.21 -30.89 26.96
N ARG A 148 -13.35 -32.01 27.66
CA ARG A 148 -14.22 -32.12 28.83
C ARG A 148 -13.39 -32.34 30.05
N ALA A 149 -13.90 -31.87 31.18
CA ALA A 149 -13.38 -32.23 32.52
C ALA A 149 -14.54 -32.79 33.33
N GLU A 150 -14.35 -33.91 34.01
CA GLU A 150 -15.44 -34.52 34.84
C GLU A 150 -14.99 -34.71 36.28
N LEU A 151 -15.76 -34.22 37.24
CA LEU A 151 -15.37 -34.39 38.65
C LEU A 151 -15.74 -35.80 39.09
N ARG A 152 -14.75 -36.56 39.54
CA ARG A 152 -14.95 -37.98 39.80
C ARG A 152 -13.96 -38.40 40.87
N ASP A 153 -14.49 -38.85 42.02
CA ASP A 153 -13.72 -39.30 43.18
C ASP A 153 -12.72 -38.27 43.69
N GLY A 154 -13.18 -37.02 43.80
CA GLY A 154 -12.34 -35.91 44.24
C GLY A 154 -11.24 -35.52 43.27
N LYS A 155 -11.46 -35.76 41.97
CA LYS A 155 -10.50 -35.36 40.92
C LYS A 155 -11.19 -34.91 39.64
N TRP A 156 -10.60 -33.94 38.94
CA TRP A 156 -11.06 -33.65 37.58
C TRP A 156 -10.37 -34.59 36.62
N ILE A 157 -11.13 -35.25 35.77
CA ILE A 157 -10.56 -36.09 34.71
C ILE A 157 -10.83 -35.38 33.37
N LEU A 158 -9.73 -35.09 32.66
CA LEU A 158 -9.80 -34.33 31.39
C LEU A 158 -9.63 -35.22 30.15
N ASN A 159 -10.49 -35.01 29.17
CA ASN A 159 -10.32 -35.64 27.89
C ASN A 159 -10.57 -34.65 26.78
N GLY A 160 -9.64 -34.64 25.85
CA GLY A 160 -9.77 -33.84 24.67
C GLY A 160 -8.48 -33.74 23.89
N SER A 161 -8.54 -32.91 22.87
CA SER A 161 -7.47 -32.69 21.94
C SER A 161 -7.23 -31.15 21.92
N LYS A 162 -5.98 -30.70 21.95
CA LYS A 162 -5.62 -29.26 21.89
C LYS A 162 -4.57 -29.01 20.81
N GLN A 163 -4.52 -27.75 20.39
N GLN A 163 -4.58 -27.81 20.22
CA GLN A 163 -3.83 -27.33 19.18
CA GLN A 163 -3.75 -27.52 19.05
C GLN A 163 -2.71 -26.34 19.47
C GLN A 163 -2.81 -26.33 19.27
N PHE A 164 -1.60 -26.42 18.74
CA PHE A 164 -0.63 -25.30 18.75
C PHE A 164 -0.32 -24.71 20.12
N VAL A 165 0.07 -25.54 21.07
CA VAL A 165 0.44 -25.02 22.40
C VAL A 165 1.90 -24.58 22.33
N THR A 166 2.12 -23.26 22.35
CA THR A 166 3.45 -22.68 22.50
C THR A 166 4.00 -23.09 23.85
N ASN A 167 5.29 -23.39 23.84
CA ASN A 167 6.01 -23.92 24.98
C ASN A 167 5.48 -25.29 25.42
N GLY A 168 4.71 -25.94 24.56
CA GLY A 168 4.04 -27.19 24.90
C GLY A 168 4.98 -28.32 25.29
N ALA A 169 6.18 -28.33 24.75
CA ALA A 169 7.12 -29.38 25.06
C ALA A 169 8.06 -29.02 26.18
N ARG A 170 8.26 -27.75 26.51
CA ARG A 170 9.12 -27.47 27.68
C ARG A 170 8.36 -27.03 28.91
N ALA A 171 7.08 -26.71 28.77
CA ALA A 171 6.31 -26.29 29.93
C ALA A 171 6.26 -27.40 31.03
N GLY A 172 6.31 -26.96 32.27
CA GLY A 172 6.07 -27.82 33.42
C GLY A 172 4.61 -27.79 33.89
N LEU A 173 3.90 -26.68 33.59
CA LEU A 173 2.49 -26.49 33.93
C LEU A 173 1.76 -25.93 32.70
N ALA A 174 0.53 -26.35 32.48
CA ALA A 174 -0.26 -25.87 31.36
C ALA A 174 -1.62 -25.44 31.90
N ILE A 175 -2.02 -24.21 31.59
CA ILE A 175 -3.35 -23.74 31.85
C ILE A 175 -4.27 -24.29 30.76
N VAL A 176 -5.05 -25.29 31.10
CA VAL A 176 -5.92 -25.96 30.17
C VAL A 176 -7.38 -25.60 30.40
N PHE A 177 -8.08 -25.34 29.31
CA PHE A 177 -9.48 -24.96 29.36
C PHE A 177 -10.39 -26.11 28.86
N ALA A 178 -11.38 -26.47 29.68
CA ALA A 178 -12.26 -27.60 29.39
C ALA A 178 -13.70 -27.38 29.81
N MET A 179 -14.60 -28.08 29.15
CA MET A 179 -16.03 -28.02 29.45
C MET A 179 -16.35 -28.84 30.66
N THR A 180 -16.72 -28.17 31.74
CA THR A 180 -17.26 -28.81 32.92
C THR A 180 -18.80 -29.04 32.82
N ASP A 181 -19.48 -28.29 31.97
CA ASP A 181 -20.94 -28.22 31.97
C ASP A 181 -21.40 -28.01 30.53
N PRO A 182 -21.47 -29.11 29.77
CA PRO A 182 -21.71 -29.02 28.31
C PRO A 182 -22.93 -28.18 27.93
N ASP A 183 -23.94 -28.13 28.79
CA ASP A 183 -25.21 -27.52 28.42
C ASP A 183 -25.35 -26.04 28.79
N GLU A 184 -24.35 -25.50 29.49
CA GLU A 184 -24.29 -24.07 29.84
C GLU A 184 -23.43 -23.25 28.88
N GLY A 185 -23.09 -23.81 27.72
CA GLY A 185 -22.39 -23.05 26.67
C GLY A 185 -21.16 -22.30 27.16
N LYS A 186 -21.12 -21.00 26.90
CA LYS A 186 -19.97 -20.14 27.26
C LYS A 186 -19.65 -20.04 28.76
N ARG A 187 -20.63 -20.31 29.63
CA ARG A 187 -20.47 -20.29 31.09
C ARG A 187 -20.33 -21.73 31.59
N GLY A 188 -20.12 -22.66 30.65
CA GLY A 188 -19.87 -24.06 30.96
C GLY A 188 -18.42 -24.48 30.91
N LEU A 189 -17.52 -23.53 30.59
CA LEU A 189 -16.06 -23.74 30.58
C LEU A 189 -15.39 -23.47 31.92
N SER A 190 -14.35 -24.23 32.23
CA SER A 190 -13.54 -24.00 33.42
C SER A 190 -12.05 -24.06 33.10
N ALA A 191 -11.22 -23.38 33.89
CA ALA A 191 -9.78 -23.36 33.68
C ALA A 191 -9.10 -24.22 34.72
N PHE A 192 -8.09 -24.99 34.29
CA PHE A 192 -7.33 -25.88 35.18
C PHE A 192 -5.82 -25.74 35.06
N VAL A 193 -5.13 -25.81 36.19
CA VAL A 193 -3.68 -25.89 36.19
C VAL A 193 -3.28 -27.36 36.13
N VAL A 194 -2.60 -27.75 35.06
CA VAL A 194 -2.22 -29.16 34.81
C VAL A 194 -0.71 -29.34 34.79
N PRO A 195 -0.17 -30.09 35.75
CA PRO A 195 1.27 -30.37 35.61
C PRO A 195 1.52 -31.20 34.39
N THR A 196 2.52 -30.85 33.57
CA THR A 196 2.68 -31.50 32.26
C THR A 196 3.24 -32.92 32.31
N ASP A 197 3.70 -33.37 33.48
CA ASP A 197 4.10 -34.75 33.68
C ASP A 197 2.93 -35.66 34.11
N THR A 198 1.75 -35.09 34.27
CA THR A 198 0.57 -35.85 34.68
C THR A 198 0.24 -36.95 33.66
N PRO A 199 0.06 -38.20 34.14
CA PRO A 199 -0.29 -39.25 33.20
C PRO A 199 -1.47 -38.85 32.34
N GLY A 200 -1.40 -39.15 31.05
CA GLY A 200 -2.47 -38.80 30.10
C GLY A 200 -2.40 -37.39 29.51
N PHE A 201 -1.33 -36.67 29.82
CA PHE A 201 -1.04 -35.38 29.20
C PHE A 201 0.02 -35.72 28.19
N ILE A 202 -0.40 -35.92 26.94
CA ILE A 202 0.49 -36.39 25.90
C ILE A 202 0.81 -35.25 24.97
N VAL A 203 2.09 -34.93 24.86
CA VAL A 203 2.56 -33.84 24.02
C VAL A 203 3.09 -34.37 22.71
N GLY A 204 2.49 -33.95 21.60
CA GLY A 204 2.91 -34.42 20.30
C GLY A 204 4.17 -33.73 19.82
N LYS A 205 4.64 -34.14 18.65
CA LYS A 205 5.85 -33.58 18.03
C LYS A 205 5.64 -32.08 17.70
N PRO A 206 6.63 -31.25 17.97
CA PRO A 206 6.52 -29.82 17.59
C PRO A 206 6.14 -29.66 16.11
N GLU A 207 5.30 -28.66 15.81
CA GLU A 207 4.87 -28.38 14.43
C GLU A 207 6.04 -27.83 13.58
N LYS A 208 6.03 -28.11 12.29
CA LYS A 208 7.07 -27.63 11.34
C LYS A 208 6.58 -26.28 10.76
N LYS A 209 7.32 -25.20 11.05
CA LYS A 209 6.82 -23.86 10.75
C LYS A 209 7.79 -23.09 9.92
N MET A 210 7.26 -22.07 9.27
CA MET A 210 8.09 -21.23 8.41
C MET A 210 9.15 -20.46 9.20
N GLY A 211 8.73 -19.98 10.37
CA GLY A 211 9.53 -19.12 11.19
C GLY A 211 9.38 -19.51 12.65
N ILE A 212 10.01 -18.70 13.52
CA ILE A 212 10.18 -18.98 14.95
C ILE A 212 10.30 -20.46 15.17
N ARG A 213 11.24 -21.06 14.45
CA ARG A 213 11.29 -22.50 14.39
C ARG A 213 11.74 -23.15 15.69
N ALA A 214 12.44 -22.39 16.53
CA ALA A 214 12.94 -22.94 17.77
C ALA A 214 11.95 -22.68 18.91
N SER A 215 10.86 -21.96 18.65
CA SER A 215 9.74 -21.94 19.62
C SER A 215 8.87 -23.18 19.46
N ASP A 216 8.86 -24.01 20.49
CA ASP A 216 8.20 -25.30 20.40
C ASP A 216 6.69 -25.02 20.41
N THR A 217 6.01 -25.67 19.47
CA THR A 217 4.57 -25.42 19.24
C THR A 217 3.91 -26.77 18.97
N CYS A 218 3.23 -27.30 19.98
CA CYS A 218 2.88 -28.73 20.02
C CYS A 218 1.40 -28.97 20.19
N PRO A 219 0.85 -30.00 19.50
CA PRO A 219 -0.49 -30.49 19.86
C PRO A 219 -0.40 -31.24 21.16
N ILE A 220 -1.48 -31.25 21.92
CA ILE A 220 -1.52 -32.00 23.17
C ILE A 220 -2.81 -32.78 23.21
N THR A 221 -2.67 -34.08 23.48
CA THR A 221 -3.80 -34.98 23.73
C THR A 221 -3.94 -35.22 25.22
N LEU A 222 -5.13 -35.01 25.74
CA LEU A 222 -5.44 -35.37 27.10
C LEU A 222 -6.33 -36.62 27.10
N GLU A 223 -5.78 -37.71 27.65
CA GLU A 223 -6.46 -39.01 27.75
C GLU A 223 -6.59 -39.40 29.24
N ASN A 224 -7.82 -39.38 29.78
CA ASN A 224 -8.07 -39.60 31.23
C ASN A 224 -7.02 -38.97 32.12
N CYS A 225 -6.77 -37.70 31.85
CA CYS A 225 -5.74 -36.97 32.56
C CYS A 225 -6.27 -36.46 33.91
N ALA A 226 -5.79 -37.06 34.99
CA ALA A 226 -6.41 -36.88 36.30
C ALA A 226 -5.59 -35.95 37.17
N ILE A 227 -6.28 -34.94 37.67
CA ILE A 227 -5.66 -33.94 38.52
C ILE A 227 -6.47 -33.73 39.81
N PRO A 228 -5.79 -33.30 40.89
CA PRO A 228 -6.53 -32.99 42.12
C PRO A 228 -7.69 -31.98 41.91
N GLN A 229 -8.75 -32.14 42.68
CA GLN A 229 -9.92 -31.23 42.66
C GLN A 229 -9.52 -29.76 42.86
N GLU A 230 -8.45 -29.56 43.59
CA GLU A 230 -7.95 -28.24 43.95
C GLU A 230 -7.20 -27.58 42.82
N ASN A 231 -7.17 -28.19 41.63
CA ASN A 231 -6.49 -27.58 40.48
C ASN A 231 -7.42 -26.78 39.56
N LEU A 232 -8.71 -26.80 39.86
CA LEU A 232 -9.61 -25.89 39.24
C LEU A 232 -9.06 -24.52 39.52
N LEU A 233 -9.04 -23.65 38.50
CA LEU A 233 -8.57 -22.28 38.62
C LEU A 233 -9.73 -21.34 38.46
N GLY A 234 -9.92 -20.45 39.42
CA GLY A 234 -11.10 -19.61 39.49
C GLY A 234 -12.29 -20.48 39.81
N LYS A 235 -13.51 -19.97 39.59
CA LYS A 235 -14.71 -20.78 39.81
C LYS A 235 -15.02 -21.65 38.62
N ARG A 236 -15.74 -22.73 38.91
CA ARG A 236 -16.39 -23.53 37.90
C ARG A 236 -17.27 -22.68 36.99
N GLY A 237 -17.08 -22.78 35.68
CA GLY A 237 -17.81 -21.91 34.74
C GLY A 237 -17.15 -20.61 34.35
N GLU A 238 -16.07 -20.23 35.02
CA GLU A 238 -15.37 -18.97 34.81
C GLU A 238 -14.29 -19.06 33.71
N GLY A 239 -14.18 -20.21 33.06
CA GLY A 239 -13.11 -20.50 32.11
C GLY A 239 -12.90 -19.54 30.94
N LEU A 240 -13.99 -19.11 30.29
CA LEU A 240 -13.86 -18.19 29.18
C LEU A 240 -13.38 -16.81 29.66
N LYS A 241 -13.89 -16.37 30.79
CA LYS A 241 -13.48 -15.08 31.33
C LYS A 241 -11.97 -15.10 31.64
N ILE A 242 -11.48 -16.22 32.13
CA ILE A 242 -10.05 -16.35 32.43
C ILE A 242 -9.23 -16.43 31.15
N ALA A 243 -9.73 -17.15 30.17
CA ALA A 243 -9.12 -17.23 28.85
C ALA A 243 -8.90 -15.88 28.20
N LEU A 244 -9.80 -14.93 28.47
CA LEU A 244 -9.79 -13.60 27.83
C LEU A 244 -9.19 -12.51 28.72
N SER A 245 -8.63 -12.89 29.85
CA SER A 245 -8.27 -11.89 30.86
C SER A 245 -6.85 -11.31 30.68
N ASN A 246 -6.03 -11.91 29.81
CA ASN A 246 -4.70 -11.35 29.55
C ASN A 246 -4.49 -10.96 28.12
N LEU A 247 -5.57 -10.66 27.41
CA LEU A 247 -5.44 -10.30 25.99
C LEU A 247 -4.55 -9.07 25.84
N GLU A 248 -4.67 -8.12 26.76
CA GLU A 248 -3.96 -6.87 26.66
C GLU A 248 -2.48 -7.08 26.76
N GLY A 249 -2.07 -7.77 27.81
CA GLY A 249 -0.69 -8.18 28.02
C GLY A 249 -0.16 -8.94 26.84
N GLY A 250 -0.88 -9.97 26.40
CA GLY A 250 -0.40 -10.79 25.27
C GLY A 250 -0.13 -9.93 24.04
N ARG A 251 -1.08 -9.05 23.75
CA ARG A 251 -1.00 -8.23 22.53
C ARG A 251 0.12 -7.21 22.60
N ILE A 252 0.34 -6.63 23.78
CA ILE A 252 1.39 -5.68 24.00
C ILE A 252 2.70 -6.41 23.75
N GLY A 253 2.81 -7.61 24.27
CA GLY A 253 4.01 -8.43 24.07
C GLY A 253 4.37 -8.77 22.63
N ILE A 254 3.39 -9.15 21.85
CA ILE A 254 3.63 -9.49 20.46
C ILE A 254 3.91 -8.24 19.62
N ALA A 255 3.21 -7.16 19.90
CA ALA A 255 3.59 -5.85 19.41
C ALA A 255 5.08 -5.54 19.58
N ALA A 256 5.60 -5.74 20.79
CA ALA A 256 7.01 -5.53 21.13
C ALA A 256 7.89 -6.51 20.37
N GLN A 257 7.45 -7.79 20.31
CA GLN A 257 8.14 -8.77 19.47
C GLN A 257 8.31 -8.27 18.03
N ALA A 258 7.20 -7.82 17.42
CA ALA A 258 7.22 -7.45 16.02
C ALA A 258 8.11 -6.22 15.76
N THR A 259 8.04 -5.27 16.67
CA THR A 259 8.90 -4.08 16.63
C THR A 259 10.39 -4.53 16.62
N GLY A 260 10.74 -5.39 17.57
CA GLY A 260 12.11 -5.90 17.66
C GLY A 260 12.67 -6.68 16.48
N ILE A 261 11.89 -7.62 15.97
CA ILE A 261 12.25 -8.34 14.73
C ILE A 261 12.52 -7.35 13.58
N ALA A 262 11.61 -6.41 13.37
CA ALA A 262 11.77 -5.44 12.29
C ALA A 262 13.00 -4.59 12.52
N ARG A 263 13.22 -4.26 13.79
CA ARG A 263 14.34 -3.39 14.16
C ARG A 263 15.63 -4.08 13.85
N ALA A 264 15.71 -5.38 14.12
CA ALA A 264 16.92 -6.15 13.79
C ALA A 264 17.18 -6.12 12.28
N ALA A 265 16.18 -6.41 11.47
CA ALA A 265 16.36 -6.37 10.04
C ALA A 265 16.76 -4.95 9.59
N PHE A 266 16.08 -3.95 10.15
CA PHE A 266 16.40 -2.57 9.91
C PHE A 266 17.84 -2.24 10.25
N ASP A 267 18.29 -2.64 11.43
CA ASP A 267 19.67 -2.32 11.80
C ASP A 267 20.67 -2.98 10.86
N ARG A 268 20.45 -4.22 10.45
CA ARG A 268 21.35 -4.83 9.46
C ARG A 268 21.30 -4.14 8.12
N ALA A 269 20.12 -3.82 7.65
CA ALA A 269 19.98 -3.19 6.36
C ALA A 269 20.60 -1.77 6.34
N ARG A 270 20.55 -1.05 7.46
CA ARG A 270 21.06 0.31 7.36
C ARG A 270 22.59 0.30 7.43
N ARG A 271 23.15 -0.65 8.15
CA ARG A 271 24.61 -0.81 8.15
C ARG A 271 25.07 -1.28 6.77
N TYR A 272 24.40 -2.27 6.21
CA TYR A 272 24.77 -2.76 4.89
C TYR A 272 24.77 -1.64 3.87
N ALA A 273 23.71 -0.81 3.88
CA ALA A 273 23.58 0.32 2.98
C ALA A 273 24.69 1.39 3.07
N ARG A 274 25.29 1.52 4.25
CA ARG A 274 26.43 2.43 4.42
C ARG A 274 27.74 1.74 4.00
N GLU A 275 27.78 0.42 3.95
CA GLU A 275 28.99 -0.31 3.49
C GLU A 275 28.98 -0.64 1.99
N ARG A 276 27.85 -1.04 1.45
CA ARG A 276 27.82 -1.51 0.08
C ARG A 276 27.83 -0.32 -0.87
N VAL A 277 28.80 -0.35 -1.78
CA VAL A 277 28.98 0.65 -2.80
C VAL A 277 28.51 0.08 -4.12
N GLN A 278 27.82 0.89 -4.90
CA GLN A 278 27.35 0.48 -6.22
C GLN A 278 27.14 1.77 -6.97
N PHE A 279 27.60 1.84 -8.22
CA PHE A 279 27.68 3.08 -9.03
C PHE A 279 28.35 4.25 -8.30
N GLY A 280 29.48 3.98 -7.64
CA GLY A 280 30.36 5.04 -7.09
C GLY A 280 30.04 5.64 -5.72
N LYS A 281 28.97 5.19 -5.07
CA LYS A 281 28.63 5.74 -3.75
C LYS A 281 27.95 4.69 -2.86
N PRO A 282 27.94 4.90 -1.52
CA PRO A 282 27.24 3.97 -0.65
C PRO A 282 25.76 3.96 -1.01
N ILE A 283 25.14 2.78 -1.03
CA ILE A 283 23.83 2.67 -1.60
C ILE A 283 22.77 3.42 -0.78
N ALA A 284 23.02 3.65 0.52
CA ALA A 284 22.26 4.57 1.37
C ALA A 284 22.11 5.99 0.83
N GLU A 285 23.02 6.40 -0.04
CA GLU A 285 22.94 7.68 -0.71
C GLU A 285 22.18 7.59 -2.02
N HIS A 286 21.65 6.43 -2.42
CA HIS A 286 20.74 6.44 -3.55
C HIS A 286 19.38 6.75 -2.98
N GLN A 287 18.73 7.74 -3.56
CA GLN A 287 17.44 8.23 -3.03
C GLN A 287 16.41 7.11 -2.82
N ALA A 288 16.33 6.16 -3.74
CA ALA A 288 15.34 5.09 -3.59
C ALA A 288 15.61 4.20 -2.39
N ILE A 289 16.89 3.97 -2.06
CA ILE A 289 17.27 3.24 -0.83
C ILE A 289 17.06 4.09 0.45
N ALA A 290 17.51 5.33 0.40
CA ALA A 290 17.24 6.30 1.48
C ALA A 290 15.76 6.39 1.84
N GLU A 291 14.91 6.46 0.83
CA GLU A 291 13.49 6.43 1.07
C GLU A 291 13.02 5.17 1.77
N LYS A 292 13.48 4.01 1.36
CA LYS A 292 13.17 2.80 2.15
C LYS A 292 13.62 2.89 3.60
N LEU A 293 14.87 3.27 3.79
CA LEU A 293 15.39 3.36 5.15
C LEU A 293 14.54 4.35 6.07
N ALA A 294 14.21 5.48 5.52
CA ALA A 294 13.36 6.46 6.20
C ALA A 294 11.98 5.90 6.50
N ASN A 295 11.36 5.21 5.55
CA ASN A 295 10.09 4.56 5.84
C ASN A 295 10.19 3.48 6.90
N MET A 296 11.29 2.72 6.93
CA MET A 296 11.48 1.66 7.93
C MET A 296 11.63 2.28 9.31
N ALA A 297 12.44 3.34 9.41
CA ALA A 297 12.66 3.95 10.72
C ALA A 297 11.33 4.45 11.27
N THR A 298 10.58 5.18 10.43
CA THR A 298 9.29 5.83 10.82
C THR A 298 8.24 4.81 11.26
N GLN A 299 8.13 3.69 10.56
CA GLN A 299 7.06 2.77 10.91
C GLN A 299 7.43 2.05 12.18
N ILE A 300 8.71 1.72 12.31
CA ILE A 300 9.18 1.03 13.49
C ILE A 300 8.95 1.93 14.70
N ASN A 301 9.29 3.20 14.60
CA ASN A 301 9.08 4.11 15.73
C ASN A 301 7.59 4.25 16.05
N ALA A 302 6.77 4.38 15.02
CA ALA A 302 5.32 4.44 15.21
C ALA A 302 4.83 3.22 15.95
N ALA A 303 5.33 2.05 15.54
CA ALA A 303 4.97 0.81 16.20
C ALA A 303 5.39 0.78 17.65
N ARG A 304 6.60 1.20 17.94
CA ARG A 304 6.98 1.29 19.38
C ARG A 304 6.08 2.26 20.19
N LEU A 305 5.78 3.42 19.63
CA LEU A 305 4.99 4.41 20.37
C LEU A 305 3.56 3.93 20.64
N LEU A 306 2.92 3.25 19.69
CA LEU A 306 1.60 2.59 19.91
C LEU A 306 1.67 1.55 21.04
N THR A 307 2.77 0.81 21.01
CA THR A 307 3.01 -0.25 21.94
C THR A 307 3.25 0.33 23.32
N HIS A 308 4.12 1.32 23.43
CA HIS A 308 4.31 1.95 24.74
C HIS A 308 3.06 2.67 25.24
N HIS A 309 2.26 3.23 24.33
CA HIS A 309 1.03 3.95 24.77
C HIS A 309 0.11 2.96 25.45
N ALA A 310 -0.04 1.79 24.83
CA ALA A 310 -0.87 0.73 25.35
C ALA A 310 -0.40 0.29 26.72
N ALA A 311 0.90 0.04 26.83
CA ALA A 311 1.52 -0.38 28.10
C ALA A 311 1.30 0.64 29.19
N ARG A 312 1.43 1.92 28.88
CA ARG A 312 1.09 2.95 29.88
C ARG A 312 -0.34 2.84 30.37
N LEU A 313 -1.28 2.62 29.49
CA LEU A 313 -2.68 2.46 29.95
C LEU A 313 -2.81 1.23 30.84
N ARG A 314 -2.13 0.13 30.45
CA ARG A 314 -2.13 -1.11 31.22
C ARG A 314 -1.50 -0.99 32.59
N THR A 315 -0.36 -0.34 32.65
CA THR A 315 0.30 0.00 33.89
C THR A 315 -0.67 0.75 34.83
N ALA A 316 -1.42 1.70 34.32
CA ALA A 316 -2.34 2.52 35.11
C ALA A 316 -3.63 1.81 35.37
N GLY A 317 -3.75 0.55 34.97
CA GLY A 317 -4.99 -0.17 35.15
C GLY A 317 -6.19 0.32 34.33
N LEU A 318 -5.94 1.04 33.25
CA LEU A 318 -7.02 1.64 32.48
C LEU A 318 -7.47 0.73 31.35
N PRO A 319 -8.71 0.93 30.85
CA PRO A 319 -9.11 0.09 29.69
C PRO A 319 -8.13 0.29 28.49
N CYS A 320 -7.68 -0.79 27.86
CA CYS A 320 -6.73 -0.65 26.78
C CYS A 320 -6.72 -1.82 25.77
N LEU A 321 -7.81 -2.57 25.69
CA LEU A 321 -7.85 -3.68 24.77
C LEU A 321 -7.68 -3.23 23.30
N SER A 322 -8.35 -2.16 22.96
CA SER A 322 -8.28 -1.61 21.62
C SER A 322 -6.88 -1.09 21.33
N GLU A 323 -6.32 -0.36 22.29
CA GLU A 323 -5.03 0.27 22.12
C GLU A 323 -3.93 -0.76 21.97
N ALA A 324 -4.01 -1.83 22.73
CA ALA A 324 -3.08 -2.96 22.58
C ALA A 324 -3.30 -3.72 21.28
N SER A 325 -4.56 -3.83 20.86
CA SER A 325 -4.89 -4.45 19.62
C SER A 325 -4.39 -3.59 18.45
N GLN A 326 -4.47 -2.26 18.54
CA GLN A 326 -3.93 -1.37 17.52
C GLN A 326 -2.39 -1.53 17.43
N ALA A 327 -1.72 -1.60 18.58
CA ALA A 327 -0.29 -1.78 18.58
C ALA A 327 0.08 -3.12 17.96
N LYS A 328 -0.63 -4.18 18.31
CA LYS A 328 -0.26 -5.49 17.83
C LYS A 328 -0.47 -5.56 16.30
N LEU A 329 -1.60 -5.02 15.85
CA LEU A 329 -1.98 -5.01 14.41
C LEU A 329 -0.98 -4.20 13.63
N PHE A 330 -0.79 -2.95 14.04
CA PHE A 330 0.13 -2.07 13.37
C PHE A 330 1.56 -2.62 13.37
N ALA A 331 2.05 -3.09 14.51
CA ALA A 331 3.44 -3.63 14.53
C ALA A 331 3.63 -4.83 13.62
N SER A 332 2.64 -5.69 13.60
CA SER A 332 2.81 -6.97 12.89
C SER A 332 2.80 -6.73 11.38
N GLU A 333 1.91 -5.88 10.88
CA GLU A 333 1.87 -5.60 9.46
C GLU A 333 3.11 -4.82 9.06
N MET A 334 3.55 -3.95 9.96
CA MET A 334 4.72 -3.11 9.74
C MET A 334 5.93 -4.02 9.61
N ALA A 335 6.01 -4.99 10.48
CA ALA A 335 7.21 -5.86 10.51
C ALA A 335 7.46 -6.61 9.20
N GLU A 336 6.40 -7.08 8.58
CA GLU A 336 6.53 -7.75 7.27
C GLU A 336 7.12 -6.78 6.24
N ALA A 337 6.61 -5.56 6.21
CA ALA A 337 7.01 -4.60 5.19
C ALA A 337 8.46 -4.15 5.37
N VAL A 338 8.88 -3.95 6.62
CA VAL A 338 10.26 -3.55 6.97
C VAL A 338 11.26 -4.68 6.70
N CYS A 339 10.89 -5.90 7.06
CA CYS A 339 11.73 -7.02 6.74
C CYS A 339 11.86 -7.20 5.24
N SER A 340 10.80 -6.89 4.51
CA SER A 340 10.85 -7.04 3.07
C SER A 340 11.81 -6.01 2.47
N ASP A 341 11.71 -4.76 2.90
CA ASP A 341 12.67 -3.74 2.49
C ASP A 341 14.13 -4.12 2.79
N ALA A 342 14.36 -4.70 3.94
CA ALA A 342 15.68 -5.12 4.36
C ALA A 342 16.28 -6.19 3.46
N ILE A 343 15.44 -7.15 3.08
CA ILE A 343 15.81 -8.07 2.05
C ILE A 343 16.23 -7.29 0.79
N GLN A 344 15.35 -6.42 0.32
CA GLN A 344 15.57 -5.72 -0.95
C GLN A 344 16.85 -4.89 -0.97
N ILE A 345 17.13 -4.21 0.13
CA ILE A 345 18.31 -3.35 0.28
C ILE A 345 19.58 -4.17 0.15
N HIS A 346 19.52 -5.42 0.58
CA HIS A 346 20.66 -6.36 0.42
C HIS A 346 20.82 -6.96 -0.96
N GLY A 347 19.84 -6.77 -1.82
CA GLY A 347 19.94 -7.38 -3.16
C GLY A 347 19.90 -8.90 -3.05
N GLY A 348 20.63 -9.58 -3.91
CA GLY A 348 20.71 -11.07 -3.87
C GLY A 348 21.11 -11.60 -2.52
N TYR A 349 21.96 -10.86 -1.83
CA TYR A 349 22.41 -11.27 -0.51
C TYR A 349 21.26 -11.41 0.46
N GLY A 350 20.22 -10.58 0.28
CA GLY A 350 19.08 -10.62 1.14
C GLY A 350 18.30 -11.94 1.19
N PHE A 351 18.36 -12.69 0.11
CA PHE A 351 17.66 -13.95 -0.04
C PHE A 351 18.49 -15.14 0.54
N LEU A 352 19.74 -14.86 0.96
CA LEU A 352 20.67 -15.90 1.45
C LEU A 352 20.62 -16.05 2.98
N VAL A 353 20.71 -17.29 3.44
CA VAL A 353 20.60 -17.59 4.86
C VAL A 353 21.65 -16.83 5.68
N ASP A 354 22.90 -16.79 5.21
CA ASP A 354 24.00 -16.17 5.94
C ASP A 354 23.82 -14.68 6.22
N TYR A 355 22.89 -14.01 5.55
CA TYR A 355 22.71 -12.57 5.76
C TYR A 355 21.56 -12.23 6.66
N GLU A 356 20.92 -13.26 7.21
CA GLU A 356 20.07 -13.14 8.40
C GLU A 356 18.69 -12.50 8.17
N VAL A 357 18.61 -11.49 7.30
CA VAL A 357 17.37 -10.78 7.06
C VAL A 357 16.24 -11.69 6.57
N GLU A 358 16.58 -12.80 5.93
CA GLU A 358 15.57 -13.73 5.51
C GLU A 358 14.98 -14.48 6.69
N ARG A 359 15.78 -14.80 7.71
CA ARG A 359 15.16 -15.30 8.94
C ARG A 359 14.20 -14.28 9.56
N HIS A 360 14.57 -13.00 9.60
CA HIS A 360 13.72 -12.00 10.26
C HIS A 360 12.36 -11.89 9.56
N TYR A 361 12.38 -11.85 8.23
CA TYR A 361 11.18 -11.87 7.41
C TYR A 361 10.26 -13.10 7.68
N ARG A 362 10.84 -14.30 7.70
CA ARG A 362 10.10 -15.50 8.07
C ARG A 362 9.50 -15.42 9.44
N ASP A 363 10.29 -15.00 10.45
CA ASP A 363 9.84 -14.91 11.84
C ASP A 363 8.75 -13.85 11.98
N ALA A 364 8.93 -12.74 11.29
CA ALA A 364 8.01 -11.62 11.40
C ALA A 364 6.59 -12.04 10.96
N ARG A 365 6.47 -12.96 9.99
CA ARG A 365 5.17 -13.25 9.38
C ARG A 365 4.12 -13.83 10.36
N ILE A 366 4.58 -14.59 11.34
CA ILE A 366 3.68 -15.15 12.36
C ILE A 366 2.96 -14.08 13.18
N THR A 367 3.57 -12.91 13.39
CA THR A 367 3.02 -11.93 14.31
C THR A 367 1.65 -11.40 13.89
N GLN A 368 1.36 -11.48 12.59
CA GLN A 368 0.06 -11.13 12.03
C GLN A 368 -1.01 -12.20 12.29
N ILE A 369 -0.61 -13.39 12.75
CA ILE A 369 -1.52 -14.51 12.86
C ILE A 369 -1.82 -14.91 14.31
N TYR A 370 -0.80 -15.15 15.11
CA TYR A 370 -1.06 -15.58 16.49
C TYR A 370 -1.35 -14.44 17.47
N GLU A 371 -1.78 -14.81 18.67
CA GLU A 371 -2.25 -13.83 19.64
C GLU A 371 -3.42 -13.04 19.03
N GLY A 372 -4.20 -13.73 18.21
CA GLY A 372 -5.25 -13.11 17.44
C GLY A 372 -4.82 -12.57 16.08
N THR A 373 -5.49 -13.05 15.03
CA THR A 373 -5.23 -12.60 13.70
C THR A 373 -5.54 -11.10 13.55
N SER A 374 -4.85 -10.48 12.59
CA SER A 374 -5.18 -9.10 12.16
C SER A 374 -6.70 -8.86 12.07
N GLU A 375 -7.40 -9.80 11.43
CA GLU A 375 -8.85 -9.76 11.29
C GLU A 375 -9.59 -9.70 12.66
N VAL A 376 -9.16 -10.48 13.62
CA VAL A 376 -9.67 -10.38 15.00
C VAL A 376 -9.29 -9.03 15.64
N GLN A 377 -8.01 -8.59 15.54
CA GLN A 377 -7.64 -7.25 16.07
C GLN A 377 -8.59 -6.14 15.55
N ARG A 378 -8.81 -6.14 14.23
CA ARG A 378 -9.60 -5.10 13.62
C ARG A 378 -11.06 -5.12 14.13
N MET A 379 -11.61 -6.31 14.36
CA MET A 379 -12.97 -6.45 14.94
C MET A 379 -13.05 -5.78 16.33
N VAL A 380 -12.07 -6.04 17.21
CA VAL A 380 -12.17 -5.42 18.52
C VAL A 380 -12.00 -3.91 18.49
N ILE A 381 -11.15 -3.40 17.59
CA ILE A 381 -10.93 -1.97 17.48
C ILE A 381 -12.22 -1.29 17.03
N ALA A 382 -12.86 -1.88 16.04
CA ALA A 382 -14.09 -1.35 15.47
C ALA A 382 -15.25 -1.38 16.45
N ARG A 383 -15.38 -2.50 17.13
CA ARG A 383 -16.47 -2.75 18.09
C ARG A 383 -16.56 -1.62 19.12
N GLN A 384 -15.44 -0.97 19.36
CA GLN A 384 -15.31 -0.09 20.49
C GLN A 384 -15.30 1.35 20.13
N LEU A 385 -15.77 1.70 18.93
CA LEU A 385 -15.76 3.07 18.41
C LEU A 385 -17.15 3.66 18.52
N ASP B 10 -8.99 -19.41 -21.74
CA ASP B 10 -8.39 -20.22 -22.84
C ASP B 10 -8.85 -19.88 -24.26
N ASP B 11 -10.14 -19.59 -24.43
CA ASP B 11 -10.71 -19.29 -25.76
C ASP B 11 -9.94 -18.17 -26.48
N LEU B 12 -9.37 -17.24 -25.74
CA LEU B 12 -8.60 -16.16 -26.36
C LEU B 12 -7.20 -16.60 -26.87
N TYR B 13 -6.73 -17.80 -26.53
CA TYR B 13 -5.38 -18.22 -26.94
C TYR B 13 -5.40 -18.97 -28.28
N THR B 14 -4.29 -18.96 -29.01
CA THR B 14 -4.18 -19.67 -30.28
C THR B 14 -4.05 -21.17 -30.05
N GLU B 15 -4.01 -21.94 -31.13
CA GLU B 15 -3.93 -23.40 -31.03
C GLU B 15 -2.55 -23.85 -30.53
N ASP B 16 -1.48 -23.17 -30.97
CA ASP B 16 -0.13 -23.40 -30.43
C ASP B 16 -0.06 -23.00 -28.96
N GLN B 17 -0.63 -21.85 -28.65
CA GLN B 17 -0.65 -21.43 -27.26
C GLN B 17 -1.42 -22.44 -26.38
N ARG B 18 -2.61 -22.88 -26.80
CA ARG B 18 -3.38 -23.87 -26.02
C ARG B 18 -2.63 -25.21 -25.94
N MET B 19 -2.03 -25.64 -27.04
CA MET B 19 -1.25 -26.88 -27.06
C MET B 19 -0.15 -26.91 -25.98
N ILE B 20 0.80 -25.97 -26.03
CA ILE B 20 1.87 -25.88 -25.02
C ILE B 20 1.27 -25.75 -23.60
N LEU B 21 0.13 -25.06 -23.50
CA LEU B 21 -0.49 -24.77 -22.20
C LEU B 21 -1.02 -26.06 -21.59
N ASP B 22 -1.69 -26.84 -22.44
CA ASP B 22 -2.16 -28.18 -22.09
C ASP B 22 -1.02 -29.12 -21.69
N ALA B 23 0.03 -29.16 -22.48
CA ALA B 23 1.20 -29.98 -22.17
C ALA B 23 1.81 -29.59 -20.83
N ALA B 24 2.07 -28.30 -20.61
CA ALA B 24 2.67 -27.89 -19.35
C ALA B 24 1.79 -28.27 -18.18
N ARG B 25 0.49 -27.97 -18.27
CA ARG B 25 -0.50 -28.34 -17.22
C ARG B 25 -0.48 -29.80 -16.80
N ALA B 26 -0.47 -30.70 -17.77
CA ALA B 26 -0.40 -32.14 -17.46
C ALA B 26 0.87 -32.47 -16.69
N PHE B 27 2.02 -32.08 -17.25
CA PHE B 27 3.34 -32.24 -16.59
C PHE B 27 3.35 -31.69 -15.16
N CYS B 28 2.77 -30.51 -14.95
N CYS B 28 2.81 -30.47 -14.99
CA CYS B 28 2.85 -29.87 -13.67
CA CYS B 28 2.74 -29.82 -13.71
C CYS B 28 1.99 -30.57 -12.61
C CYS B 28 2.08 -30.74 -12.70
N ALA B 29 0.85 -31.14 -13.00
CA ALA B 29 0.03 -31.98 -12.13
C ALA B 29 0.62 -33.37 -11.87
N GLU B 30 0.99 -34.06 -12.93
CA GLU B 30 1.60 -35.38 -12.81
C GLU B 30 2.99 -35.36 -12.14
N VAL B 31 3.92 -34.54 -12.60
CA VAL B 31 5.30 -34.61 -12.04
C VAL B 31 5.66 -33.52 -11.01
N LEU B 32 5.37 -32.25 -11.31
CA LEU B 32 5.86 -31.16 -10.43
C LEU B 32 5.13 -30.93 -9.11
N ALA B 33 3.84 -30.62 -9.18
CA ALA B 33 3.08 -30.26 -7.99
C ALA B 33 3.21 -31.31 -6.89
N PRO B 34 3.15 -32.60 -7.24
CA PRO B 34 3.21 -33.60 -6.15
C PRO B 34 4.59 -33.74 -5.51
N ASN B 35 5.63 -33.33 -6.18
CA ASN B 35 6.95 -33.54 -5.62
C ASN B 35 7.65 -32.27 -5.13
N ALA B 36 7.04 -31.11 -5.37
CA ALA B 36 7.77 -29.86 -5.15
C ALA B 36 8.18 -29.68 -3.69
N ALA B 37 7.30 -30.06 -2.76
CA ALA B 37 7.59 -29.92 -1.32
C ALA B 37 8.86 -30.66 -0.95
N GLN B 38 8.98 -31.90 -1.43
CA GLN B 38 10.14 -32.70 -1.15
C GLN B 38 11.43 -32.05 -1.70
N TRP B 39 11.36 -31.52 -2.91
CA TRP B 39 12.56 -30.89 -3.51
C TRP B 39 13.02 -29.63 -2.77
N ASP B 40 12.05 -28.86 -2.29
CA ASP B 40 12.30 -27.71 -1.43
C ASP B 40 12.96 -28.22 -0.18
N ARG B 41 12.42 -29.32 0.33
CA ARG B 41 12.90 -29.87 1.59
C ARG B 41 14.35 -30.41 1.44
N GLU B 42 14.63 -31.05 0.33
CA GLU B 42 15.96 -31.59 0.09
C GLU B 42 16.86 -30.62 -0.65
N SER B 43 16.35 -29.44 -0.99
CA SER B 43 17.12 -28.46 -1.75
C SER B 43 17.73 -29.12 -2.95
N HIS B 44 16.94 -29.91 -3.67
CA HIS B 44 17.47 -30.61 -4.82
C HIS B 44 16.41 -30.99 -5.84
N LEU B 45 16.72 -30.73 -7.08
CA LEU B 45 15.87 -31.10 -8.19
C LEU B 45 16.45 -32.37 -8.88
N PRO B 46 15.68 -33.49 -8.92
CA PRO B 46 16.32 -34.67 -9.53
C PRO B 46 16.62 -34.47 -11.02
N ASP B 47 17.74 -35.01 -11.48
CA ASP B 47 18.16 -34.88 -12.87
C ASP B 47 17.12 -35.48 -13.84
N GLU B 48 16.41 -36.52 -13.43
CA GLU B 48 15.43 -37.11 -14.33
C GLU B 48 14.24 -36.15 -14.58
N VAL B 49 13.93 -35.27 -13.64
CA VAL B 49 12.89 -34.26 -13.92
C VAL B 49 13.40 -33.21 -14.94
N VAL B 50 14.67 -32.84 -14.85
CA VAL B 50 15.25 -31.88 -15.78
C VAL B 50 15.27 -32.52 -17.19
N ALA B 51 15.65 -33.80 -17.29
CA ALA B 51 15.63 -34.51 -18.56
C ALA B 51 14.24 -34.60 -19.18
N GLN B 52 13.20 -34.73 -18.36
CA GLN B 52 11.84 -34.80 -18.88
C GLN B 52 11.41 -33.50 -19.47
N MET B 53 11.83 -32.39 -18.85
CA MET B 53 11.48 -31.06 -19.35
C MET B 53 12.18 -30.87 -20.69
N GLY B 54 13.39 -31.39 -20.77
CA GLY B 54 14.06 -31.49 -22.05
C GLY B 54 13.30 -32.19 -23.14
N GLU B 55 12.87 -33.42 -22.85
CA GLU B 55 12.14 -34.27 -23.81
C GLU B 55 10.88 -33.60 -24.24
N LEU B 56 10.22 -32.90 -23.32
CA LEU B 56 8.94 -32.27 -23.62
C LEU B 56 9.13 -30.93 -24.29
N GLY B 57 10.36 -30.53 -24.58
CA GLY B 57 10.60 -29.27 -25.29
C GLY B 57 10.63 -27.97 -24.50
N PHE B 58 10.60 -28.02 -23.15
CA PHE B 58 10.61 -26.79 -22.34
C PHE B 58 11.96 -26.11 -22.25
N LEU B 59 13.02 -26.78 -22.69
CA LEU B 59 14.36 -26.22 -22.67
C LEU B 59 14.73 -25.70 -24.03
N GLY B 60 13.76 -25.63 -24.93
CA GLY B 60 14.03 -25.08 -26.25
C GLY B 60 12.95 -24.17 -26.77
N MET B 61 12.15 -23.65 -25.86
CA MET B 61 10.95 -22.87 -26.19
C MET B 61 11.19 -21.52 -26.85
N ILE B 62 12.44 -21.09 -26.89
CA ILE B 62 12.77 -19.92 -27.64
C ILE B 62 14.01 -20.15 -28.47
N VAL B 63 14.11 -21.35 -29.02
CA VAL B 63 15.05 -21.65 -30.08
C VAL B 63 14.19 -22.17 -31.25
N PRO B 64 14.47 -21.74 -32.48
CA PRO B 64 13.64 -22.23 -33.58
C PRO B 64 13.79 -23.73 -33.83
N ALA B 65 12.73 -24.31 -34.35
CA ALA B 65 12.66 -25.75 -34.58
C ALA B 65 13.83 -26.28 -35.38
N ASP B 66 14.29 -25.54 -36.38
CA ASP B 66 15.38 -26.03 -37.23
C ASP B 66 16.72 -26.15 -36.46
N TRP B 67 16.82 -25.48 -35.31
CA TRP B 67 17.96 -25.69 -34.41
C TRP B 67 17.62 -26.68 -33.26
N GLY B 68 16.52 -27.40 -33.39
CA GLY B 68 16.08 -28.36 -32.38
C GLY B 68 15.21 -27.79 -31.26
N GLY B 69 14.85 -26.53 -31.36
CA GLY B 69 14.03 -25.89 -30.35
C GLY B 69 12.57 -26.16 -30.65
N SER B 70 11.69 -25.49 -29.92
CA SER B 70 10.24 -25.67 -30.08
C SER B 70 9.51 -24.35 -30.09
N TYR B 71 10.21 -23.27 -30.43
CA TYR B 71 9.65 -21.93 -30.34
C TYR B 71 8.48 -21.72 -31.27
N THR B 72 7.38 -21.25 -30.73
CA THR B 72 6.22 -20.86 -31.52
C THR B 72 6.14 -19.32 -31.40
N ASP B 73 5.80 -18.84 -30.19
CA ASP B 73 5.86 -17.43 -29.86
C ASP B 73 6.19 -17.25 -28.36
N TYR B 74 6.21 -16.00 -27.90
CA TYR B 74 6.58 -15.73 -26.52
C TYR B 74 5.40 -15.85 -25.55
N VAL B 75 4.18 -15.84 -26.04
CA VAL B 75 3.02 -15.93 -25.18
C VAL B 75 2.98 -17.36 -24.71
N ALA B 76 3.23 -18.25 -25.66
CA ALA B 76 3.36 -19.67 -25.37
C ALA B 76 4.38 -19.91 -24.31
N TYR B 77 5.57 -19.31 -24.47
CA TYR B 77 6.65 -19.39 -23.45
C TYR B 77 6.17 -18.93 -22.05
N ALA B 78 5.46 -17.82 -21.99
CA ALA B 78 5.00 -17.30 -20.73
C ALA B 78 3.94 -18.19 -20.15
N LEU B 79 3.08 -18.75 -20.98
CA LEU B 79 2.09 -19.69 -20.47
C LEU B 79 2.76 -20.93 -19.85
N ALA B 80 3.75 -21.47 -20.54
CA ALA B 80 4.42 -22.66 -20.07
C ALA B 80 5.15 -22.37 -18.76
N LEU B 81 5.82 -21.22 -18.70
CA LEU B 81 6.56 -20.85 -17.50
C LEU B 81 5.66 -20.63 -16.30
N GLU B 82 4.49 -19.99 -16.52
CA GLU B 82 3.51 -19.84 -15.44
C GLU B 82 3.06 -21.18 -14.94
N GLU B 83 2.76 -22.12 -15.84
CA GLU B 83 2.37 -23.44 -15.33
C GLU B 83 3.49 -24.08 -14.53
N ILE B 84 4.68 -24.05 -15.10
CA ILE B 84 5.81 -24.74 -14.51
C ILE B 84 6.02 -24.16 -13.15
N ALA B 85 5.99 -22.82 -13.07
CA ALA B 85 6.15 -22.13 -11.80
C ALA B 85 5.07 -22.47 -10.79
N ALA B 86 3.83 -22.61 -11.25
CA ALA B 86 2.74 -23.00 -10.36
C ALA B 86 2.96 -24.35 -9.74
N GLY B 87 3.75 -25.23 -10.38
CA GLY B 87 4.05 -26.57 -9.85
C GLY B 87 5.36 -26.65 -9.06
N CYS B 88 6.39 -25.98 -9.55
CA CYS B 88 7.67 -25.90 -8.86
C CYS B 88 8.40 -24.62 -9.27
N ALA B 89 8.49 -23.67 -8.38
CA ALA B 89 9.18 -22.42 -8.65
C ALA B 89 10.62 -22.64 -9.04
N SER B 90 11.29 -23.49 -8.32
CA SER B 90 12.69 -23.83 -8.67
C SER B 90 12.81 -24.30 -10.11
N CYS B 91 11.87 -25.14 -10.55
CA CYS B 91 11.92 -25.62 -11.91
C CYS B 91 11.82 -24.45 -12.88
N ALA B 92 10.92 -23.52 -12.60
CA ALA B 92 10.73 -22.36 -13.46
C ALA B 92 11.99 -21.53 -13.53
N THR B 93 12.67 -21.38 -12.41
CA THR B 93 13.93 -20.64 -12.46
C THR B 93 14.92 -21.28 -13.44
N LEU B 94 15.08 -22.59 -13.35
CA LEU B 94 16.00 -23.31 -14.21
C LEU B 94 15.62 -23.07 -15.66
N VAL B 95 14.33 -23.18 -15.95
CA VAL B 95 13.84 -23.16 -17.33
C VAL B 95 14.04 -21.77 -17.88
N SER B 96 13.66 -20.75 -17.08
CA SER B 96 13.75 -19.38 -17.53
C SER B 96 15.19 -19.01 -17.90
N VAL B 97 16.10 -19.38 -17.03
CA VAL B 97 17.52 -19.02 -17.25
C VAL B 97 18.11 -19.75 -18.43
N HIS B 98 17.84 -21.05 -18.50
CA HIS B 98 18.41 -21.87 -19.56
C HIS B 98 17.94 -21.37 -20.92
N ASN B 99 16.64 -21.12 -21.04
CA ASN B 99 16.08 -20.64 -22.30
C ASN B 99 16.61 -19.28 -22.71
N SER B 100 16.54 -18.28 -21.83
CA SER B 100 16.82 -16.91 -22.26
C SER B 100 18.31 -16.63 -22.37
N VAL B 101 19.05 -16.91 -21.30
CA VAL B 101 20.47 -16.61 -21.34
C VAL B 101 21.42 -17.79 -21.57
N GLY B 102 20.96 -19.03 -21.60
CA GLY B 102 21.83 -20.16 -21.96
C GLY B 102 21.85 -20.23 -23.48
N CYS B 103 20.66 -20.50 -24.01
CA CYS B 103 20.40 -20.57 -25.44
C CYS B 103 20.55 -19.23 -26.19
N GLY B 104 20.07 -18.11 -25.63
CA GLY B 104 19.98 -16.84 -26.38
C GLY B 104 21.31 -16.34 -26.94
N PRO B 105 22.29 -16.16 -26.06
CA PRO B 105 23.62 -15.79 -26.55
C PRO B 105 24.15 -16.69 -27.67
N VAL B 106 24.07 -18.01 -27.52
CA VAL B 106 24.55 -18.90 -28.56
C VAL B 106 23.70 -18.68 -29.81
N LEU B 107 22.38 -18.59 -29.66
CA LEU B 107 21.51 -18.45 -30.86
C LEU B 107 21.83 -17.19 -31.68
N ASN B 108 22.07 -16.09 -30.96
CA ASN B 108 22.09 -14.79 -31.58
C ASN B 108 23.43 -14.36 -32.06
N TYR B 109 24.48 -14.77 -31.37
CA TYR B 109 25.85 -14.36 -31.64
C TYR B 109 26.74 -15.54 -32.10
N GLY B 110 26.19 -16.74 -32.14
CA GLY B 110 27.01 -17.92 -32.43
C GLY B 110 27.30 -18.00 -33.91
N THR B 111 28.49 -18.44 -34.29
CA THR B 111 28.72 -18.82 -35.68
C THR B 111 27.94 -20.08 -35.96
N THR B 112 27.88 -20.44 -37.24
CA THR B 112 27.30 -21.70 -37.68
C THR B 112 27.93 -22.90 -36.99
N GLU B 113 29.26 -22.91 -36.93
CA GLU B 113 30.02 -23.99 -36.30
C GLU B 113 29.68 -24.07 -34.81
N GLN B 114 29.58 -22.91 -34.17
CA GLN B 114 29.33 -22.84 -32.73
C GLN B 114 27.91 -23.29 -32.43
N LYS B 115 26.96 -22.89 -33.28
CA LYS B 115 25.59 -23.38 -33.12
C LYS B 115 25.49 -24.90 -33.37
N GLU B 116 26.30 -25.44 -34.29
CA GLU B 116 26.22 -26.89 -34.53
C GLU B 116 26.82 -27.65 -33.37
N ARG B 117 27.86 -27.08 -32.78
CA ARG B 117 28.53 -27.72 -31.67
C ARG B 117 27.69 -27.74 -30.39
N TRP B 118 26.80 -26.76 -30.17
CA TRP B 118 26.23 -26.50 -28.83
C TRP B 118 24.71 -26.33 -28.73
N LEU B 119 24.12 -25.65 -29.71
CA LEU B 119 22.73 -25.19 -29.61
C LEU B 119 21.66 -26.28 -29.75
N ARG B 120 21.95 -27.34 -30.49
CA ARG B 120 21.04 -28.48 -30.57
C ARG B 120 20.96 -29.21 -29.23
N ASP B 121 22.11 -29.29 -28.56
CA ASP B 121 22.17 -29.89 -27.22
C ASP B 121 21.58 -28.99 -26.12
N LEU B 122 21.64 -27.67 -26.29
CA LEU B 122 21.01 -26.76 -25.35
C LEU B 122 19.51 -26.81 -25.56
N ALA B 123 19.07 -26.73 -26.82
CA ALA B 123 17.62 -26.69 -27.09
C ALA B 123 16.86 -27.98 -26.71
N SER B 124 17.50 -29.15 -26.84
CA SER B 124 16.88 -30.43 -26.42
C SER B 124 16.98 -30.66 -24.91
N GLY B 125 17.88 -29.91 -24.27
CA GLY B 125 18.09 -30.08 -22.81
C GLY B 125 19.12 -31.14 -22.42
N LYS B 126 19.72 -31.78 -23.41
CA LYS B 126 20.84 -32.67 -23.17
C LYS B 126 21.88 -31.90 -22.42
N THR B 127 22.07 -30.63 -22.78
CA THR B 127 23.00 -29.77 -22.06
C THR B 127 22.24 -28.60 -21.45
N VAL B 128 22.40 -28.41 -20.15
CA VAL B 128 21.83 -27.26 -19.48
C VAL B 128 22.82 -26.08 -19.53
N GLY B 129 22.26 -24.89 -19.74
CA GLY B 129 23.01 -23.63 -19.96
C GLY B 129 23.05 -22.78 -18.69
N ALA B 130 24.19 -22.12 -18.44
CA ALA B 130 24.35 -21.12 -17.40
C ALA B 130 24.93 -19.83 -17.97
N PHE B 131 24.78 -18.74 -17.24
CA PHE B 131 25.17 -17.37 -17.64
C PHE B 131 25.85 -16.73 -16.45
N SER B 132 27.07 -16.26 -16.61
CA SER B 132 27.84 -15.78 -15.48
C SER B 132 28.51 -14.46 -15.78
N LEU B 133 28.03 -13.45 -15.09
CA LEU B 133 28.43 -12.07 -15.30
C LEU B 133 28.70 -11.42 -13.96
N THR B 134 27.67 -11.37 -13.13
CA THR B 134 27.75 -10.92 -11.74
C THR B 134 28.98 -11.45 -11.03
N GLU B 135 29.67 -10.54 -10.33
CA GLU B 135 30.80 -10.85 -9.45
C GLU B 135 30.57 -10.42 -7.98
N PRO B 136 31.45 -10.83 -7.04
CA PRO B 136 31.15 -10.45 -5.64
C PRO B 136 30.93 -8.92 -5.39
N HIS B 137 31.73 -8.07 -6.01
CA HIS B 137 31.58 -6.60 -5.84
C HIS B 137 30.57 -5.93 -6.81
N ALA B 138 30.05 -6.68 -7.78
CA ALA B 138 29.32 -6.09 -8.91
C ALA B 138 28.07 -6.88 -9.35
N GLY B 139 26.90 -6.36 -8.98
CA GLY B 139 25.59 -6.93 -9.36
C GLY B 139 24.84 -6.02 -10.32
N SER B 140 24.03 -5.10 -9.78
CA SER B 140 23.26 -4.12 -10.61
C SER B 140 24.16 -3.25 -11.52
N GLU B 141 25.39 -2.95 -11.07
CA GLU B 141 26.44 -2.31 -11.89
C GLU B 141 27.28 -3.40 -12.61
N ALA B 142 26.68 -3.97 -13.65
CA ALA B 142 27.17 -5.23 -14.22
C ALA B 142 28.35 -5.09 -15.21
N HIS B 143 28.91 -3.89 -15.36
CA HIS B 143 29.96 -3.63 -16.36
C HIS B 143 31.39 -3.64 -15.83
N ASN B 144 31.59 -3.35 -14.54
CA ASN B 144 32.96 -3.27 -13.94
C ASN B 144 33.41 -4.63 -13.47
N LEU B 145 34.03 -5.40 -14.37
CA LEU B 145 34.38 -6.79 -14.08
C LEU B 145 35.87 -6.94 -13.80
N ARG B 146 36.19 -7.81 -12.86
CA ARG B 146 37.54 -8.12 -12.48
C ARG B 146 37.96 -9.49 -12.98
N THR B 147 37.03 -10.35 -13.39
CA THR B 147 37.42 -11.56 -14.09
C THR B 147 38.08 -11.22 -15.42
N ARG B 148 39.22 -11.85 -15.72
CA ARG B 148 39.98 -11.49 -16.92
C ARG B 148 40.13 -12.61 -17.88
N ALA B 149 40.36 -12.26 -19.14
CA ALA B 149 40.62 -13.22 -20.21
C ALA B 149 41.85 -12.77 -21.01
N GLU B 150 42.84 -13.65 -21.14
CA GLU B 150 44.10 -13.34 -21.82
C GLU B 150 44.40 -14.43 -22.79
N LEU B 151 44.72 -14.04 -24.03
CA LEU B 151 45.21 -14.99 -25.02
C LEU B 151 46.68 -15.33 -24.76
N ARG B 152 46.95 -16.61 -24.52
CA ARG B 152 48.31 -17.15 -24.58
C ARG B 152 48.21 -18.40 -25.45
N ASP B 153 49.30 -18.75 -26.13
CA ASP B 153 49.41 -20.03 -26.86
C ASP B 153 48.13 -20.51 -27.57
N GLY B 154 47.34 -19.61 -28.17
CA GLY B 154 46.18 -20.05 -29.00
C GLY B 154 44.90 -20.41 -28.23
N LYS B 155 44.88 -20.11 -26.93
CA LYS B 155 43.75 -20.41 -26.05
C LYS B 155 43.38 -19.14 -25.28
N TRP B 156 42.11 -19.01 -24.90
CA TRP B 156 41.72 -17.93 -23.97
C TRP B 156 41.84 -18.48 -22.54
N ILE B 157 42.48 -17.70 -21.69
CA ILE B 157 42.75 -18.07 -20.30
C ILE B 157 41.96 -17.18 -19.37
N LEU B 158 40.98 -17.77 -18.67
CA LEU B 158 40.14 -17.00 -17.77
C LEU B 158 40.60 -17.18 -16.33
N ASN B 159 40.77 -16.05 -15.63
CA ASN B 159 40.99 -16.01 -14.20
C ASN B 159 40.06 -15.01 -13.49
N GLY B 160 39.44 -15.46 -12.40
CA GLY B 160 38.56 -14.60 -11.62
C GLY B 160 37.49 -15.31 -10.81
N SER B 161 36.48 -14.54 -10.41
CA SER B 161 35.57 -14.96 -9.40
C SER B 161 34.15 -14.52 -9.74
N LYS B 162 33.21 -15.47 -9.76
CA LYS B 162 31.83 -15.19 -10.13
C LYS B 162 30.79 -15.62 -9.08
N GLN B 163 29.61 -15.00 -9.14
CA GLN B 163 28.68 -15.09 -8.04
C GLN B 163 27.30 -15.48 -8.55
N PHE B 164 26.51 -16.14 -7.71
CA PHE B 164 25.11 -16.44 -8.00
C PHE B 164 24.80 -17.04 -9.37
N VAL B 165 25.56 -18.03 -9.81
CA VAL B 165 25.26 -18.66 -11.11
C VAL B 165 24.17 -19.73 -10.95
N THR B 166 22.98 -19.43 -11.49
CA THR B 166 21.89 -20.36 -11.58
C THR B 166 22.22 -21.52 -12.53
N ASN B 167 21.80 -22.72 -12.12
CA ASN B 167 22.13 -23.96 -12.85
C ASN B 167 23.62 -24.23 -12.81
N GLY B 168 24.34 -23.62 -11.88
CA GLY B 168 25.77 -23.69 -11.88
C GLY B 168 26.33 -25.08 -11.71
N ALA B 169 25.74 -25.92 -10.84
CA ALA B 169 26.27 -27.28 -10.63
C ALA B 169 25.81 -28.25 -11.72
N ARG B 170 24.64 -28.00 -12.30
CA ARG B 170 24.12 -28.96 -13.28
C ARG B 170 24.46 -28.57 -14.72
N ALA B 171 24.84 -27.32 -15.00
CA ALA B 171 25.05 -26.93 -16.39
C ALA B 171 26.24 -27.67 -17.01
N GLY B 172 26.16 -27.93 -18.32
CA GLY B 172 27.25 -28.42 -19.12
C GLY B 172 28.03 -27.35 -19.85
N LEU B 173 27.39 -26.21 -20.14
CA LEU B 173 28.05 -25.02 -20.69
C LEU B 173 27.69 -23.76 -19.90
N ALA B 174 28.63 -22.83 -19.85
CA ALA B 174 28.41 -21.52 -19.23
C ALA B 174 28.86 -20.43 -20.18
N ILE B 175 28.03 -19.39 -20.32
CA ILE B 175 28.41 -18.20 -21.05
C ILE B 175 29.04 -17.31 -20.01
N VAL B 176 30.36 -17.16 -20.08
CA VAL B 176 31.11 -16.44 -19.07
C VAL B 176 31.58 -15.12 -19.65
N PHE B 177 31.39 -14.03 -18.92
CA PHE B 177 31.82 -12.68 -19.33
C PHE B 177 33.10 -12.30 -18.63
N ALA B 178 34.08 -11.84 -19.39
CA ALA B 178 35.43 -11.54 -18.84
C ALA B 178 36.05 -10.27 -19.45
N MET B 179 36.87 -9.57 -18.67
CA MET B 179 37.60 -8.39 -19.19
C MET B 179 38.70 -8.86 -20.09
N THR B 180 38.59 -8.62 -21.39
CA THR B 180 39.68 -8.85 -22.33
C THR B 180 40.48 -7.58 -22.55
N ASP B 181 39.91 -6.40 -22.30
CA ASP B 181 40.61 -5.13 -22.57
C ASP B 181 40.31 -4.17 -21.45
N PRO B 182 41.06 -4.31 -20.34
CA PRO B 182 40.77 -3.58 -19.09
C PRO B 182 40.74 -2.07 -19.25
N ASP B 183 41.49 -1.51 -20.20
CA ASP B 183 41.50 -0.08 -20.42
C ASP B 183 40.47 0.40 -21.42
N GLU B 184 39.61 -0.49 -21.91
CA GLU B 184 38.59 -0.12 -22.90
C GLU B 184 37.20 -0.04 -22.30
N GLY B 185 37.11 -0.07 -20.98
CA GLY B 185 35.87 0.21 -20.26
C GLY B 185 34.70 -0.66 -20.66
N LYS B 186 33.57 -0.01 -21.00
CA LYS B 186 32.35 -0.72 -21.43
C LYS B 186 32.53 -1.49 -22.76
N ARG B 187 33.53 -1.16 -23.58
CA ARG B 187 33.84 -1.93 -24.80
C ARG B 187 34.98 -2.97 -24.52
N GLY B 188 35.26 -3.24 -23.25
CA GLY B 188 36.35 -4.12 -22.87
C GLY B 188 35.95 -5.53 -22.45
N LEU B 189 34.66 -5.87 -22.50
CA LEU B 189 34.20 -7.21 -22.15
C LEU B 189 34.08 -8.07 -23.37
N SER B 190 34.34 -9.36 -23.15
CA SER B 190 34.12 -10.38 -24.14
C SER B 190 33.34 -11.51 -23.53
N ALA B 191 32.63 -12.25 -24.38
CA ALA B 191 31.80 -13.37 -23.96
C ALA B 191 32.42 -14.70 -24.37
N PHE B 192 32.35 -15.72 -23.52
CA PHE B 192 33.03 -16.97 -23.81
C PHE B 192 32.14 -18.16 -23.51
N VAL B 193 32.09 -19.13 -24.42
CA VAL B 193 31.36 -20.37 -24.10
C VAL B 193 32.31 -21.30 -23.40
N VAL B 194 32.00 -21.67 -22.16
CA VAL B 194 32.92 -22.46 -21.39
C VAL B 194 32.26 -23.76 -20.97
N PRO B 195 32.74 -24.89 -21.53
CA PRO B 195 32.33 -26.18 -21.00
C PRO B 195 32.64 -26.27 -19.53
N THR B 196 31.67 -26.69 -18.74
CA THR B 196 31.79 -26.74 -17.29
C THR B 196 32.70 -27.88 -16.80
N ASP B 197 33.02 -28.81 -17.70
CA ASP B 197 34.06 -29.78 -17.42
C ASP B 197 35.49 -29.26 -17.69
N THR B 198 35.62 -27.99 -18.05
CA THR B 198 36.95 -27.42 -18.28
C THR B 198 37.73 -27.32 -16.98
N PRO B 199 39.00 -27.76 -17.00
CA PRO B 199 39.78 -27.66 -15.78
C PRO B 199 40.02 -26.20 -15.40
N GLY B 200 39.93 -25.90 -14.12
CA GLY B 200 39.97 -24.52 -13.68
C GLY B 200 38.60 -23.83 -13.64
N PHE B 201 37.57 -24.49 -14.15
CA PHE B 201 36.18 -24.01 -13.99
C PHE B 201 35.67 -24.63 -12.69
N ILE B 202 35.86 -23.95 -11.57
CA ILE B 202 35.61 -24.53 -10.24
C ILE B 202 34.27 -24.10 -9.56
N VAL B 203 33.30 -25.01 -9.52
CA VAL B 203 31.98 -24.68 -9.04
C VAL B 203 31.86 -24.88 -7.56
N GLY B 204 31.64 -23.82 -6.81
CA GLY B 204 31.47 -23.94 -5.37
C GLY B 204 30.16 -24.62 -5.02
N LYS B 205 29.92 -24.73 -3.73
CA LYS B 205 28.75 -25.35 -3.16
C LYS B 205 27.55 -24.43 -3.34
N PRO B 206 26.37 -24.97 -3.66
CA PRO B 206 25.18 -24.15 -3.85
C PRO B 206 24.84 -23.24 -2.66
N GLU B 207 24.42 -22.02 -2.92
CA GLU B 207 24.11 -21.10 -1.84
C GLU B 207 22.89 -21.64 -1.05
N LYS B 208 22.84 -21.37 0.25
CA LYS B 208 21.64 -21.64 1.04
C LYS B 208 20.73 -20.43 1.05
N LYS B 209 19.51 -20.64 0.57
CA LYS B 209 18.62 -19.53 0.28
C LYS B 209 17.29 -19.74 0.99
N MET B 210 16.57 -18.66 1.19
CA MET B 210 15.25 -18.71 1.73
C MET B 210 14.31 -19.50 0.90
N GLY B 211 14.41 -19.34 -0.42
CA GLY B 211 13.42 -19.89 -1.35
C GLY B 211 14.06 -20.44 -2.60
N ILE B 212 13.23 -20.91 -3.53
CA ILE B 212 13.68 -21.69 -4.69
C ILE B 212 14.90 -22.51 -4.32
N ARG B 213 14.77 -23.23 -3.23
CA ARG B 213 15.89 -23.89 -2.64
C ARG B 213 16.45 -25.01 -3.51
N ALA B 214 15.63 -25.65 -4.35
CA ALA B 214 16.10 -26.69 -5.30
C ALA B 214 16.75 -26.14 -6.60
N SER B 215 16.76 -24.82 -6.80
CA SER B 215 17.47 -24.27 -7.94
C SER B 215 18.89 -24.02 -7.53
N ASP B 216 19.81 -24.82 -8.04
CA ASP B 216 21.21 -24.69 -7.65
C ASP B 216 21.74 -23.31 -8.06
N THR B 217 22.30 -22.58 -7.11
CA THR B 217 22.81 -21.23 -7.35
C THR B 217 24.22 -21.18 -6.72
N CYS B 218 25.25 -21.11 -7.56
CA CYS B 218 26.60 -21.42 -7.13
C CYS B 218 27.56 -20.30 -7.40
N PRO B 219 28.48 -20.02 -6.45
CA PRO B 219 29.66 -19.27 -6.84
C PRO B 219 30.53 -20.12 -7.77
N ILE B 220 31.43 -19.44 -8.50
CA ILE B 220 32.32 -20.06 -9.46
C ILE B 220 33.69 -19.37 -9.46
N THR B 221 34.74 -20.17 -9.30
CA THR B 221 36.11 -19.67 -9.35
C THR B 221 36.71 -20.14 -10.65
N LEU B 222 37.21 -19.18 -11.42
CA LEU B 222 37.97 -19.43 -12.63
C LEU B 222 39.47 -19.29 -12.35
N GLU B 223 40.18 -20.40 -12.48
CA GLU B 223 41.61 -20.47 -12.15
C GLU B 223 42.40 -21.13 -13.30
N ASN B 224 43.17 -20.34 -14.03
CA ASN B 224 43.91 -20.83 -15.20
C ASN B 224 42.97 -21.71 -16.01
N CYS B 225 41.79 -21.17 -16.28
CA CYS B 225 40.74 -21.89 -16.98
C CYS B 225 40.91 -21.68 -18.48
N ALA B 226 41.46 -22.66 -19.18
CA ALA B 226 41.83 -22.46 -20.59
C ALA B 226 40.81 -23.01 -21.56
N ILE B 227 40.51 -22.27 -22.61
CA ILE B 227 39.56 -22.75 -23.59
C ILE B 227 40.00 -22.48 -25.02
N PRO B 228 39.47 -23.24 -25.97
CA PRO B 228 39.92 -22.97 -27.31
C PRO B 228 39.63 -21.53 -27.71
N GLN B 229 40.49 -20.98 -28.56
CA GLN B 229 40.32 -19.63 -29.06
C GLN B 229 38.94 -19.39 -29.71
N GLU B 230 38.43 -20.43 -30.37
CA GLU B 230 37.15 -20.41 -31.04
C GLU B 230 35.95 -20.56 -30.09
N ASN B 231 36.16 -20.45 -28.78
CA ASN B 231 35.04 -20.36 -27.84
C ASN B 231 34.65 -18.91 -27.48
N LEU B 232 35.39 -17.94 -28.01
CA LEU B 232 34.94 -16.56 -28.02
C LEU B 232 33.58 -16.47 -28.70
N LEU B 233 32.62 -15.81 -28.02
CA LEU B 233 31.26 -15.65 -28.56
C LEU B 233 31.08 -14.23 -29.01
N GLY B 234 30.87 -14.04 -30.31
CA GLY B 234 30.86 -12.71 -30.90
C GLY B 234 32.24 -12.12 -31.10
N LYS B 235 32.30 -10.81 -31.29
CA LYS B 235 33.58 -10.09 -31.46
C LYS B 235 34.16 -9.78 -30.08
N ARG B 236 35.49 -9.76 -29.99
CA ARG B 236 36.18 -9.29 -28.77
C ARG B 236 35.74 -7.86 -28.49
N GLY B 237 35.38 -7.57 -27.24
CA GLY B 237 34.80 -6.25 -26.87
C GLY B 237 33.28 -6.18 -26.94
N GLU B 238 32.66 -7.15 -27.58
CA GLU B 238 31.21 -7.18 -27.68
C GLU B 238 30.50 -7.77 -26.43
N GLY B 239 31.24 -8.20 -25.43
CA GLY B 239 30.66 -8.81 -24.25
C GLY B 239 29.49 -8.08 -23.60
N LEU B 240 29.62 -6.77 -23.38
CA LEU B 240 28.57 -6.07 -22.69
C LEU B 240 27.26 -6.09 -23.50
N LYS B 241 27.35 -5.79 -24.79
CA LYS B 241 26.19 -5.85 -25.67
C LYS B 241 25.54 -7.24 -25.65
N ILE B 242 26.37 -8.28 -25.61
CA ILE B 242 25.85 -9.64 -25.54
C ILE B 242 25.16 -9.91 -24.21
N ALA B 243 25.72 -9.39 -23.14
CA ALA B 243 25.19 -9.67 -21.82
C ALA B 243 23.84 -9.02 -21.64
N LEU B 244 23.65 -7.90 -22.34
CA LEU B 244 22.42 -7.14 -22.32
C LEU B 244 21.45 -7.46 -23.42
N SER B 245 21.62 -8.55 -24.16
CA SER B 245 20.77 -8.78 -25.34
C SER B 245 19.57 -9.69 -25.11
N ASN B 246 19.40 -10.25 -23.93
CA ASN B 246 18.20 -11.08 -23.69
C ASN B 246 17.37 -10.56 -22.51
N LEU B 247 17.47 -9.27 -22.24
CA LEU B 247 16.79 -8.70 -21.08
C LEU B 247 15.30 -8.88 -21.17
N GLU B 248 14.74 -8.74 -22.36
CA GLU B 248 13.29 -8.72 -22.53
C GLU B 248 12.73 -10.09 -22.26
N GLY B 249 13.38 -11.11 -22.83
CA GLY B 249 12.95 -12.48 -22.70
C GLY B 249 13.14 -12.94 -21.27
N GLY B 250 14.25 -12.55 -20.65
CA GLY B 250 14.53 -12.92 -19.28
C GLY B 250 13.45 -12.39 -18.37
N ARG B 251 13.13 -11.11 -18.55
CA ARG B 251 12.12 -10.45 -17.75
C ARG B 251 10.73 -10.93 -18.04
N ILE B 252 10.42 -11.24 -19.29
CA ILE B 252 9.14 -11.90 -19.56
C ILE B 252 8.99 -13.21 -18.75
N GLY B 253 10.04 -14.02 -18.71
CA GLY B 253 9.97 -15.31 -18.05
C GLY B 253 9.86 -15.19 -16.54
N ILE B 254 10.56 -14.24 -15.93
CA ILE B 254 10.42 -14.02 -14.49
C ILE B 254 9.07 -13.48 -14.12
N ALA B 255 8.50 -12.65 -14.98
CA ALA B 255 7.13 -12.11 -14.76
C ALA B 255 6.12 -13.26 -14.78
N ALA B 256 6.35 -14.20 -15.68
CA ALA B 256 5.49 -15.36 -15.78
C ALA B 256 5.68 -16.25 -14.56
N GLN B 257 6.90 -16.29 -14.01
CA GLN B 257 7.19 -17.13 -12.83
C GLN B 257 6.52 -16.56 -11.60
N ALA B 258 6.63 -15.28 -11.39
CA ALA B 258 5.90 -14.63 -10.35
C ALA B 258 4.39 -14.85 -10.44
N THR B 259 3.83 -14.69 -11.62
CA THR B 259 2.44 -14.95 -11.86
C THR B 259 2.04 -16.39 -11.44
N GLY B 260 2.84 -17.39 -11.80
CA GLY B 260 2.52 -18.80 -11.47
C GLY B 260 2.64 -19.16 -9.98
N ILE B 261 3.65 -18.60 -9.31
CA ILE B 261 3.82 -18.80 -7.88
C ILE B 261 2.59 -18.21 -7.10
N ALA B 262 2.28 -16.96 -7.38
CA ALA B 262 1.10 -16.30 -6.83
C ALA B 262 -0.17 -17.08 -7.11
N ARG B 263 -0.33 -17.54 -8.35
CA ARG B 263 -1.51 -18.29 -8.72
C ARG B 263 -1.69 -19.56 -7.90
N ALA B 264 -0.57 -20.24 -7.65
CA ALA B 264 -0.57 -21.48 -6.89
C ALA B 264 -1.00 -21.18 -5.45
N ALA B 265 -0.50 -20.07 -4.90
CA ALA B 265 -0.85 -19.69 -3.54
C ALA B 265 -2.34 -19.38 -3.46
N PHE B 266 -2.81 -18.64 -4.44
CA PHE B 266 -4.23 -18.19 -4.51
C PHE B 266 -5.19 -19.39 -4.68
N ASP B 267 -4.83 -20.32 -5.56
CA ASP B 267 -5.62 -21.56 -5.74
C ASP B 267 -5.79 -22.33 -4.40
N ARG B 268 -4.72 -22.49 -3.63
CA ARG B 268 -4.84 -23.13 -2.31
C ARG B 268 -5.73 -22.33 -1.40
N ALA B 269 -5.48 -21.02 -1.30
CA ALA B 269 -6.26 -20.16 -0.46
C ALA B 269 -7.73 -20.14 -0.83
N ARG B 270 -8.06 -20.03 -2.11
CA ARG B 270 -9.49 -20.00 -2.41
C ARG B 270 -10.17 -21.34 -2.13
N ARG B 271 -9.48 -22.44 -2.38
CA ARG B 271 -10.03 -23.74 -2.04
C ARG B 271 -10.16 -23.86 -0.50
N TYR B 272 -9.11 -23.54 0.25
CA TYR B 272 -9.24 -23.59 1.70
C TYR B 272 -10.36 -22.71 2.25
N ALA B 273 -10.60 -21.54 1.66
CA ALA B 273 -11.59 -20.63 2.19
C ALA B 273 -13.02 -21.13 1.93
N ARG B 274 -13.20 -21.91 0.87
CA ARG B 274 -14.47 -22.62 0.60
C ARG B 274 -14.80 -23.77 1.58
N GLU B 275 -13.75 -24.40 2.13
CA GLU B 275 -13.86 -25.58 2.99
C GLU B 275 -13.85 -25.28 4.47
N ARG B 276 -13.05 -24.32 4.86
CA ARG B 276 -12.87 -23.97 6.25
C ARG B 276 -14.00 -23.07 6.72
N VAL B 277 -14.52 -23.39 7.90
CA VAL B 277 -15.72 -22.80 8.44
C VAL B 277 -15.32 -22.07 9.70
N GLN B 278 -15.81 -20.86 9.88
CA GLN B 278 -15.54 -20.15 11.12
C GLN B 278 -16.71 -19.22 11.31
N PHE B 279 -17.23 -19.17 12.53
CA PHE B 279 -18.42 -18.39 12.84
C PHE B 279 -19.59 -18.79 11.96
N GLY B 280 -19.72 -20.09 11.67
CA GLY B 280 -20.93 -20.62 11.05
C GLY B 280 -21.05 -20.49 9.55
N LYS B 281 -20.00 -20.04 8.87
CA LYS B 281 -19.98 -20.13 7.43
C LYS B 281 -18.58 -20.38 6.88
N PRO B 282 -18.50 -20.78 5.59
CA PRO B 282 -17.20 -20.91 4.92
C PRO B 282 -16.52 -19.56 4.96
N ILE B 283 -15.27 -19.51 5.41
CA ILE B 283 -14.63 -18.23 5.62
C ILE B 283 -14.59 -17.44 4.31
N ALA B 284 -14.69 -18.10 3.16
CA ALA B 284 -14.87 -17.37 1.89
C ALA B 284 -16.06 -16.42 1.88
N GLU B 285 -17.08 -16.67 2.70
CA GLU B 285 -18.26 -15.77 2.72
C GLU B 285 -18.10 -14.62 3.68
N HIS B 286 -17.00 -14.60 4.41
CA HIS B 286 -16.67 -13.47 5.26
C HIS B 286 -16.14 -12.37 4.37
N GLN B 287 -16.69 -11.18 4.50
CA GLN B 287 -16.46 -10.16 3.50
C GLN B 287 -14.98 -9.79 3.42
N ALA B 288 -14.24 -9.84 4.53
CA ALA B 288 -12.84 -9.42 4.50
C ALA B 288 -11.99 -10.44 3.79
N ILE B 289 -12.41 -11.68 3.87
CA ILE B 289 -11.76 -12.76 3.14
C ILE B 289 -12.07 -12.65 1.64
N ALA B 290 -13.34 -12.49 1.33
CA ALA B 290 -13.80 -12.35 -0.03
C ALA B 290 -13.07 -11.18 -0.73
N GLU B 291 -12.81 -10.09 0.00
CA GLU B 291 -12.10 -8.92 -0.58
C GLU B 291 -10.68 -9.25 -0.91
N LYS B 292 -9.99 -9.95 -0.01
CA LYS B 292 -8.64 -10.46 -0.26
C LYS B 292 -8.63 -11.34 -1.50
N LEU B 293 -9.58 -12.29 -1.58
CA LEU B 293 -9.63 -13.18 -2.76
C LEU B 293 -9.82 -12.43 -4.05
N ALA B 294 -10.69 -11.42 -4.02
CA ALA B 294 -10.99 -10.62 -5.20
C ALA B 294 -9.79 -9.81 -5.62
N ASN B 295 -9.02 -9.28 -4.64
CA ASN B 295 -7.83 -8.48 -4.95
C ASN B 295 -6.72 -9.33 -5.56
N MET B 296 -6.55 -10.53 -5.01
CA MET B 296 -5.58 -11.53 -5.50
C MET B 296 -5.82 -11.94 -6.95
N ALA B 297 -7.04 -12.28 -7.29
CA ALA B 297 -7.41 -12.58 -8.67
C ALA B 297 -7.11 -11.41 -9.57
N THR B 298 -7.60 -10.25 -9.16
CA THR B 298 -7.42 -9.03 -9.99
C THR B 298 -5.95 -8.77 -10.26
N GLN B 299 -5.12 -8.86 -9.25
CA GLN B 299 -3.66 -8.60 -9.42
C GLN B 299 -2.94 -9.66 -10.26
N ILE B 300 -3.22 -10.93 -10.01
CA ILE B 300 -2.64 -12.01 -10.83
C ILE B 300 -3.03 -11.80 -12.27
N ASN B 301 -4.32 -11.50 -12.52
CA ASN B 301 -4.80 -11.28 -13.89
C ASN B 301 -4.12 -10.09 -14.60
N ALA B 302 -3.96 -8.95 -13.93
CA ALA B 302 -3.19 -7.84 -14.44
C ALA B 302 -1.72 -8.23 -14.74
N ALA B 303 -1.05 -8.92 -13.82
CA ALA B 303 0.30 -9.42 -14.07
C ALA B 303 0.40 -10.23 -15.36
N ARG B 304 -0.51 -11.19 -15.51
CA ARG B 304 -0.59 -12.04 -16.70
C ARG B 304 -0.75 -11.17 -17.94
N LEU B 305 -1.65 -10.18 -17.89
CA LEU B 305 -1.92 -9.37 -19.06
C LEU B 305 -0.78 -8.45 -19.40
N LEU B 306 -0.14 -7.83 -18.41
CA LEU B 306 1.17 -7.21 -18.68
C LEU B 306 2.21 -8.14 -19.36
N THR B 307 2.28 -9.39 -18.94
CA THR B 307 3.33 -10.29 -19.41
C THR B 307 3.07 -10.72 -20.87
N HIS B 308 1.82 -11.05 -21.14
CA HIS B 308 1.41 -11.41 -22.47
C HIS B 308 1.51 -10.24 -23.43
N HIS B 309 1.15 -9.05 -23.01
CA HIS B 309 1.36 -7.87 -23.87
C HIS B 309 2.83 -7.70 -24.21
N ALA B 310 3.74 -7.80 -23.23
CA ALA B 310 5.18 -7.74 -23.57
C ALA B 310 5.61 -8.90 -24.46
N ALA B 311 4.99 -10.06 -24.27
CA ALA B 311 5.28 -11.25 -25.08
C ALA B 311 4.88 -11.04 -26.54
N ARG B 312 3.75 -10.36 -26.77
CA ARG B 312 3.33 -10.01 -28.15
C ARG B 312 4.26 -9.08 -28.91
N LEU B 313 4.72 -8.02 -28.25
CA LEU B 313 5.66 -7.11 -28.87
C LEU B 313 6.95 -7.84 -29.21
N ARG B 314 7.40 -8.67 -28.28
CA ARG B 314 8.62 -9.44 -28.46
C ARG B 314 8.46 -10.48 -29.60
N THR B 315 7.29 -11.07 -29.74
CA THR B 315 7.09 -12.04 -30.82
C THR B 315 7.17 -11.36 -32.17
N ALA B 316 6.71 -10.11 -32.19
CA ALA B 316 6.74 -9.28 -33.39
C ALA B 316 8.09 -8.64 -33.62
N GLY B 317 9.10 -8.97 -32.80
CA GLY B 317 10.38 -8.31 -32.86
C GLY B 317 10.35 -6.81 -32.60
N LEU B 318 9.32 -6.30 -31.92
CA LEU B 318 9.17 -4.85 -31.68
C LEU B 318 9.90 -4.44 -30.40
N PRO B 319 10.30 -3.16 -30.27
CA PRO B 319 11.05 -2.86 -29.06
C PRO B 319 10.09 -2.96 -27.85
N CYS B 320 10.55 -3.55 -26.74
CA CYS B 320 9.66 -3.90 -25.62
C CYS B 320 10.37 -4.05 -24.28
N LEU B 321 11.49 -3.39 -24.10
CA LEU B 321 12.20 -3.48 -22.83
C LEU B 321 11.36 -2.87 -21.70
N SER B 322 10.80 -1.69 -21.93
CA SER B 322 9.91 -1.11 -20.96
C SER B 322 8.79 -2.08 -20.60
N GLU B 323 8.11 -2.61 -21.59
CA GLU B 323 6.89 -3.33 -21.31
C GLU B 323 7.21 -4.61 -20.60
N ALA B 324 8.34 -5.21 -20.95
CA ALA B 324 8.81 -6.37 -20.24
C ALA B 324 9.21 -6.03 -18.82
N SER B 325 9.82 -4.87 -18.61
CA SER B 325 10.22 -4.47 -17.28
C SER B 325 8.99 -4.16 -16.42
N GLN B 326 7.97 -3.53 -16.99
CA GLN B 326 6.74 -3.30 -16.26
C GLN B 326 6.11 -4.63 -15.77
N ALA B 327 6.06 -5.62 -16.65
CA ALA B 327 5.48 -6.91 -16.31
C ALA B 327 6.24 -7.55 -15.16
N LYS B 328 7.56 -7.53 -15.27
CA LYS B 328 8.41 -8.13 -14.24
C LYS B 328 8.27 -7.43 -12.87
N LEU B 329 8.40 -6.11 -12.87
CA LEU B 329 8.18 -5.35 -11.68
C LEU B 329 6.80 -5.67 -11.05
N PHE B 330 5.78 -5.54 -11.88
CA PHE B 330 4.42 -5.67 -11.40
C PHE B 330 4.16 -7.09 -10.85
N ALA B 331 4.48 -8.10 -11.64
CA ALA B 331 4.24 -9.48 -11.24
C ALA B 331 5.00 -9.84 -9.95
N SER B 332 6.28 -9.47 -9.90
CA SER B 332 7.09 -9.79 -8.75
C SER B 332 6.58 -9.19 -7.44
N GLU B 333 6.24 -7.92 -7.48
CA GLU B 333 5.71 -7.28 -6.30
C GLU B 333 4.33 -7.79 -5.94
N MET B 334 3.47 -7.95 -6.94
CA MET B 334 2.13 -8.56 -6.76
C MET B 334 2.23 -9.91 -6.04
N ALA B 335 3.25 -10.74 -6.39
CA ALA B 335 3.28 -12.09 -5.93
C ALA B 335 3.55 -12.15 -4.47
N GLU B 336 4.43 -11.28 -3.98
CA GLU B 336 4.66 -11.21 -2.57
C GLU B 336 3.33 -10.96 -1.84
N ALA B 337 2.58 -9.95 -2.30
CA ALA B 337 1.36 -9.51 -1.58
C ALA B 337 0.30 -10.61 -1.70
N VAL B 338 0.19 -11.21 -2.88
CA VAL B 338 -0.72 -12.33 -3.01
C VAL B 338 -0.37 -13.53 -2.11
N CYS B 339 0.90 -13.92 -2.07
CA CYS B 339 1.29 -15.05 -1.23
C CYS B 339 1.10 -14.74 0.23
N SER B 340 1.25 -13.48 0.58
CA SER B 340 1.01 -13.03 1.94
C SER B 340 -0.45 -13.11 2.31
N ASP B 341 -1.31 -12.67 1.40
CA ASP B 341 -2.75 -12.89 1.62
C ASP B 341 -3.13 -14.38 1.76
N ALA B 342 -2.47 -15.26 0.99
CA ALA B 342 -2.81 -16.68 1.03
C ALA B 342 -2.50 -17.22 2.42
N ILE B 343 -1.43 -16.70 3.04
CA ILE B 343 -0.98 -17.20 4.35
C ILE B 343 -2.02 -16.78 5.34
N GLN B 344 -2.37 -15.51 5.30
CA GLN B 344 -3.32 -14.93 6.19
C GLN B 344 -4.70 -15.64 6.13
N ILE B 345 -5.18 -15.95 4.94
CA ILE B 345 -6.46 -16.65 4.80
C ILE B 345 -6.41 -18.01 5.50
N HIS B 346 -5.25 -18.67 5.50
CA HIS B 346 -5.06 -19.94 6.21
C HIS B 346 -4.97 -19.82 7.73
N GLY B 347 -4.91 -18.63 8.29
CA GLY B 347 -4.74 -18.51 9.76
C GLY B 347 -3.40 -19.10 10.18
N GLY B 348 -3.40 -19.76 11.34
CA GLY B 348 -2.21 -20.37 11.95
C GLY B 348 -1.66 -21.51 11.10
N TYR B 349 -2.55 -22.15 10.37
CA TYR B 349 -2.13 -23.15 9.39
C TYR B 349 -1.28 -22.54 8.27
N GLY B 350 -1.40 -21.23 8.02
CA GLY B 350 -0.61 -20.60 6.96
C GLY B 350 0.89 -20.61 7.16
N PHE B 351 1.28 -20.63 8.44
CA PHE B 351 2.66 -20.67 8.88
C PHE B 351 3.28 -22.08 8.81
N LEU B 352 2.46 -23.13 8.60
CA LEU B 352 2.96 -24.50 8.66
C LEU B 352 3.45 -25.02 7.32
N VAL B 353 4.60 -25.68 7.35
CA VAL B 353 5.19 -26.23 6.13
C VAL B 353 4.21 -27.11 5.35
N ASP B 354 3.39 -27.91 6.05
CA ASP B 354 2.50 -28.87 5.36
C ASP B 354 1.39 -28.18 4.57
N TYR B 355 1.15 -26.90 4.79
CA TYR B 355 0.07 -26.21 4.10
C TYR B 355 0.56 -25.47 2.86
N GLU B 356 1.84 -25.60 2.57
CA GLU B 356 2.46 -25.19 1.28
C GLU B 356 2.57 -23.71 1.03
N VAL B 357 1.62 -22.89 1.46
CA VAL B 357 1.65 -21.48 1.01
C VAL B 357 2.86 -20.69 1.53
N GLU B 358 3.43 -21.15 2.64
CA GLU B 358 4.65 -20.55 3.18
C GLU B 358 5.80 -20.72 2.19
N ARG B 359 5.86 -21.87 1.54
CA ARG B 359 6.86 -22.13 0.52
C ARG B 359 6.69 -21.19 -0.66
N HIS B 360 5.44 -20.99 -1.12
CA HIS B 360 5.20 -20.05 -2.22
C HIS B 360 5.65 -18.62 -1.85
N TYR B 361 5.45 -18.25 -0.59
CA TYR B 361 5.85 -16.92 -0.10
C TYR B 361 7.37 -16.76 -0.11
N ARG B 362 8.04 -17.75 0.43
CA ARG B 362 9.51 -17.84 0.30
C ARG B 362 10.02 -17.77 -1.13
N ASP B 363 9.44 -18.57 -2.00
CA ASP B 363 9.86 -18.60 -3.38
C ASP B 363 9.57 -17.28 -4.12
N ALA B 364 8.40 -16.67 -3.87
CA ALA B 364 8.01 -15.44 -4.52
C ALA B 364 9.01 -14.30 -4.38
N ARG B 365 9.67 -14.22 -3.23
CA ARG B 365 10.43 -13.04 -2.87
C ARG B 365 11.63 -12.73 -3.75
N ILE B 366 12.27 -13.78 -4.28
CA ILE B 366 13.40 -13.64 -5.20
C ILE B 366 13.07 -12.89 -6.48
N THR B 367 11.82 -12.96 -6.91
CA THR B 367 11.43 -12.42 -8.20
C THR B 367 11.50 -10.91 -8.28
N GLN B 368 11.52 -10.27 -7.13
CA GLN B 368 11.76 -8.85 -7.05
C GLN B 368 13.25 -8.45 -7.13
N ILE B 369 14.15 -9.42 -7.16
CA ILE B 369 15.57 -9.11 -6.96
C ILE B 369 16.33 -9.52 -8.17
N TYR B 370 16.23 -10.81 -8.57
CA TYR B 370 16.98 -11.24 -9.73
C TYR B 370 16.38 -10.79 -11.04
N GLU B 371 17.17 -10.91 -12.11
CA GLU B 371 16.79 -10.50 -13.45
C GLU B 371 16.46 -9.00 -13.44
N GLY B 372 17.29 -8.23 -12.76
CA GLY B 372 17.13 -6.82 -12.56
C GLY B 372 16.27 -6.51 -11.37
N THR B 373 16.81 -5.85 -10.32
CA THR B 373 16.04 -5.49 -9.15
C THR B 373 14.92 -4.59 -9.56
N SER B 374 13.87 -4.50 -8.74
CA SER B 374 12.80 -3.55 -8.91
C SER B 374 13.25 -2.11 -9.19
N GLU B 375 14.33 -1.72 -8.52
CA GLU B 375 14.89 -0.36 -8.61
C GLU B 375 15.43 -0.16 -10.03
N VAL B 376 16.06 -1.20 -10.58
CA VAL B 376 16.53 -1.21 -11.95
C VAL B 376 15.37 -1.25 -12.97
N GLN B 377 14.38 -2.09 -12.74
CA GLN B 377 13.18 -2.04 -13.61
C GLN B 377 12.60 -0.61 -13.65
N ARG B 378 12.47 0.04 -12.51
CA ARG B 378 11.92 1.40 -12.49
C ARG B 378 12.76 2.37 -13.28
N MET B 379 14.08 2.25 -13.19
CA MET B 379 14.96 3.21 -13.84
C MET B 379 14.74 3.10 -15.33
N VAL B 380 14.61 1.89 -15.84
CA VAL B 380 14.51 1.74 -17.27
C VAL B 380 13.12 2.10 -17.78
N ILE B 381 12.06 1.82 -17.02
CA ILE B 381 10.73 2.29 -17.42
C ILE B 381 10.67 3.87 -17.50
N ALA B 382 11.23 4.52 -16.48
CA ALA B 382 11.24 6.00 -16.39
C ALA B 382 12.04 6.64 -17.53
N ARG B 383 13.21 6.07 -17.79
CA ARG B 383 14.14 6.61 -18.77
C ARG B 383 13.49 6.69 -20.17
N GLN B 384 12.70 5.69 -20.53
CA GLN B 384 12.13 5.60 -21.87
C GLN B 384 10.81 6.30 -21.99
N LEU B 385 10.49 7.19 -21.04
CA LEU B 385 9.27 7.99 -21.16
C LEU B 385 9.63 9.18 -21.99
N ASP C 10 -0.31 2.16 -31.13
CA ASP C 10 -1.38 2.20 -32.20
C ASP C 10 -1.33 1.04 -33.22
N ASP C 11 -0.13 0.65 -33.69
CA ASP C 11 0.04 -0.49 -34.64
C ASP C 11 -0.43 -1.84 -34.02
N LEU C 12 -0.54 -1.88 -32.69
CA LEU C 12 -1.18 -2.96 -31.96
C LEU C 12 -2.72 -3.05 -32.15
N TYR C 13 -3.38 -1.95 -32.51
CA TYR C 13 -4.84 -1.93 -32.70
C TYR C 13 -5.26 -2.17 -34.16
N THR C 14 -6.52 -2.55 -34.35
CA THR C 14 -7.03 -2.79 -35.70
C THR C 14 -7.25 -1.44 -36.42
N GLU C 15 -7.70 -1.51 -37.67
CA GLU C 15 -7.94 -0.34 -38.51
C GLU C 15 -9.09 0.50 -37.98
N ASP C 16 -10.19 -0.18 -37.67
CA ASP C 16 -11.38 0.44 -37.08
C ASP C 16 -11.04 1.11 -35.76
N GLN C 17 -10.36 0.38 -34.89
CA GLN C 17 -9.99 0.92 -33.59
C GLN C 17 -9.16 2.20 -33.68
N ARG C 18 -8.15 2.22 -34.56
CA ARG C 18 -7.29 3.40 -34.74
C ARG C 18 -8.08 4.56 -35.28
N MET C 19 -9.00 4.26 -36.18
CA MET C 19 -9.85 5.29 -36.71
C MET C 19 -10.72 5.92 -35.59
N ILE C 20 -11.35 5.11 -34.73
CA ILE C 20 -12.15 5.64 -33.62
C ILE C 20 -11.20 6.42 -32.69
N LEU C 21 -9.99 5.91 -32.47
CA LEU C 21 -9.04 6.57 -31.57
C LEU C 21 -8.58 7.95 -32.07
N ASP C 22 -8.20 8.00 -33.33
CA ASP C 22 -7.86 9.29 -33.96
C ASP C 22 -8.99 10.32 -33.98
N ALA C 23 -10.20 9.91 -34.38
CA ALA C 23 -11.36 10.80 -34.28
C ALA C 23 -11.57 11.39 -32.88
N ALA C 24 -11.42 10.57 -31.85
CA ALA C 24 -11.58 11.06 -30.47
C ALA C 24 -10.38 11.93 -30.01
N ARG C 25 -9.16 11.54 -30.35
CA ARG C 25 -8.01 12.40 -30.12
C ARG C 25 -8.23 13.80 -30.66
N ALA C 26 -8.73 13.90 -31.89
CA ALA C 26 -8.89 15.18 -32.58
C ALA C 26 -9.95 16.02 -31.90
N PHE C 27 -11.04 15.37 -31.52
CA PHE C 27 -12.10 16.08 -30.82
C PHE C 27 -11.68 16.56 -29.42
N CYS C 28 -10.95 15.74 -28.69
N CYS C 28 -10.99 15.70 -28.67
CA CYS C 28 -10.51 16.12 -27.35
CA CYS C 28 -10.44 16.03 -27.34
C CYS C 28 -9.51 17.26 -27.33
C CYS C 28 -9.60 17.29 -27.43
N ALA C 29 -8.57 17.26 -28.28
CA ALA C 29 -7.62 18.36 -28.45
C ALA C 29 -8.25 19.68 -28.93
N GLU C 30 -9.13 19.61 -29.94
CA GLU C 30 -9.74 20.82 -30.48
C GLU C 30 -10.86 21.38 -29.58
N VAL C 31 -11.72 20.51 -29.04
CA VAL C 31 -12.91 20.99 -28.34
C VAL C 31 -12.88 20.81 -26.81
N LEU C 32 -12.44 19.66 -26.31
CA LEU C 32 -12.59 19.34 -24.89
C LEU C 32 -11.50 19.90 -23.99
N ALA C 33 -10.26 19.52 -24.29
CA ALA C 33 -9.15 19.85 -23.40
C ALA C 33 -9.04 21.36 -23.12
N PRO C 34 -9.16 22.21 -24.13
CA PRO C 34 -9.03 23.62 -23.79
C PRO C 34 -10.18 24.20 -22.99
N ASN C 35 -11.33 23.53 -22.97
CA ASN C 35 -12.48 24.09 -22.28
C ASN C 35 -12.86 23.37 -20.98
N ALA C 36 -12.17 22.27 -20.66
CA ALA C 36 -12.52 21.47 -19.46
C ALA C 36 -12.48 22.32 -18.19
N ALA C 37 -11.41 23.08 -18.06
CA ALA C 37 -11.18 23.90 -16.88
C ALA C 37 -12.34 24.86 -16.67
N GLN C 38 -12.80 25.48 -17.74
CA GLN C 38 -13.95 26.38 -17.62
C GLN C 38 -15.20 25.65 -17.20
N TRP C 39 -15.44 24.47 -17.78
CA TRP C 39 -16.68 23.74 -17.51
C TRP C 39 -16.69 23.25 -16.07
N ASP C 40 -15.53 22.78 -15.60
CA ASP C 40 -15.36 22.43 -14.20
C ASP C 40 -15.71 23.65 -13.36
N ARG C 41 -15.18 24.80 -13.74
CA ARG C 41 -15.39 26.07 -13.00
C ARG C 41 -16.85 26.46 -12.93
N GLU C 42 -17.55 26.39 -14.06
CA GLU C 42 -18.96 26.80 -14.16
C GLU C 42 -19.94 25.64 -13.93
N SER C 43 -19.43 24.44 -13.64
CA SER C 43 -20.26 23.26 -13.37
C SER C 43 -21.34 23.04 -14.44
N HIS C 44 -20.93 23.12 -15.70
CA HIS C 44 -21.86 23.01 -16.80
C HIS C 44 -21.14 22.68 -18.13
N LEU C 45 -21.62 21.64 -18.83
CA LEU C 45 -21.19 21.39 -20.22
C LEU C 45 -22.14 22.11 -21.19
N PRO C 46 -21.60 22.86 -22.18
CA PRO C 46 -22.50 23.53 -23.14
C PRO C 46 -23.33 22.55 -23.96
N ASP C 47 -24.64 22.78 -24.04
CA ASP C 47 -25.52 21.91 -24.86
C ASP C 47 -24.96 21.60 -26.24
N GLU C 48 -24.33 22.60 -26.85
CA GLU C 48 -23.79 22.42 -28.21
C GLU C 48 -22.59 21.48 -28.30
N VAL C 49 -21.85 21.34 -27.20
CA VAL C 49 -20.74 20.38 -27.15
C VAL C 49 -21.32 18.97 -27.05
N VAL C 50 -22.45 18.84 -26.37
CA VAL C 50 -23.07 17.52 -26.24
C VAL C 50 -23.66 17.12 -27.60
N ALA C 51 -24.35 18.08 -28.23
CA ALA C 51 -24.86 17.90 -29.58
C ALA C 51 -23.75 17.59 -30.61
N GLN C 52 -22.57 18.14 -30.43
CA GLN C 52 -21.47 17.84 -31.33
C GLN C 52 -20.86 16.42 -31.14
N MET C 53 -20.98 15.89 -29.93
CA MET C 53 -20.54 14.52 -29.67
C MET C 53 -21.54 13.60 -30.35
N GLY C 54 -22.81 13.98 -30.27
CA GLY C 54 -23.86 13.35 -31.06
C GLY C 54 -23.50 13.26 -32.52
N GLU C 55 -23.42 14.42 -33.17
CA GLU C 55 -23.06 14.50 -34.61
C GLU C 55 -21.88 13.62 -34.95
N LEU C 56 -20.98 13.41 -34.01
CA LEU C 56 -19.76 12.65 -34.32
C LEU C 56 -19.89 11.16 -34.05
N GLY C 57 -21.05 10.71 -33.60
CA GLY C 57 -21.23 9.29 -33.28
C GLY C 57 -20.80 8.82 -31.88
N PHE C 58 -20.38 9.72 -31.00
CA PHE C 58 -19.89 9.29 -29.66
C PHE C 58 -21.03 8.84 -28.77
N LEU C 59 -22.24 9.33 -29.06
CA LEU C 59 -23.41 8.93 -28.34
C LEU C 59 -24.18 7.76 -28.95
N GLY C 60 -23.54 6.98 -29.83
CA GLY C 60 -24.09 5.76 -30.35
C GLY C 60 -23.07 4.64 -30.54
N MET C 61 -21.95 4.69 -29.81
CA MET C 61 -20.82 3.79 -30.06
C MET C 61 -21.08 2.35 -29.73
N ILE C 62 -22.09 2.06 -28.93
CA ILE C 62 -22.47 0.67 -28.71
C ILE C 62 -23.88 0.43 -29.20
N VAL C 63 -24.20 1.02 -30.36
CA VAL C 63 -25.46 0.76 -31.02
C VAL C 63 -25.12 0.41 -32.45
N PRO C 64 -25.73 -0.67 -32.97
CA PRO C 64 -25.44 -1.10 -34.35
C PRO C 64 -25.72 0.02 -35.34
N ALA C 65 -24.97 0.06 -36.44
CA ALA C 65 -25.18 1.05 -37.50
C ALA C 65 -26.61 1.04 -38.02
N ASP C 66 -27.20 -0.16 -38.11
CA ASP C 66 -28.62 -0.33 -38.47
C ASP C 66 -29.60 0.55 -37.71
N TRP C 67 -29.32 0.87 -36.44
CA TRP C 67 -30.21 1.67 -35.61
C TRP C 67 -29.70 3.08 -35.42
N GLY C 68 -28.72 3.46 -36.25
CA GLY C 68 -28.20 4.82 -36.26
C GLY C 68 -26.92 5.01 -35.45
N GLY C 69 -26.33 3.94 -34.96
CA GLY C 69 -25.14 4.10 -34.11
C GLY C 69 -23.82 3.89 -34.86
N SER C 70 -22.73 3.69 -34.12
CA SER C 70 -21.39 3.60 -34.73
C SER C 70 -20.62 2.37 -34.26
N TYR C 71 -21.34 1.40 -33.68
CA TYR C 71 -20.71 0.25 -33.07
C TYR C 71 -19.73 -0.49 -33.97
N THR C 72 -18.49 -0.61 -33.50
CA THR C 72 -17.51 -1.50 -34.12
C THR C 72 -17.21 -2.60 -33.13
N ASP C 73 -16.51 -2.27 -32.04
CA ASP C 73 -16.36 -3.20 -30.94
C ASP C 73 -16.15 -2.47 -29.64
N TYR C 74 -16.11 -3.20 -28.53
CA TYR C 74 -15.87 -2.59 -27.23
C TYR C 74 -14.44 -2.06 -27.00
N VAL C 75 -13.42 -2.61 -27.65
CA VAL C 75 -12.09 -2.03 -27.47
C VAL C 75 -12.10 -0.60 -27.98
N ALA C 76 -12.71 -0.41 -29.13
CA ALA C 76 -12.83 0.91 -29.75
C ALA C 76 -13.59 1.85 -28.86
N TYR C 77 -14.62 1.31 -28.20
CA TYR C 77 -15.42 2.07 -27.26
C TYR C 77 -14.52 2.52 -26.14
N ALA C 78 -13.83 1.56 -25.57
CA ALA C 78 -12.83 1.83 -24.55
C ALA C 78 -11.81 2.86 -24.97
N LEU C 79 -11.25 2.73 -26.17
CA LEU C 79 -10.28 3.75 -26.66
C LEU C 79 -10.94 5.13 -26.70
N ALA C 80 -12.12 5.26 -27.29
CA ALA C 80 -12.73 6.58 -27.35
C ALA C 80 -12.95 7.19 -25.96
N LEU C 81 -13.47 6.40 -25.03
CA LEU C 81 -13.73 6.87 -23.67
C LEU C 81 -12.48 7.27 -22.91
N GLU C 82 -11.40 6.50 -23.06
CA GLU C 82 -10.12 6.92 -22.49
C GLU C 82 -9.75 8.29 -23.01
N GLU C 83 -9.88 8.53 -24.33
CA GLU C 83 -9.55 9.86 -24.91
C GLU C 83 -10.43 10.98 -24.45
N ILE C 84 -11.74 10.74 -24.42
CA ILE C 84 -12.68 11.77 -23.95
C ILE C 84 -12.35 12.11 -22.50
N ALA C 85 -12.11 11.08 -21.70
CA ALA C 85 -11.85 11.27 -20.26
C ALA C 85 -10.58 12.06 -20.04
N ALA C 86 -9.52 11.78 -20.78
CA ALA C 86 -8.33 12.59 -20.66
C ALA C 86 -8.60 14.06 -20.92
N GLY C 87 -9.58 14.39 -21.74
CA GLY C 87 -9.84 15.80 -21.99
C GLY C 87 -10.88 16.44 -21.11
N CYS C 88 -11.91 15.69 -20.79
CA CYS C 88 -13.00 16.16 -19.95
C CYS C 88 -13.66 14.96 -19.35
N ALA C 89 -13.42 14.79 -18.05
CA ALA C 89 -14.00 13.70 -17.32
C ALA C 89 -15.53 13.75 -17.31
N SER C 90 -16.10 14.96 -17.27
CA SER C 90 -17.56 15.09 -17.21
C SER C 90 -18.20 14.61 -18.49
N CYS C 91 -17.56 14.92 -19.61
CA CYS C 91 -17.97 14.45 -20.91
C CYS C 91 -17.96 12.93 -20.99
N ALA C 92 -16.94 12.31 -20.37
CA ALA C 92 -16.82 10.85 -20.38
C ALA C 92 -17.95 10.20 -19.60
N THR C 93 -18.35 10.86 -18.51
CA THR C 93 -19.38 10.33 -17.64
C THR C 93 -20.67 10.29 -18.48
N LEU C 94 -21.02 11.43 -19.06
CA LEU C 94 -22.17 11.58 -19.94
C LEU C 94 -22.21 10.47 -21.02
N VAL C 95 -21.10 10.37 -21.75
CA VAL C 95 -20.97 9.48 -22.91
C VAL C 95 -21.16 8.02 -22.49
N SER C 96 -20.59 7.66 -21.33
CA SER C 96 -20.58 6.29 -20.87
C SER C 96 -21.95 5.85 -20.36
N VAL C 97 -22.56 6.72 -19.54
CA VAL C 97 -23.91 6.48 -19.06
C VAL C 97 -24.90 6.42 -20.25
N HIS C 98 -24.83 7.41 -21.14
CA HIS C 98 -25.79 7.52 -22.25
C HIS C 98 -25.75 6.23 -23.05
N ASN C 99 -24.54 5.79 -23.35
CA ASN C 99 -24.32 4.70 -24.30
C ASN C 99 -24.74 3.40 -23.69
N SER C 100 -24.31 3.16 -22.45
CA SER C 100 -24.55 1.87 -21.83
C SER C 100 -25.98 1.72 -21.31
N VAL C 101 -26.44 2.66 -20.50
CA VAL C 101 -27.75 2.52 -19.81
C VAL C 101 -28.87 3.40 -20.37
N GLY C 102 -28.55 4.41 -21.17
CA GLY C 102 -29.57 5.07 -21.95
C GLY C 102 -29.98 4.22 -23.14
N CYS C 103 -29.00 3.89 -23.98
CA CYS C 103 -29.23 3.13 -25.21
C CYS C 103 -29.44 1.63 -25.00
N GLY C 104 -28.68 1.03 -24.08
CA GLY C 104 -28.69 -0.43 -23.91
C GLY C 104 -30.07 -1.06 -23.63
N PRO C 105 -30.81 -0.56 -22.60
CA PRO C 105 -32.13 -1.18 -22.31
C PRO C 105 -33.09 -1.14 -23.49
N VAL C 106 -33.10 -0.03 -24.22
CA VAL C 106 -33.94 0.07 -25.40
C VAL C 106 -33.46 -0.90 -26.50
N LEU C 107 -32.16 -0.94 -26.73
CA LEU C 107 -31.61 -1.77 -27.76
C LEU C 107 -31.92 -3.25 -27.49
N ASN C 108 -31.67 -3.71 -26.28
CA ASN C 108 -31.79 -5.12 -25.97
C ASN C 108 -33.18 -5.63 -25.65
N TYR C 109 -34.07 -4.76 -25.16
CA TYR C 109 -35.35 -5.20 -24.67
C TYR C 109 -36.49 -4.53 -25.38
N GLY C 110 -36.19 -3.58 -26.25
CA GLY C 110 -37.24 -2.83 -26.92
C GLY C 110 -37.90 -3.62 -28.03
N THR C 111 -39.20 -3.41 -28.20
CA THR C 111 -39.85 -3.85 -29.45
C THR C 111 -39.24 -3.10 -30.63
N THR C 112 -39.48 -3.62 -31.82
CA THR C 112 -39.11 -2.90 -33.02
C THR C 112 -39.68 -1.48 -33.07
N GLU C 113 -40.95 -1.33 -32.73
CA GLU C 113 -41.60 -0.02 -32.78
C GLU C 113 -41.00 0.90 -31.72
N GLN C 114 -40.72 0.38 -30.53
CA GLN C 114 -40.02 1.16 -29.50
C GLN C 114 -38.62 1.58 -29.94
N LYS C 115 -37.94 0.72 -30.68
CA LYS C 115 -36.60 1.07 -31.15
C LYS C 115 -36.72 2.16 -32.18
N GLU C 116 -37.72 2.05 -33.04
CA GLU C 116 -37.99 3.10 -34.02
C GLU C 116 -38.42 4.39 -33.34
N ARG C 117 -39.21 4.34 -32.29
CA ARG C 117 -39.70 5.58 -31.67
C ARG C 117 -38.58 6.30 -30.91
N TRP C 118 -37.64 5.55 -30.31
CA TRP C 118 -36.63 6.16 -29.40
C TRP C 118 -35.15 5.94 -29.73
N LEU C 119 -34.78 4.80 -30.32
CA LEU C 119 -33.38 4.41 -30.42
C LEU C 119 -32.56 5.23 -31.41
N ARG C 120 -33.18 5.58 -32.54
CA ARG C 120 -32.49 6.40 -33.55
C ARG C 120 -32.12 7.74 -32.97
N ASP C 121 -33.00 8.31 -32.16
CA ASP C 121 -32.73 9.62 -31.58
C ASP C 121 -31.71 9.52 -30.42
N LEU C 122 -31.69 8.40 -29.69
CA LEU C 122 -30.68 8.21 -28.65
C LEU C 122 -29.29 8.09 -29.29
N ALA C 123 -29.20 7.19 -30.26
CA ALA C 123 -27.95 6.86 -30.98
C ALA C 123 -27.31 8.05 -31.71
N SER C 124 -28.14 8.94 -32.23
CA SER C 124 -27.68 10.12 -32.91
C SER C 124 -27.27 11.17 -31.90
N GLY C 125 -27.73 11.01 -30.67
CA GLY C 125 -27.52 12.02 -29.63
C GLY C 125 -28.53 13.16 -29.54
N LYS C 126 -29.59 13.14 -30.35
CA LYS C 126 -30.61 14.20 -30.28
C LYS C 126 -31.36 14.09 -28.99
N THR C 127 -31.63 12.85 -28.59
CA THR C 127 -32.15 12.55 -27.27
C THR C 127 -31.01 12.04 -26.38
N VAL C 128 -30.70 12.77 -25.31
CA VAL C 128 -29.81 12.20 -24.33
C VAL C 128 -30.60 11.32 -23.36
N GLY C 129 -30.07 10.13 -23.08
CA GLY C 129 -30.72 9.17 -22.22
C GLY C 129 -30.16 9.12 -20.80
N ALA C 130 -31.04 8.73 -19.87
CA ALA C 130 -30.71 8.51 -18.47
C ALA C 130 -31.42 7.28 -17.96
N PHE C 131 -31.01 6.86 -16.78
CA PHE C 131 -31.41 5.56 -16.25
C PHE C 131 -31.63 5.77 -14.79
N SER C 132 -32.76 5.34 -14.27
CA SER C 132 -33.07 5.63 -12.89
C SER C 132 -33.73 4.46 -12.17
N LEU C 133 -32.91 3.82 -11.36
CA LEU C 133 -33.29 2.71 -10.55
C LEU C 133 -33.16 3.04 -9.05
N THR C 134 -32.00 3.52 -8.62
CA THR C 134 -31.80 3.69 -7.17
C THR C 134 -32.61 4.88 -6.59
N GLU C 135 -32.87 4.75 -5.29
CA GLU C 135 -33.76 5.62 -4.53
C GLU C 135 -33.02 6.12 -3.33
N PRO C 136 -33.46 7.26 -2.75
CA PRO C 136 -32.68 7.92 -1.70
C PRO C 136 -32.90 7.42 -0.29
N HIS C 137 -33.66 6.36 -0.10
CA HIS C 137 -33.80 5.78 1.26
C HIS C 137 -32.76 4.69 1.44
N ALA C 138 -32.58 4.28 2.69
CA ALA C 138 -31.59 3.27 3.05
C ALA C 138 -32.19 1.84 3.04
N HIS C 143 -33.39 -3.39 -5.56
CA HIS C 143 -34.38 -4.47 -5.50
C HIS C 143 -35.73 -4.09 -4.83
N ASN C 144 -35.70 -3.55 -3.60
CA ASN C 144 -36.93 -3.20 -2.87
C ASN C 144 -37.29 -1.73 -3.10
N LEU C 145 -37.87 -1.45 -4.26
CA LEU C 145 -38.13 -0.08 -4.62
C LEU C 145 -39.40 0.34 -3.95
N ARG C 146 -39.49 1.64 -3.63
CA ARG C 146 -40.71 2.28 -3.14
C ARG C 146 -41.46 2.99 -4.27
N THR C 147 -40.78 3.27 -5.36
CA THR C 147 -41.41 3.93 -6.48
C THR C 147 -42.34 2.97 -7.16
N ARG C 148 -43.58 3.41 -7.43
CA ARG C 148 -44.56 2.48 -7.96
C ARG C 148 -45.12 2.91 -9.32
N ALA C 149 -45.60 1.92 -10.04
CA ALA C 149 -46.34 2.11 -11.30
C ALA C 149 -47.65 1.33 -11.22
N GLU C 150 -48.77 2.00 -11.50
CA GLU C 150 -50.12 1.38 -11.55
C GLU C 150 -50.73 1.54 -12.96
N LEU C 151 -51.30 0.47 -13.53
CA LEU C 151 -51.92 0.54 -14.87
C LEU C 151 -53.35 0.99 -14.72
N ARG C 152 -53.67 2.14 -15.30
CA ARG C 152 -54.96 2.79 -15.07
C ARG C 152 -55.44 3.46 -16.38
N ASP C 153 -56.57 2.95 -16.87
CA ASP C 153 -57.22 3.46 -18.07
C ASP C 153 -56.28 3.56 -19.26
N GLY C 154 -55.53 2.50 -19.52
CA GLY C 154 -54.60 2.45 -20.66
C GLY C 154 -53.29 3.20 -20.50
N LYS C 155 -52.97 3.63 -19.28
CA LYS C 155 -51.70 4.34 -19.01
C LYS C 155 -51.03 3.82 -17.77
N TRP C 156 -49.69 3.84 -17.79
CA TRP C 156 -48.91 3.58 -16.59
C TRP C 156 -48.79 4.88 -15.82
N ILE C 157 -49.14 4.82 -14.53
CA ILE C 157 -49.00 5.98 -13.66
C ILE C 157 -47.87 5.74 -12.67
N LEU C 158 -46.85 6.59 -12.70
CA LEU C 158 -45.71 6.42 -11.80
C LEU C 158 -45.67 7.41 -10.65
N ASN C 159 -45.44 6.88 -9.47
CA ASN C 159 -45.22 7.71 -8.30
C ASN C 159 -43.99 7.30 -7.55
N GLY C 160 -43.10 8.24 -7.31
CA GLY C 160 -41.84 7.89 -6.65
C GLY C 160 -40.84 9.02 -6.56
N SER C 161 -39.64 8.67 -6.07
CA SER C 161 -38.53 9.57 -5.76
C SER C 161 -37.27 8.77 -6.05
N LYS C 162 -36.41 9.33 -6.89
CA LYS C 162 -35.17 8.70 -7.35
C LYS C 162 -34.01 9.61 -7.02
N GLN C 163 -32.83 9.04 -7.01
CA GLN C 163 -31.67 9.74 -6.52
C GLN C 163 -30.57 9.70 -7.54
N PHE C 164 -29.77 10.75 -7.61
CA PHE C 164 -28.56 10.77 -8.44
C PHE C 164 -28.74 10.27 -9.86
N VAL C 165 -29.53 10.94 -10.65
CA VAL C 165 -29.63 10.53 -12.05
C VAL C 165 -28.64 11.34 -12.85
N THR C 166 -27.59 10.65 -13.29
CA THR C 166 -26.65 11.21 -14.20
C THR C 166 -27.36 11.56 -15.51
N ASN C 167 -27.03 12.73 -16.02
CA ASN C 167 -27.67 13.32 -17.18
C ASN C 167 -29.12 13.70 -16.83
N GLY C 168 -29.44 13.81 -15.55
CA GLY C 168 -30.82 14.00 -15.14
C GLY C 168 -31.52 15.22 -15.73
N ALA C 169 -30.76 16.30 -15.90
CA ALA C 169 -31.33 17.58 -16.37
C ALA C 169 -31.39 17.65 -17.88
N ARG C 170 -30.41 17.08 -18.58
CA ARG C 170 -30.36 17.22 -20.06
C ARG C 170 -30.97 16.04 -20.82
N ALA C 171 -31.21 14.92 -20.13
CA ALA C 171 -31.90 13.77 -20.76
C ALA C 171 -33.29 14.12 -21.32
N GLY C 172 -33.57 13.65 -22.53
CA GLY C 172 -34.92 13.67 -23.13
C GLY C 172 -35.72 12.41 -22.81
N LEU C 173 -35.03 11.29 -22.52
CA LEU C 173 -35.65 10.05 -22.07
C LEU C 173 -34.98 9.51 -20.82
N ALA C 174 -35.77 8.97 -19.90
CA ALA C 174 -35.24 8.23 -18.77
C ALA C 174 -35.77 6.81 -18.78
N ILE C 175 -34.92 5.85 -18.46
CA ILE C 175 -35.36 4.49 -18.21
C ILE C 175 -35.66 4.46 -16.73
N VAL C 176 -36.91 4.22 -16.37
CA VAL C 176 -37.30 4.39 -14.99
C VAL C 176 -37.89 3.11 -14.47
N PHE C 177 -37.40 2.62 -13.35
CA PHE C 177 -37.84 1.35 -12.76
C PHE C 177 -38.76 1.57 -11.57
N ALA C 178 -39.85 0.82 -11.51
CA ALA C 178 -40.84 0.95 -10.47
C ALA C 178 -41.44 -0.38 -10.04
N MET C 179 -41.95 -0.43 -8.81
CA MET C 179 -42.63 -1.62 -8.31
C MET C 179 -43.97 -1.70 -9.02
N THR C 180 -44.21 -2.78 -9.78
CA THR C 180 -45.54 -3.06 -10.37
C THR C 180 -46.30 -4.21 -9.68
N ASP C 181 -45.57 -5.12 -9.04
CA ASP C 181 -46.16 -6.27 -8.33
C ASP C 181 -45.45 -6.48 -6.98
N PRO C 182 -45.93 -5.84 -5.93
CA PRO C 182 -45.20 -5.95 -4.66
C PRO C 182 -45.12 -7.36 -4.02
N ASP C 183 -46.12 -8.21 -4.27
CA ASP C 183 -46.06 -9.57 -3.76
C ASP C 183 -44.90 -10.35 -4.40
N GLU C 184 -44.59 -10.07 -5.65
CA GLU C 184 -43.68 -10.92 -6.42
C GLU C 184 -42.19 -10.72 -6.17
N GLY C 185 -41.83 -9.76 -5.31
CA GLY C 185 -40.43 -9.57 -4.90
C GLY C 185 -39.39 -9.31 -5.98
N LYS C 186 -38.58 -10.34 -6.28
CA LYS C 186 -37.53 -10.22 -7.31
C LYS C 186 -38.11 -9.99 -8.72
N ARG C 187 -39.31 -10.50 -8.97
CA ARG C 187 -39.97 -10.24 -10.24
C ARG C 187 -41.00 -9.15 -10.07
N GLY C 188 -40.88 -8.34 -9.02
CA GLY C 188 -41.88 -7.32 -8.72
C GLY C 188 -41.73 -6.02 -9.49
N LEU C 189 -40.60 -5.88 -10.20
CA LEU C 189 -40.22 -4.65 -10.89
C LEU C 189 -40.49 -4.62 -12.38
N SER C 190 -40.76 -3.43 -12.89
CA SER C 190 -40.87 -3.25 -14.36
C SER C 190 -40.11 -2.00 -14.73
N ALA C 191 -39.77 -1.94 -16.03
CA ALA C 191 -38.96 -0.87 -16.60
C ALA C 191 -39.80 -0.07 -17.57
N PHE C 192 -39.66 1.26 -17.52
CA PHE C 192 -40.46 2.20 -18.32
C PHE C 192 -39.61 3.27 -18.97
N VAL C 193 -39.93 3.57 -20.22
CA VAL C 193 -39.31 4.68 -20.95
C VAL C 193 -40.19 5.89 -20.70
N VAL C 194 -39.64 6.90 -20.02
CA VAL C 194 -40.38 8.10 -19.68
C VAL C 194 -39.73 9.31 -20.38
N PRO C 195 -40.40 9.88 -21.40
CA PRO C 195 -39.93 11.15 -21.94
C PRO C 195 -39.86 12.14 -20.81
N THR C 196 -38.78 12.88 -20.77
CA THR C 196 -38.55 13.71 -19.62
C THR C 196 -39.46 14.93 -19.58
N ASP C 197 -40.20 15.20 -20.66
CA ASP C 197 -41.14 16.32 -20.65
C ASP C 197 -42.56 15.89 -20.31
N THR C 198 -42.74 14.61 -20.07
CA THR C 198 -43.96 14.14 -19.49
C THR C 198 -44.32 14.88 -18.18
N PRO C 199 -45.55 15.42 -18.11
CA PRO C 199 -45.99 16.10 -16.88
C PRO C 199 -45.88 15.12 -15.72
N GLY C 200 -45.44 15.60 -14.57
CA GLY C 200 -45.22 14.70 -13.42
C GLY C 200 -43.81 14.09 -13.36
N PHE C 201 -42.97 14.32 -14.37
CA PHE C 201 -41.53 13.96 -14.30
C PHE C 201 -40.74 15.18 -13.86
N ILE C 202 -40.40 15.23 -12.57
CA ILE C 202 -39.87 16.44 -11.95
C ILE C 202 -38.39 16.25 -11.60
N VAL C 203 -37.53 16.99 -12.29
CA VAL C 203 -36.09 17.04 -12.08
C VAL C 203 -35.71 18.12 -11.07
N GLY C 204 -35.06 17.71 -9.98
CA GLY C 204 -34.60 18.66 -8.95
C GLY C 204 -33.23 19.25 -9.27
N LYS C 205 -32.65 19.97 -8.31
CA LYS C 205 -31.41 20.69 -8.57
C LYS C 205 -30.24 19.72 -8.68
N PRO C 206 -29.28 20.04 -9.53
CA PRO C 206 -28.12 19.19 -9.66
C PRO C 206 -27.30 19.17 -8.38
N GLU C 207 -26.78 18.00 -8.05
CA GLU C 207 -26.02 17.82 -6.85
C GLU C 207 -24.68 18.57 -6.96
N LYS C 208 -24.17 19.03 -5.82
CA LYS C 208 -22.89 19.72 -5.74
C LYS C 208 -21.82 18.71 -5.37
N LYS C 209 -20.93 18.48 -6.29
CA LYS C 209 -20.01 17.34 -6.19
C LYS C 209 -18.59 17.85 -6.18
N MET C 210 -17.70 17.06 -5.60
CA MET C 210 -16.27 17.44 -5.54
C MET C 210 -15.64 17.50 -6.94
N GLY C 211 -16.02 16.56 -7.80
CA GLY C 211 -15.50 16.46 -9.16
C GLY C 211 -16.57 16.15 -10.17
N ILE C 212 -16.16 15.88 -11.39
CA ILE C 212 -17.03 15.75 -12.56
C ILE C 212 -18.16 16.74 -12.45
N ARG C 213 -17.78 17.96 -12.11
CA ARG C 213 -18.70 18.98 -11.76
C ARG C 213 -19.63 19.42 -12.89
N ALA C 214 -19.20 19.29 -14.13
CA ALA C 214 -20.04 19.66 -15.25
C ALA C 214 -20.98 18.54 -15.68
N SER C 215 -20.88 17.36 -15.05
CA SER C 215 -21.84 16.27 -15.33
C SER C 215 -23.05 16.43 -14.45
N ASP C 216 -24.18 16.73 -15.06
CA ASP C 216 -25.40 16.94 -14.28
C ASP C 216 -25.85 15.65 -13.60
N THR C 217 -26.02 15.74 -12.30
CA THR C 217 -26.47 14.65 -11.50
C THR C 217 -27.62 15.16 -10.66
N CYS C 218 -28.83 14.65 -10.95
CA CYS C 218 -30.07 15.20 -10.36
C CYS C 218 -31.00 14.19 -9.69
N PRO C 219 -31.56 14.54 -8.54
CA PRO C 219 -32.66 13.77 -8.04
C PRO C 219 -33.84 13.96 -8.96
N ILE C 220 -34.73 12.97 -9.01
CA ILE C 220 -35.98 13.02 -9.80
C ILE C 220 -37.18 12.47 -9.03
N THR C 221 -38.32 13.14 -9.14
CA THR C 221 -39.56 12.60 -8.61
C THR C 221 -40.59 12.40 -9.71
N LEU C 222 -41.40 11.38 -9.50
CA LEU C 222 -42.49 11.02 -10.38
C LEU C 222 -43.76 11.27 -9.58
N GLU C 223 -44.65 12.11 -10.11
CA GLU C 223 -45.85 12.57 -9.39
C GLU C 223 -47.01 12.42 -10.34
N ASN C 224 -47.76 11.34 -10.15
CA ASN C 224 -48.76 10.97 -11.13
C ASN C 224 -48.21 11.17 -12.54
N CYS C 225 -47.05 10.59 -12.79
CA CYS C 225 -46.42 10.65 -14.10
C CYS C 225 -47.06 9.57 -14.95
N ALA C 226 -47.92 10.00 -15.86
CA ALA C 226 -48.75 9.11 -16.64
C ALA C 226 -48.13 8.98 -18.01
N ILE C 227 -47.87 7.74 -18.41
CA ILE C 227 -47.29 7.44 -19.72
C ILE C 227 -48.09 6.35 -20.43
N PRO C 228 -48.01 6.33 -21.77
CA PRO C 228 -48.69 5.31 -22.55
C PRO C 228 -48.32 3.88 -22.17
N GLN C 229 -49.32 3.02 -22.12
CA GLN C 229 -49.15 1.61 -21.82
C GLN C 229 -47.97 0.95 -22.57
N GLU C 230 -47.76 1.37 -23.81
CA GLU C 230 -46.72 0.82 -24.67
C GLU C 230 -45.30 1.32 -24.32
N ASN C 231 -45.18 2.13 -23.28
CA ASN C 231 -43.88 2.56 -22.79
C ASN C 231 -43.26 1.63 -21.77
N LEU C 232 -44.02 0.61 -21.38
CA LEU C 232 -43.46 -0.47 -20.62
C LEU C 232 -42.33 -1.09 -21.42
N LEU C 233 -41.11 -1.14 -20.87
CA LEU C 233 -39.98 -1.75 -21.60
C LEU C 233 -39.82 -3.21 -21.16
N GLY C 234 -39.88 -4.13 -22.11
CA GLY C 234 -39.90 -5.54 -21.79
C GLY C 234 -41.22 -5.93 -21.15
N LYS C 235 -41.22 -7.09 -20.49
CA LYS C 235 -42.44 -7.64 -19.91
C LYS C 235 -42.51 -7.24 -18.45
N ARG C 236 -43.74 -7.17 -17.99
CA ARG C 236 -44.03 -6.78 -16.63
C ARG C 236 -43.33 -7.73 -15.69
N GLY C 237 -42.62 -7.17 -14.72
CA GLY C 237 -41.86 -8.01 -13.78
C GLY C 237 -40.42 -8.29 -14.18
N GLU C 238 -40.02 -7.81 -15.35
CA GLU C 238 -38.66 -8.06 -15.87
C GLU C 238 -37.66 -6.91 -15.54
N GLY C 239 -38.07 -6.01 -14.65
CA GLY C 239 -37.34 -4.75 -14.43
C GLY C 239 -35.97 -4.95 -13.82
N LEU C 240 -35.86 -5.91 -12.88
CA LEU C 240 -34.62 -6.17 -12.17
C LEU C 240 -33.58 -6.67 -13.15
N LYS C 241 -33.99 -7.66 -13.91
CA LYS C 241 -33.20 -8.28 -14.95
C LYS C 241 -32.72 -7.25 -15.96
N ILE C 242 -33.62 -6.36 -16.36
CA ILE C 242 -33.24 -5.27 -17.25
C ILE C 242 -32.27 -4.32 -16.56
N ALA C 243 -32.55 -3.96 -15.31
CA ALA C 243 -31.65 -3.08 -14.54
C ALA C 243 -30.24 -3.64 -14.40
N LEU C 244 -30.08 -4.96 -14.55
CA LEU C 244 -28.80 -5.59 -14.32
C LEU C 244 -28.10 -6.04 -15.58
N SER C 245 -28.62 -5.68 -16.76
CA SER C 245 -28.16 -6.28 -18.02
C SER C 245 -27.12 -5.48 -18.79
N ASN C 246 -26.67 -4.33 -18.26
CA ASN C 246 -25.58 -3.57 -18.89
C ASN C 246 -24.44 -3.26 -17.90
N LEU C 247 -24.35 -4.09 -16.86
CA LEU C 247 -23.30 -3.97 -15.86
C LEU C 247 -21.89 -4.10 -16.48
N GLU C 248 -21.74 -4.98 -17.47
CA GLU C 248 -20.46 -5.26 -18.13
C GLU C 248 -19.98 -4.04 -18.90
N GLY C 249 -20.89 -3.52 -19.72
CA GLY C 249 -20.65 -2.35 -20.53
C GLY C 249 -20.40 -1.12 -19.70
N GLY C 250 -21.22 -0.88 -18.67
CA GLY C 250 -21.02 0.29 -17.78
C GLY C 250 -19.64 0.30 -17.12
N ARG C 251 -19.25 -0.87 -16.67
CA ARG C 251 -18.02 -1.08 -15.94
C ARG C 251 -16.80 -1.03 -16.82
N ILE C 252 -16.91 -1.56 -18.04
CA ILE C 252 -15.88 -1.32 -19.05
C ILE C 252 -15.67 0.17 -19.30
N GLY C 253 -16.75 0.95 -19.36
CA GLY C 253 -16.62 2.37 -19.71
C GLY C 253 -16.02 3.21 -18.58
N ILE C 254 -16.41 2.92 -17.35
CA ILE C 254 -15.82 3.62 -16.21
C ILE C 254 -14.32 3.28 -15.99
N ALA C 255 -13.93 2.04 -16.24
CA ALA C 255 -12.55 1.64 -16.20
C ALA C 255 -11.78 2.40 -17.28
N ALA C 256 -12.37 2.53 -18.46
CA ALA C 256 -11.72 3.37 -19.49
C ALA C 256 -11.63 4.84 -19.07
N GLN C 257 -12.67 5.36 -18.40
CA GLN C 257 -12.68 6.73 -17.94
C GLN C 257 -11.56 6.97 -16.89
N ALA C 258 -11.47 6.07 -15.90
CA ALA C 258 -10.43 6.10 -14.86
C ALA C 258 -9.05 6.11 -15.50
N THR C 259 -8.86 5.26 -16.53
CA THR C 259 -7.59 5.18 -17.27
C THR C 259 -7.22 6.51 -17.95
N GLY C 260 -8.20 7.16 -18.58
CA GLY C 260 -7.95 8.41 -19.28
C GLY C 260 -7.64 9.55 -18.33
N ILE C 261 -8.36 9.59 -17.21
CA ILE C 261 -8.11 10.63 -16.21
C ILE C 261 -6.69 10.52 -15.67
N ALA C 262 -6.30 9.30 -15.30
CA ALA C 262 -4.95 9.02 -14.79
C ALA C 262 -3.90 9.39 -15.83
N ARG C 263 -4.17 9.06 -17.09
CA ARG C 263 -3.26 9.33 -18.22
C ARG C 263 -3.01 10.84 -18.47
N ALA C 264 -4.06 11.64 -18.39
CA ALA C 264 -3.95 13.09 -18.46
C ALA C 264 -3.05 13.66 -17.39
N ALA C 265 -3.21 13.19 -16.14
CA ALA C 265 -2.41 13.69 -15.03
C ALA C 265 -0.99 13.19 -15.14
N PHE C 266 -0.85 11.92 -15.50
CA PHE C 266 0.48 11.35 -15.79
C PHE C 266 1.23 12.10 -16.89
N ASP C 267 0.52 12.54 -17.93
CA ASP C 267 1.18 13.23 -19.06
C ASP C 267 1.63 14.60 -18.65
N ARG C 268 0.81 15.27 -17.83
CA ARG C 268 1.17 16.58 -17.29
C ARG C 268 2.39 16.45 -16.37
N ALA C 269 2.39 15.44 -15.52
CA ALA C 269 3.45 15.28 -14.53
C ALA C 269 4.79 14.92 -15.19
N ARG C 270 4.77 14.02 -16.17
CA ARG C 270 6.02 13.65 -16.78
C ARG C 270 6.58 14.77 -17.63
N ARG C 271 5.72 15.57 -18.24
CA ARG C 271 6.19 16.69 -19.01
C ARG C 271 6.83 17.73 -18.05
N TYR C 272 6.15 17.97 -16.94
CA TYR C 272 6.64 18.87 -15.90
C TYR C 272 7.99 18.42 -15.32
N ALA C 273 8.16 17.12 -15.11
CA ALA C 273 9.39 16.58 -14.52
C ALA C 273 10.57 16.71 -15.48
N ARG C 274 10.33 16.67 -16.79
CA ARG C 274 11.38 16.90 -17.79
C ARG C 274 11.81 18.40 -17.90
N GLU C 275 10.89 19.31 -17.63
CA GLU C 275 11.10 20.76 -17.77
C GLU C 275 11.56 21.42 -16.46
N ARG C 276 11.07 20.96 -15.31
CA ARG C 276 11.41 21.58 -14.04
C ARG C 276 12.78 21.15 -13.55
N VAL C 277 13.54 22.11 -13.02
CA VAL C 277 14.92 21.91 -12.53
C VAL C 277 14.99 22.20 -11.01
N GLN C 278 15.44 21.21 -10.22
CA GLN C 278 15.76 21.41 -8.77
C GLN C 278 17.04 20.62 -8.48
N PHE C 279 17.88 21.14 -7.60
CA PHE C 279 19.25 20.61 -7.35
C PHE C 279 20.10 20.42 -8.63
N GLY C 280 19.94 21.31 -9.60
CA GLY C 280 20.78 21.32 -10.82
C GLY C 280 20.60 20.17 -11.80
N LYS C 281 19.38 19.64 -11.89
CA LYS C 281 19.01 18.64 -12.91
C LYS C 281 17.47 18.62 -13.04
N PRO C 282 16.95 18.27 -14.24
CA PRO C 282 15.50 18.08 -14.34
C PRO C 282 15.02 17.10 -13.26
N ILE C 283 13.87 17.38 -12.65
CA ILE C 283 13.48 16.55 -11.51
C ILE C 283 13.17 15.11 -11.92
N ALA C 284 12.94 14.87 -13.22
CA ALA C 284 12.76 13.51 -13.71
C ALA C 284 14.05 12.71 -13.53
N GLU C 285 15.18 13.37 -13.37
CA GLU C 285 16.46 12.67 -13.12
C GLU C 285 16.64 12.34 -11.63
N HIS C 286 15.73 12.76 -10.74
CA HIS C 286 15.80 12.34 -9.32
C HIS C 286 15.17 10.98 -9.23
N GLN C 287 15.83 10.10 -8.50
CA GLN C 287 15.34 8.71 -8.41
C GLN C 287 13.91 8.54 -7.87
N ALA C 288 13.55 9.36 -6.87
CA ALA C 288 12.22 9.28 -6.23
C ALA C 288 11.15 9.70 -7.20
N ILE C 289 11.47 10.68 -8.01
CA ILE C 289 10.53 11.13 -9.00
C ILE C 289 10.36 10.08 -10.08
N ALA C 290 11.49 9.61 -10.58
CA ALA C 290 11.53 8.55 -11.59
C ALA C 290 10.73 7.33 -11.18
N GLU C 291 10.88 6.94 -9.90
CA GLU C 291 10.13 5.82 -9.39
C GLU C 291 8.64 6.04 -9.42
N LYS C 292 8.18 7.27 -9.14
CA LYS C 292 6.77 7.52 -9.22
C LYS C 292 6.34 7.43 -10.66
N LEU C 293 7.10 8.02 -11.57
CA LEU C 293 6.72 8.00 -12.98
C LEU C 293 6.63 6.58 -13.53
N ALA C 294 7.56 5.70 -13.12
CA ALA C 294 7.51 4.32 -13.57
C ALA C 294 6.28 3.60 -12.97
N ASN C 295 5.96 3.90 -11.72
CA ASN C 295 4.83 3.23 -11.09
C ASN C 295 3.54 3.69 -11.77
N MET C 296 3.47 4.99 -12.09
CA MET C 296 2.32 5.57 -12.78
C MET C 296 2.05 4.88 -14.12
N ALA C 297 3.11 4.74 -14.92
CA ALA C 297 3.03 4.17 -16.27
C ALA C 297 2.65 2.70 -16.20
N THR C 298 3.29 1.97 -15.29
CA THR C 298 2.94 0.57 -15.03
C THR C 298 1.45 0.37 -14.71
N GLN C 299 0.95 1.14 -13.77
CA GLN C 299 -0.39 0.98 -13.28
C GLN C 299 -1.43 1.39 -14.35
N ILE C 300 -1.14 2.48 -15.08
CA ILE C 300 -2.02 2.90 -16.15
C ILE C 300 -2.07 1.82 -17.21
N ASN C 301 -0.90 1.30 -17.61
CA ASN C 301 -0.88 0.23 -18.61
C ASN C 301 -1.65 -1.02 -18.19
N ALA C 302 -1.54 -1.38 -16.91
CA ALA C 302 -2.23 -2.56 -16.39
C ALA C 302 -3.72 -2.33 -16.40
N ALA C 303 -4.13 -1.10 -16.08
CA ALA C 303 -5.54 -0.76 -16.06
C ALA C 303 -6.11 -0.83 -17.46
N ARG C 304 -5.34 -0.34 -18.44
CA ARG C 304 -5.78 -0.38 -19.83
C ARG C 304 -5.83 -1.83 -20.36
N LEU C 305 -4.84 -2.62 -20.04
CA LEU C 305 -4.86 -4.02 -20.44
C LEU C 305 -6.07 -4.80 -19.84
N LEU C 306 -6.42 -4.55 -18.59
CA LEU C 306 -7.60 -5.20 -17.97
C LEU C 306 -8.93 -4.79 -18.66
N THR C 307 -9.01 -3.52 -18.99
CA THR C 307 -10.18 -2.95 -19.60
C THR C 307 -10.41 -3.57 -20.99
N HIS C 308 -9.37 -3.61 -21.82
CA HIS C 308 -9.45 -4.07 -23.19
C HIS C 308 -9.66 -5.58 -23.26
N HIS C 309 -9.07 -6.32 -22.33
CA HIS C 309 -9.38 -7.74 -22.15
C HIS C 309 -10.86 -7.95 -21.86
N ALA C 310 -11.42 -7.15 -20.98
CA ALA C 310 -12.86 -7.25 -20.69
C ALA C 310 -13.69 -6.91 -21.92
N ALA C 311 -13.37 -5.79 -22.52
CA ALA C 311 -13.94 -5.38 -23.79
C ALA C 311 -13.90 -6.47 -24.87
N ARG C 312 -12.79 -7.21 -24.95
CA ARG C 312 -12.60 -8.20 -25.97
C ARG C 312 -13.54 -9.40 -25.73
N LEU C 313 -13.65 -9.81 -24.47
CA LEU C 313 -14.63 -10.80 -24.06
C LEU C 313 -16.06 -10.33 -24.37
N ARG C 314 -16.35 -9.07 -24.07
CA ARG C 314 -17.70 -8.54 -24.27
C ARG C 314 -18.05 -8.44 -25.77
N THR C 315 -17.10 -8.06 -26.59
CA THR C 315 -17.29 -7.96 -28.03
C THR C 315 -17.70 -9.31 -28.61
N ALA C 316 -17.05 -10.39 -28.15
CA ALA C 316 -17.37 -11.74 -28.57
C ALA C 316 -18.55 -12.36 -27.83
N GLY C 317 -19.37 -11.57 -27.15
CA GLY C 317 -20.53 -12.11 -26.41
C GLY C 317 -20.20 -13.16 -25.34
N LEU C 318 -18.93 -13.27 -24.95
CA LEU C 318 -18.54 -14.11 -23.82
C LEU C 318 -18.94 -13.45 -22.51
N PRO C 319 -19.19 -14.27 -21.47
CA PRO C 319 -19.51 -13.75 -20.14
C PRO C 319 -18.30 -13.08 -19.52
N CYS C 320 -18.47 -11.92 -18.92
CA CYS C 320 -17.32 -11.13 -18.55
C CYS C 320 -17.60 -10.13 -17.43
N LEU C 321 -18.57 -10.42 -16.57
CA LEU C 321 -18.89 -9.51 -15.48
C LEU C 321 -17.73 -9.37 -14.48
N SER C 322 -17.05 -10.47 -14.19
CA SER C 322 -15.88 -10.46 -13.31
C SER C 322 -14.75 -9.66 -13.96
N GLU C 323 -14.37 -10.02 -15.20
CA GLU C 323 -13.36 -9.24 -15.93
C GLU C 323 -13.67 -7.73 -16.06
N ALA C 324 -14.91 -7.36 -16.31
CA ALA C 324 -15.33 -5.97 -16.34
C ALA C 324 -15.19 -5.30 -14.98
N SER C 325 -15.50 -6.04 -13.91
CA SER C 325 -15.45 -5.55 -12.54
C SER C 325 -14.03 -5.43 -12.01
N GLN C 326 -13.18 -6.40 -12.38
CA GLN C 326 -11.76 -6.30 -12.10
C GLN C 326 -11.18 -5.02 -12.66
N ALA C 327 -11.54 -4.71 -13.91
CA ALA C 327 -10.96 -3.60 -14.62
C ALA C 327 -11.41 -2.30 -14.00
N LYS C 328 -12.68 -2.23 -13.65
CA LYS C 328 -13.26 -1.06 -13.05
C LYS C 328 -12.71 -0.88 -11.65
N LEU C 329 -12.70 -1.94 -10.86
CA LEU C 329 -12.03 -1.91 -9.53
C LEU C 329 -10.58 -1.40 -9.65
N PHE C 330 -9.79 -2.08 -10.49
CA PHE C 330 -8.35 -1.77 -10.63
C PHE C 330 -8.09 -0.36 -11.15
N ALA C 331 -8.79 0.01 -12.22
CA ALA C 331 -8.54 1.30 -12.87
C ALA C 331 -8.95 2.41 -11.91
N SER C 332 -10.07 2.23 -11.21
CA SER C 332 -10.55 3.30 -10.32
C SER C 332 -9.59 3.57 -9.14
N GLU C 333 -9.10 2.51 -8.51
CA GLU C 333 -8.15 2.67 -7.39
C GLU C 333 -6.80 3.23 -7.84
N MET C 334 -6.38 2.79 -8.99
CA MET C 334 -5.12 3.23 -9.56
C MET C 334 -5.23 4.73 -9.88
N ALA C 335 -6.35 5.16 -10.43
CA ALA C 335 -6.44 6.55 -10.89
C ALA C 335 -6.21 7.53 -9.74
N GLU C 336 -6.79 7.28 -8.57
CA GLU C 336 -6.52 8.09 -7.37
C GLU C 336 -4.99 8.10 -7.07
N ALA C 337 -4.33 6.93 -7.05
CA ALA C 337 -2.90 6.91 -6.68
C ALA C 337 -2.00 7.59 -7.72
N VAL C 338 -2.34 7.48 -8.99
CA VAL C 338 -1.57 8.14 -10.07
C VAL C 338 -1.79 9.65 -10.01
N CYS C 339 -3.04 10.09 -9.89
CA CYS C 339 -3.32 11.52 -9.76
C CYS C 339 -2.67 12.10 -8.54
N SER C 340 -2.63 11.34 -7.45
CA SER C 340 -1.96 11.85 -6.22
C SER C 340 -0.45 12.05 -6.47
N ASP C 341 0.14 11.04 -7.09
CA ASP C 341 1.51 11.14 -7.53
C ASP C 341 1.74 12.30 -8.48
N ALA C 342 0.79 12.55 -9.35
CA ALA C 342 0.95 13.63 -10.33
C ALA C 342 0.96 15.00 -9.62
N ILE C 343 0.14 15.16 -8.58
CA ILE C 343 0.16 16.36 -7.77
C ILE C 343 1.55 16.48 -7.10
N GLN C 344 2.03 15.37 -6.55
CA GLN C 344 3.24 15.40 -5.75
C GLN C 344 4.44 15.83 -6.60
N ILE C 345 4.53 15.35 -7.83
CA ILE C 345 5.64 15.69 -8.72
C ILE C 345 5.68 17.19 -9.09
N HIS C 346 4.53 17.84 -9.00
CA HIS C 346 4.40 19.28 -9.19
C HIS C 346 4.73 20.12 -7.95
N GLY C 347 4.94 19.47 -6.79
CA GLY C 347 5.17 20.28 -5.57
C GLY C 347 3.98 21.17 -5.31
N GLY C 348 4.25 22.41 -4.90
CA GLY C 348 3.18 23.32 -4.49
C GLY C 348 2.24 23.63 -5.63
N TYR C 349 2.77 23.60 -6.85
CA TYR C 349 1.97 23.91 -8.02
C TYR C 349 0.89 22.87 -8.19
N GLY C 350 1.18 21.63 -7.80
CA GLY C 350 0.20 20.55 -7.89
C GLY C 350 -1.10 20.85 -7.17
N PHE C 351 -1.06 21.62 -6.10
CA PHE C 351 -2.26 22.02 -5.34
C PHE C 351 -3.04 23.16 -6.03
N LEU C 352 -2.53 23.70 -7.11
CA LEU C 352 -3.11 24.91 -7.71
C LEU C 352 -4.03 24.54 -8.84
N VAL C 353 -5.15 25.23 -8.86
CA VAL C 353 -6.15 25.02 -9.89
C VAL C 353 -5.57 25.14 -11.29
N ASP C 354 -4.72 26.14 -11.50
CA ASP C 354 -4.25 26.43 -12.85
C ASP C 354 -3.34 25.34 -13.37
N TYR C 355 -2.80 24.50 -12.48
CA TYR C 355 -1.99 23.35 -12.96
C TYR C 355 -2.78 22.10 -13.27
N GLU C 356 -4.09 22.14 -13.06
CA GLU C 356 -5.04 21.13 -13.56
C GLU C 356 -4.99 19.72 -12.97
N VAL C 357 -3.85 19.26 -12.49
CA VAL C 357 -3.78 17.92 -11.91
C VAL C 357 -4.69 17.82 -10.67
N GLU C 358 -4.97 18.94 -10.00
CA GLU C 358 -5.90 18.89 -8.89
C GLU C 358 -7.32 18.60 -9.38
N ARG C 359 -7.67 19.06 -10.59
CA ARG C 359 -8.95 18.69 -11.16
C ARG C 359 -8.99 17.17 -11.46
N HIS C 360 -7.94 16.67 -12.11
CA HIS C 360 -7.85 15.22 -12.40
C HIS C 360 -8.04 14.34 -11.13
N TYR C 361 -7.38 14.71 -10.05
CA TYR C 361 -7.55 14.06 -8.75
C TYR C 361 -8.98 14.09 -8.21
N ARG C 362 -9.61 15.26 -8.24
CA ARG C 362 -10.95 15.38 -7.77
C ARG C 362 -11.87 14.48 -8.61
N ASP C 363 -11.70 14.54 -9.93
CA ASP C 363 -12.55 13.83 -10.86
C ASP C 363 -12.42 12.32 -10.71
N ALA C 364 -11.23 11.84 -10.42
CA ALA C 364 -10.98 10.41 -10.46
C ALA C 364 -11.59 9.71 -9.24
N ARG C 365 -11.73 10.46 -8.15
CA ARG C 365 -12.20 9.89 -6.92
C ARG C 365 -13.58 9.27 -7.07
N ILE C 366 -14.43 9.82 -7.97
CA ILE C 366 -15.76 9.26 -8.14
C ILE C 366 -15.72 7.87 -8.76
N THR C 367 -14.65 7.50 -9.44
CA THR C 367 -14.67 6.24 -10.17
C THR C 367 -14.71 5.03 -9.29
N GLN C 368 -14.30 5.19 -8.04
CA GLN C 368 -14.37 4.11 -7.09
C GLN C 368 -15.75 3.92 -6.47
N ILE C 369 -16.66 4.84 -6.78
CA ILE C 369 -17.93 4.85 -6.12
C ILE C 369 -19.03 4.48 -7.06
N TYR C 370 -19.16 5.20 -8.15
CA TYR C 370 -20.29 4.94 -8.99
C TYR C 370 -20.06 3.79 -9.97
N GLU C 371 -21.14 3.35 -10.63
CA GLU C 371 -21.18 2.15 -11.45
C GLU C 371 -20.82 0.92 -10.61
N GLY C 372 -21.33 0.90 -9.39
CA GLY C 372 -20.99 -0.09 -8.39
C GLY C 372 -19.73 0.25 -7.61
N THR C 373 -19.87 0.35 -6.28
CA THR C 373 -18.76 0.68 -5.44
C THR C 373 -17.69 -0.40 -5.51
N SER C 374 -16.46 -0.03 -5.20
CA SER C 374 -15.39 -1.04 -5.07
C SER C 374 -15.82 -2.27 -4.26
N GLU C 375 -16.60 -2.00 -3.22
CA GLU C 375 -17.02 -3.08 -2.34
C GLU C 375 -17.92 -4.04 -3.16
N VAL C 376 -18.76 -3.46 -4.00
CA VAL C 376 -19.63 -4.26 -4.85
C VAL C 376 -18.81 -5.01 -5.89
N GLN C 377 -17.78 -4.37 -6.44
CA GLN C 377 -16.97 -5.01 -7.46
C GLN C 377 -16.30 -6.26 -6.90
N ARG C 378 -15.71 -6.13 -5.72
CA ARG C 378 -15.04 -7.21 -5.07
C ARG C 378 -15.94 -8.42 -4.80
N MET C 379 -17.19 -8.13 -4.48
CA MET C 379 -18.19 -9.17 -4.14
C MET C 379 -18.46 -10.04 -5.35
N VAL C 380 -18.59 -9.46 -6.53
CA VAL C 380 -18.89 -10.26 -7.69
C VAL C 380 -17.66 -11.07 -8.05
N ILE C 381 -16.47 -10.47 -7.96
CA ILE C 381 -15.25 -11.11 -8.40
C ILE C 381 -15.04 -12.35 -7.52
N ALA C 382 -15.19 -12.15 -6.20
CA ALA C 382 -15.12 -13.23 -5.22
C ALA C 382 -16.16 -14.31 -5.43
N ARG C 383 -17.38 -13.92 -5.78
CA ARG C 383 -18.49 -14.88 -5.95
C ARG C 383 -18.13 -15.99 -6.94
N GLN C 384 -17.35 -15.68 -7.96
CA GLN C 384 -16.97 -16.67 -8.97
C GLN C 384 -15.68 -17.40 -8.69
N LEU C 385 -15.05 -17.19 -7.52
CA LEU C 385 -13.77 -17.82 -7.14
C LEU C 385 -13.89 -18.94 -6.13
N ASP D 10 -8.53 11.45 28.12
CA ASP D 10 -7.60 12.58 28.40
C ASP D 10 -6.73 12.35 29.64
N ASP D 11 -6.76 11.13 30.15
CA ASP D 11 -6.16 10.83 31.45
C ASP D 11 -4.64 10.91 31.42
N LEU D 12 -4.02 10.57 30.30
CA LEU D 12 -2.55 10.57 30.24
C LEU D 12 -1.89 11.95 30.05
N TYR D 13 -2.67 13.01 29.82
CA TYR D 13 -2.12 14.35 29.58
C TYR D 13 -1.94 15.09 30.90
N THR D 14 -1.11 16.12 30.88
CA THR D 14 -0.85 16.93 32.06
C THR D 14 -2.01 17.86 32.27
N GLU D 15 -1.93 18.68 33.31
CA GLU D 15 -3.02 19.58 33.61
C GLU D 15 -3.00 20.75 32.65
N ASP D 16 -1.85 21.38 32.44
CA ASP D 16 -1.71 22.36 31.36
C ASP D 16 -2.27 21.85 30.03
N GLN D 17 -1.89 20.63 29.64
CA GLN D 17 -2.30 20.09 28.36
C GLN D 17 -3.79 19.86 28.27
N ARG D 18 -4.42 19.44 29.37
CA ARG D 18 -5.85 19.15 29.34
C ARG D 18 -6.62 20.48 29.33
N MET D 19 -6.09 21.51 29.97
CA MET D 19 -6.70 22.83 29.89
C MET D 19 -6.68 23.38 28.46
N ILE D 20 -5.56 23.26 27.76
CA ILE D 20 -5.52 23.78 26.42
C ILE D 20 -6.50 22.98 25.57
N LEU D 21 -6.60 21.67 25.81
CA LEU D 21 -7.43 20.79 24.99
C LEU D 21 -8.90 21.14 25.11
N ASP D 22 -9.33 21.36 26.34
CA ASP D 22 -10.69 21.79 26.60
C ASP D 22 -11.01 23.12 25.95
N ALA D 23 -10.10 24.07 26.10
CA ALA D 23 -10.34 25.40 25.57
C ALA D 23 -10.44 25.33 24.05
N ALA D 24 -9.51 24.57 23.48
CA ALA D 24 -9.49 24.36 22.05
C ALA D 24 -10.73 23.64 21.58
N ARG D 25 -11.06 22.50 22.20
CA ARG D 25 -12.30 21.78 21.88
C ARG D 25 -13.50 22.71 21.84
N ALA D 26 -13.71 23.49 22.89
CA ALA D 26 -14.94 24.33 22.97
C ALA D 26 -14.98 25.44 21.88
N PHE D 27 -13.83 26.06 21.64
CA PHE D 27 -13.72 27.03 20.55
C PHE D 27 -14.07 26.38 19.19
N CYS D 28 -13.45 25.26 18.91
N CYS D 28 -13.43 25.26 18.88
CA CYS D 28 -13.65 24.55 17.69
CA CYS D 28 -13.69 24.46 17.65
C CYS D 28 -15.11 24.08 17.47
C CYS D 28 -15.16 24.14 17.48
N ALA D 29 -15.74 23.47 18.48
CA ALA D 29 -17.15 23.08 18.41
C ALA D 29 -18.08 24.29 18.21
N GLU D 30 -17.84 25.37 18.93
CA GLU D 30 -18.73 26.51 18.91
C GLU D 30 -18.49 27.48 17.72
N VAL D 31 -17.26 27.61 17.23
CA VAL D 31 -16.96 28.67 16.28
C VAL D 31 -16.41 28.17 14.94
N LEU D 32 -15.53 27.17 14.95
CA LEU D 32 -14.90 26.72 13.71
C LEU D 32 -15.80 25.76 12.94
N ALA D 33 -16.09 24.63 13.56
CA ALA D 33 -16.81 23.51 12.89
C ALA D 33 -18.11 23.93 12.20
N PRO D 34 -18.91 24.82 12.84
CA PRO D 34 -20.20 25.17 12.16
C PRO D 34 -19.98 26.06 10.96
N ASN D 35 -18.82 26.67 10.85
CA ASN D 35 -18.61 27.66 9.80
C ASN D 35 -17.64 27.34 8.68
N ALA D 36 -16.89 26.25 8.83
CA ALA D 36 -15.82 25.94 7.93
C ALA D 36 -16.31 25.72 6.49
N ALA D 37 -17.50 25.12 6.34
CA ALA D 37 -18.00 24.87 4.99
C ALA D 37 -18.18 26.20 4.24
N GLN D 38 -18.80 27.15 4.92
CA GLN D 38 -18.97 28.49 4.36
C GLN D 38 -17.63 29.11 4.00
N TRP D 39 -16.71 29.12 4.94
CA TRP D 39 -15.34 29.65 4.69
C TRP D 39 -14.63 29.03 3.51
N ASP D 40 -14.76 27.72 3.35
CA ASP D 40 -14.21 27.05 2.18
C ASP D 40 -14.91 27.54 0.92
N ARG D 41 -16.23 27.60 0.99
CA ARG D 41 -16.99 27.95 -0.21
C ARG D 41 -16.68 29.42 -0.61
N GLU D 42 -16.50 30.31 0.36
CA GLU D 42 -16.22 31.72 0.04
C GLU D 42 -14.72 32.02 -0.04
N SER D 43 -13.88 31.01 0.20
CA SER D 43 -12.39 31.17 0.26
C SER D 43 -11.93 32.31 1.14
N HIS D 44 -12.40 32.32 2.37
CA HIS D 44 -12.16 33.49 3.20
C HIS D 44 -12.53 33.24 4.65
N LEU D 45 -11.56 33.54 5.51
CA LEU D 45 -11.65 33.35 6.94
C LEU D 45 -11.90 34.72 7.54
N PRO D 46 -12.98 34.89 8.30
CA PRO D 46 -13.22 36.24 8.75
C PRO D 46 -12.18 36.70 9.75
N ASP D 47 -11.89 38.00 9.76
CA ASP D 47 -10.83 38.54 10.62
C ASP D 47 -11.23 38.45 12.08
N GLU D 48 -12.53 38.52 12.37
CA GLU D 48 -12.91 38.43 13.77
C GLU D 48 -12.67 37.04 14.33
N VAL D 49 -12.67 36.03 13.47
CA VAL D 49 -12.30 34.70 13.96
C VAL D 49 -10.79 34.68 14.25
N VAL D 50 -10.00 35.30 13.40
CA VAL D 50 -8.56 35.38 13.65
C VAL D 50 -8.31 36.09 15.00
N ALA D 51 -8.99 37.24 15.20
CA ALA D 51 -8.84 38.06 16.43
C ALA D 51 -9.21 37.27 17.67
N GLN D 52 -10.29 36.53 17.54
CA GLN D 52 -10.72 35.69 18.63
C GLN D 52 -9.70 34.58 18.91
N MET D 53 -9.11 33.98 17.87
CA MET D 53 -8.00 33.08 18.14
C MET D 53 -6.85 33.80 18.91
N GLY D 54 -6.55 35.03 18.53
CA GLY D 54 -5.59 35.89 19.27
C GLY D 54 -5.89 35.99 20.76
N GLU D 55 -7.12 36.36 21.08
CA GLU D 55 -7.55 36.61 22.46
C GLU D 55 -7.44 35.40 23.30
N LEU D 56 -7.72 34.24 22.71
CA LEU D 56 -7.64 33.00 23.43
C LEU D 56 -6.22 32.49 23.59
N GLY D 57 -5.24 33.13 22.95
CA GLY D 57 -3.80 32.73 23.08
C GLY D 57 -3.29 31.74 22.04
N PHE D 58 -4.15 31.41 21.08
CA PHE D 58 -3.81 30.47 20.01
C PHE D 58 -2.76 30.97 19.03
N LEU D 59 -2.49 32.26 19.01
CA LEU D 59 -1.48 32.83 18.13
C LEU D 59 -0.19 33.19 18.84
N GLY D 60 -0.02 32.74 20.07
CA GLY D 60 1.29 32.86 20.73
C GLY D 60 1.64 31.64 21.56
N MET D 61 1.24 30.46 21.07
CA MET D 61 1.36 29.25 21.86
C MET D 61 2.82 28.75 21.99
N ILE D 62 3.70 29.32 21.19
CA ILE D 62 5.10 28.99 21.31
C ILE D 62 5.91 30.27 21.43
N VAL D 63 5.29 31.24 22.09
CA VAL D 63 5.96 32.44 22.61
C VAL D 63 5.84 32.45 24.15
N PRO D 64 6.94 32.69 24.87
CA PRO D 64 6.82 32.69 26.35
C PRO D 64 5.85 33.79 26.82
N ALA D 65 5.26 33.58 28.00
CA ALA D 65 4.17 34.41 28.43
C ALA D 65 4.63 35.83 28.74
N ASP D 66 5.89 36.02 29.13
CA ASP D 66 6.36 37.41 29.38
C ASP D 66 6.55 38.24 28.09
N TRP D 67 6.49 37.59 26.93
CA TRP D 67 6.48 38.32 25.66
C TRP D 67 5.10 38.39 25.03
N GLY D 68 4.08 38.09 25.82
CA GLY D 68 2.71 38.20 25.36
C GLY D 68 2.10 36.88 24.92
N GLY D 69 2.85 35.79 25.00
CA GLY D 69 2.36 34.49 24.53
C GLY D 69 1.72 33.63 25.61
N SER D 70 1.64 32.34 25.34
CA SER D 70 0.93 31.40 26.19
C SER D 70 1.66 30.07 26.20
N TYR D 71 2.94 30.06 25.85
CA TYR D 71 3.67 28.77 25.76
C TYR D 71 3.65 27.98 27.06
N THR D 72 3.29 26.71 26.98
CA THR D 72 3.47 25.83 28.12
C THR D 72 4.39 24.70 27.69
N ASP D 73 3.96 23.90 26.72
CA ASP D 73 4.86 22.98 26.03
C ASP D 73 4.39 22.68 24.59
N TYR D 74 5.13 21.83 23.90
CA TYR D 74 4.81 21.53 22.52
C TYR D 74 3.77 20.45 22.37
N VAL D 75 3.51 19.66 23.41
CA VAL D 75 2.44 18.70 23.36
C VAL D 75 1.10 19.46 23.33
N ALA D 76 0.97 20.47 24.18
CA ALA D 76 -0.22 21.34 24.21
C ALA D 76 -0.45 21.98 22.89
N TYR D 77 0.61 22.54 22.35
CA TYR D 77 0.58 23.17 21.03
C TYR D 77 -0.03 22.22 19.99
N ALA D 78 0.51 21.02 19.90
CA ALA D 78 -0.03 20.03 18.98
C ALA D 78 -1.47 19.63 19.24
N LEU D 79 -1.82 19.48 20.51
CA LEU D 79 -3.20 19.19 20.83
C LEU D 79 -4.12 20.31 20.35
N ALA D 80 -3.74 21.58 20.54
CA ALA D 80 -4.56 22.69 20.09
C ALA D 80 -4.65 22.73 18.56
N LEU D 81 -3.54 22.54 17.89
CA LEU D 81 -3.57 22.59 16.46
C LEU D 81 -4.34 21.41 15.88
N GLU D 82 -4.29 20.25 16.53
CA GLU D 82 -5.12 19.13 16.09
C GLU D 82 -6.61 19.47 16.16
N GLU D 83 -7.01 20.12 17.23
CA GLU D 83 -8.43 20.47 17.43
C GLU D 83 -8.84 21.52 16.43
N ILE D 84 -7.99 22.51 16.27
CA ILE D 84 -8.31 23.61 15.36
C ILE D 84 -8.42 23.06 13.94
N ALA D 85 -7.46 22.21 13.53
CA ALA D 85 -7.55 21.58 12.19
C ALA D 85 -8.80 20.71 12.00
N ALA D 86 -9.29 20.06 13.05
CA ALA D 86 -10.52 19.26 12.95
C ALA D 86 -11.73 20.19 12.69
N GLY D 87 -11.65 21.45 13.12
CA GLY D 87 -12.77 22.38 12.93
C GLY D 87 -12.67 23.11 11.60
N CYS D 88 -11.45 23.52 11.27
CA CYS D 88 -11.20 24.32 10.11
C CYS D 88 -9.73 24.17 9.69
N ALA D 89 -9.46 23.47 8.61
CA ALA D 89 -8.08 23.20 8.22
C ALA D 89 -7.31 24.47 7.83
N SER D 90 -8.02 25.50 7.37
CA SER D 90 -7.39 26.76 6.96
C SER D 90 -6.95 27.56 8.17
N CYS D 91 -7.79 27.59 9.20
CA CYS D 91 -7.36 28.18 10.47
C CYS D 91 -6.05 27.52 10.95
N ALA D 92 -5.96 26.21 10.85
CA ALA D 92 -4.81 25.50 11.35
C ALA D 92 -3.58 25.87 10.57
N THR D 93 -3.72 26.03 9.25
CA THR D 93 -2.64 26.56 8.45
C THR D 93 -2.18 27.94 8.93
N LEU D 94 -3.15 28.84 9.16
CA LEU D 94 -2.84 30.22 9.62
C LEU D 94 -2.07 30.16 10.92
N VAL D 95 -2.62 29.44 11.88
CA VAL D 95 -2.02 29.28 13.20
C VAL D 95 -0.61 28.60 13.18
N SER D 96 -0.46 27.52 12.42
CA SER D 96 0.81 26.82 12.47
C SER D 96 1.93 27.68 11.92
N VAL D 97 1.64 28.41 10.84
CA VAL D 97 2.59 29.32 10.22
C VAL D 97 2.90 30.52 11.13
N HIS D 98 1.87 31.15 11.66
CA HIS D 98 2.05 32.36 12.44
C HIS D 98 2.90 32.13 13.68
N ASN D 99 2.55 31.10 14.45
CA ASN D 99 3.30 30.70 15.65
C ASN D 99 4.76 30.31 15.35
N SER D 100 4.97 29.46 14.35
CA SER D 100 6.31 28.89 14.14
C SER D 100 7.26 29.85 13.43
N VAL D 101 6.85 30.36 12.27
CA VAL D 101 7.76 31.15 11.43
C VAL D 101 7.43 32.63 11.39
N GLY D 102 6.26 33.03 11.87
CA GLY D 102 5.93 34.44 12.05
C GLY D 102 6.54 34.91 13.36
N CYS D 103 6.25 34.20 14.46
CA CYS D 103 6.77 34.52 15.81
C CYS D 103 8.21 34.06 16.13
N GLY D 104 8.57 32.85 15.68
CA GLY D 104 9.84 32.18 16.02
C GLY D 104 11.08 33.01 15.74
N PRO D 105 11.30 33.44 14.49
CA PRO D 105 12.46 34.24 14.12
C PRO D 105 12.66 35.51 14.96
N VAL D 106 11.56 36.24 15.20
CA VAL D 106 11.63 37.47 15.99
C VAL D 106 12.03 37.13 17.46
N LEU D 107 11.41 36.10 18.02
CA LEU D 107 11.70 35.70 19.40
C LEU D 107 13.14 35.25 19.53
N ASN D 108 13.61 34.45 18.59
CA ASN D 108 14.90 33.81 18.72
C ASN D 108 16.08 34.67 18.23
N TYR D 109 15.85 35.59 17.31
CA TYR D 109 16.93 36.43 16.79
C TYR D 109 16.73 37.91 16.95
N GLY D 110 15.53 38.34 17.34
CA GLY D 110 15.28 39.77 17.56
C GLY D 110 16.04 40.33 18.74
N THR D 111 16.51 41.56 18.60
CA THR D 111 17.09 42.24 19.72
C THR D 111 15.95 42.54 20.67
N THR D 112 16.29 43.05 21.83
CA THR D 112 15.27 43.47 22.78
C THR D 112 14.40 44.53 22.18
N GLU D 113 14.99 45.57 21.59
CA GLU D 113 14.19 46.61 20.94
C GLU D 113 13.27 45.98 19.88
N GLN D 114 13.80 45.06 19.08
CA GLN D 114 12.96 44.42 18.08
C GLN D 114 11.75 43.70 18.70
N LYS D 115 11.99 42.91 19.73
CA LYS D 115 10.88 42.21 20.39
C LYS D 115 9.88 43.19 20.96
N GLU D 116 10.34 44.27 21.59
CA GLU D 116 9.39 45.28 22.10
C GLU D 116 8.54 45.86 20.95
N ARG D 117 9.16 46.15 19.81
CA ARG D 117 8.43 46.68 18.66
C ARG D 117 7.37 45.68 18.14
N TRP D 118 7.71 44.40 18.04
CA TRP D 118 6.87 43.49 17.25
C TRP D 118 6.31 42.27 17.97
N LEU D 119 7.05 41.69 18.89
CA LEU D 119 6.71 40.35 19.35
C LEU D 119 5.39 40.26 20.13
N ARG D 120 5.09 41.23 20.98
CA ARG D 120 3.84 41.19 21.79
C ARG D 120 2.61 41.32 20.91
N ASP D 121 2.75 42.05 19.81
CA ASP D 121 1.67 42.13 18.88
C ASP D 121 1.50 40.84 18.06
N LEU D 122 2.63 40.21 17.68
CA LEU D 122 2.59 38.93 17.02
C LEU D 122 1.95 37.89 17.95
N ALA D 123 2.44 37.78 19.19
CA ALA D 123 2.02 36.77 20.11
C ALA D 123 0.56 36.87 20.51
N SER D 124 0.03 38.10 20.56
CA SER D 124 -1.36 38.32 20.96
C SER D 124 -2.29 38.16 19.77
N GLY D 125 -1.72 38.10 18.56
CA GLY D 125 -2.53 38.07 17.36
C GLY D 125 -2.95 39.41 16.81
N LYS D 126 -2.73 40.53 17.52
CA LYS D 126 -3.06 41.85 16.94
C LYS D 126 -2.41 42.01 15.56
N THR D 127 -1.20 41.47 15.39
CA THR D 127 -0.52 41.46 14.12
C THR D 127 -0.29 40.00 13.70
N VAL D 128 -0.74 39.65 12.50
CA VAL D 128 -0.50 38.33 11.95
C VAL D 128 0.82 38.41 11.18
N GLY D 129 1.60 37.34 11.28
CA GLY D 129 2.90 37.25 10.69
C GLY D 129 3.01 36.27 9.52
N ALA D 130 3.90 36.61 8.61
CA ALA D 130 4.17 35.82 7.41
C ALA D 130 5.67 35.59 7.26
N PHE D 131 6.03 34.53 6.55
CA PHE D 131 7.45 34.13 6.36
C PHE D 131 7.63 33.97 4.86
N SER D 132 8.57 34.67 4.24
CA SER D 132 8.75 34.57 2.78
C SER D 132 10.18 34.21 2.40
N LEU D 133 10.38 32.95 2.05
CA LEU D 133 11.69 32.47 1.65
C LEU D 133 11.66 32.01 0.19
N THR D 134 10.74 31.10 -0.16
CA THR D 134 10.84 30.43 -1.46
C THR D 134 10.43 31.34 -2.63
N GLU D 135 11.00 31.02 -3.79
CA GLU D 135 10.91 31.87 -4.96
C GLU D 135 10.40 31.06 -6.15
N PRO D 136 9.95 31.75 -7.21
CA PRO D 136 9.37 31.00 -8.35
C PRO D 136 10.31 29.91 -8.93
N HIS D 137 11.57 30.23 -9.19
CA HIS D 137 12.51 29.16 -9.47
C HIS D 137 12.68 28.30 -8.22
N ASN D 144 19.72 29.81 -1.42
CA ASN D 144 19.16 29.42 -2.71
C ASN D 144 18.67 30.56 -3.66
N LEU D 145 18.86 31.84 -3.29
CA LEU D 145 17.93 32.93 -3.65
C LEU D 145 18.36 34.00 -4.67
N ARG D 146 17.37 34.52 -5.41
CA ARG D 146 17.53 35.67 -6.34
C ARG D 146 17.01 36.99 -5.83
N THR D 147 16.13 36.98 -4.82
CA THR D 147 15.77 38.23 -4.16
C THR D 147 17.02 38.85 -3.49
N ARG D 148 17.20 40.16 -3.62
CA ARG D 148 18.43 40.83 -3.22
C ARG D 148 18.11 41.93 -2.25
N ALA D 149 19.06 42.24 -1.36
CA ALA D 149 18.93 43.39 -0.45
C ALA D 149 20.21 44.20 -0.43
N GLU D 150 20.11 45.48 -0.77
CA GLU D 150 21.27 46.39 -0.73
C GLU D 150 21.10 47.45 0.36
N LEU D 151 22.19 47.70 1.10
CA LEU D 151 22.21 48.68 2.15
C LEU D 151 22.76 49.98 1.58
N ARG D 152 21.91 51.00 1.45
CA ARG D 152 22.30 52.31 0.92
C ARG D 152 21.59 53.38 1.76
N ASP D 153 22.37 54.34 2.25
CA ASP D 153 21.89 55.52 2.99
C ASP D 153 20.97 55.19 4.18
N GLY D 154 21.40 54.29 5.06
CA GLY D 154 20.63 53.94 6.27
C GLY D 154 19.38 53.06 6.09
N LYS D 155 19.11 52.64 4.86
CA LYS D 155 17.93 51.84 4.56
C LYS D 155 18.41 50.54 3.87
N TRP D 156 17.71 49.42 4.15
CA TRP D 156 17.88 48.18 3.36
C TRP D 156 16.83 48.20 2.24
N ILE D 157 17.28 47.90 1.02
CA ILE D 157 16.47 48.03 -0.19
C ILE D 157 16.39 46.64 -0.84
N LEU D 158 15.17 46.15 -1.00
CA LEU D 158 14.91 44.78 -1.41
C LEU D 158 14.24 44.72 -2.78
N ASN D 159 14.74 43.85 -3.64
CA ASN D 159 14.15 43.68 -4.95
C ASN D 159 14.08 42.22 -5.19
N GLY D 160 12.91 41.75 -5.58
CA GLY D 160 12.78 40.36 -5.96
C GLY D 160 11.36 39.87 -5.93
N SER D 161 11.24 38.58 -6.13
CA SER D 161 9.97 37.91 -6.30
C SER D 161 9.87 36.63 -5.43
N LYS D 162 8.73 36.48 -4.78
CA LYS D 162 8.51 35.45 -3.76
C LYS D 162 7.20 34.74 -4.07
N GLN D 163 7.09 33.54 -3.55
CA GLN D 163 6.07 32.60 -3.96
C GLN D 163 5.39 31.98 -2.74
N PHE D 164 4.10 31.68 -2.87
CA PHE D 164 3.35 30.95 -1.86
C PHE D 164 3.51 31.47 -0.45
N VAL D 165 3.21 32.74 -0.21
CA VAL D 165 3.34 33.24 1.13
C VAL D 165 2.00 33.11 1.83
N THR D 166 1.99 32.21 2.83
CA THR D 166 0.81 31.98 3.61
C THR D 166 0.65 33.18 4.46
N ASN D 167 -0.62 33.60 4.63
CA ASN D 167 -0.98 34.76 5.43
C ASN D 167 -0.53 36.04 4.71
N GLY D 168 -0.18 35.92 3.43
CA GLY D 168 0.39 37.02 2.65
C GLY D 168 -0.47 38.26 2.59
N ALA D 169 -1.79 38.07 2.44
CA ALA D 169 -2.75 39.18 2.37
C ALA D 169 -3.00 39.81 3.71
N ARG D 170 -3.00 39.05 4.79
CA ARG D 170 -3.46 39.58 6.04
C ARG D 170 -2.36 39.89 7.01
N ALA D 171 -1.12 39.50 6.73
CA ALA D 171 -0.06 39.72 7.68
C ALA D 171 0.24 41.21 7.83
N GLY D 172 0.60 41.62 9.02
CA GLY D 172 1.12 42.98 9.26
C GLY D 172 2.63 43.05 9.09
N LEU D 173 3.29 41.89 9.22
CA LEU D 173 4.76 41.78 9.14
C LEU D 173 5.19 40.52 8.38
N ALA D 174 6.30 40.63 7.65
CA ALA D 174 6.81 39.52 6.90
C ALA D 174 8.31 39.35 7.10
N ILE D 175 8.72 38.13 7.46
CA ILE D 175 10.13 37.81 7.53
C ILE D 175 10.53 37.45 6.14
N VAL D 176 11.33 38.29 5.53
CA VAL D 176 11.66 38.13 4.16
C VAL D 176 13.14 37.78 4.07
N PHE D 177 13.47 36.77 3.29
CA PHE D 177 14.86 36.35 3.15
C PHE D 177 15.40 36.79 1.82
N ALA D 178 16.59 37.40 1.85
CA ALA D 178 17.18 38.04 0.68
C ALA D 178 18.72 37.94 0.67
N MET D 179 19.27 37.63 -0.50
CA MET D 179 20.71 37.67 -0.75
C MET D 179 21.37 39.02 -0.46
N THR D 180 22.17 39.12 0.61
CA THR D 180 22.93 40.33 0.85
C THR D 180 24.39 40.25 0.39
N ASP D 181 24.98 39.05 0.32
CA ASP D 181 26.42 38.92 0.03
C ASP D 181 26.63 37.72 -0.85
N PRO D 182 26.60 37.92 -2.17
CA PRO D 182 26.52 36.79 -3.12
C PRO D 182 27.63 35.70 -3.15
N ASP D 183 28.60 35.72 -2.24
CA ASP D 183 29.62 34.67 -2.21
C ASP D 183 29.50 33.68 -1.03
N LYS D 186 26.56 30.32 1.38
CA LYS D 186 26.01 29.75 2.61
C LYS D 186 25.68 30.85 3.60
N ARG D 187 26.67 31.70 3.90
CA ARG D 187 26.46 32.88 4.74
C ARG D 187 26.14 34.10 3.86
N GLY D 188 25.52 33.88 2.70
CA GLY D 188 25.24 34.96 1.78
C GLY D 188 23.85 35.56 1.88
N LEU D 189 23.01 35.04 2.78
CA LEU D 189 21.63 35.52 2.97
C LEU D 189 21.44 36.21 4.29
N SER D 190 20.49 37.15 4.30
CA SER D 190 20.06 37.81 5.51
C SER D 190 18.53 37.82 5.59
N ALA D 191 18.04 38.03 6.82
CA ALA D 191 16.64 38.03 7.16
C ALA D 191 16.18 39.44 7.53
N PHE D 192 14.99 39.83 7.05
CA PHE D 192 14.42 41.17 7.36
C PHE D 192 12.97 41.10 7.86
N VAL D 193 12.64 41.94 8.82
CA VAL D 193 11.26 42.19 9.24
C VAL D 193 10.70 43.36 8.43
N VAL D 194 9.75 43.05 7.53
CA VAL D 194 9.21 44.04 6.61
C VAL D 194 7.76 44.29 6.91
N PRO D 195 7.43 45.49 7.46
CA PRO D 195 6.00 45.79 7.61
C PRO D 195 5.35 45.73 6.25
N THR D 196 4.11 45.23 6.20
CA THR D 196 3.52 44.88 4.90
C THR D 196 2.80 46.05 4.25
N ASP D 197 2.82 47.22 4.87
CA ASP D 197 2.34 48.44 4.22
C ASP D 197 3.49 49.27 3.62
N THR D 198 4.69 48.70 3.55
CA THR D 198 5.84 49.42 3.06
C THR D 198 5.67 49.62 1.56
N PRO D 199 5.85 50.87 1.06
CA PRO D 199 5.89 51.01 -0.41
C PRO D 199 6.86 50.01 -1.06
N GLY D 200 6.44 49.41 -2.16
CA GLY D 200 7.24 48.43 -2.86
C GLY D 200 7.08 47.01 -2.34
N PHE D 201 6.28 46.82 -1.29
CA PHE D 201 5.90 45.46 -0.86
C PHE D 201 4.58 45.05 -1.54
N ILE D 202 4.66 44.44 -2.72
CA ILE D 202 3.48 44.29 -3.59
C ILE D 202 2.89 42.88 -3.47
N VAL D 203 1.76 42.74 -2.78
CA VAL D 203 1.16 41.44 -2.58
C VAL D 203 0.13 41.19 -3.68
N GLY D 204 0.27 40.07 -4.36
CA GLY D 204 -0.62 39.67 -5.46
C GLY D 204 -1.91 38.97 -5.01
N LYS D 205 -2.76 38.62 -5.97
CA LYS D 205 -4.03 37.99 -5.64
C LYS D 205 -3.77 36.58 -5.10
N PRO D 206 -4.54 36.17 -4.08
CA PRO D 206 -4.35 34.85 -3.47
C PRO D 206 -4.46 33.77 -4.52
N GLU D 207 -3.68 32.74 -4.38
CA GLU D 207 -3.71 31.62 -5.33
C GLU D 207 -5.00 30.86 -5.21
N LYS D 208 -5.53 30.38 -6.34
CA LYS D 208 -6.64 29.43 -6.29
C LYS D 208 -6.12 28.00 -6.11
N LYS D 209 -6.53 27.41 -4.98
CA LYS D 209 -6.08 26.10 -4.47
C LYS D 209 -7.20 25.08 -4.35
N MET D 210 -6.86 23.79 -4.50
CA MET D 210 -7.84 22.69 -4.36
C MET D 210 -8.52 22.68 -2.99
N GLY D 211 -7.74 22.96 -1.96
CA GLY D 211 -8.14 22.92 -0.58
C GLY D 211 -7.49 24.04 0.21
N ILE D 212 -7.61 23.98 1.53
CA ILE D 212 -7.35 25.10 2.45
C ILE D 212 -7.66 26.44 1.76
N ARG D 213 -8.86 26.53 1.21
CA ARG D 213 -9.14 27.63 0.30
C ARG D 213 -9.17 29.00 0.97
N ALA D 214 -9.48 29.04 2.25
CA ALA D 214 -9.63 30.26 3.03
C ALA D 214 -8.33 30.70 3.66
N SER D 215 -7.30 29.87 3.61
CA SER D 215 -5.97 30.33 3.97
C SER D 215 -5.30 31.00 2.80
N ASP D 216 -5.21 32.33 2.89
CA ASP D 216 -4.66 33.17 1.84
C ASP D 216 -3.18 32.87 1.57
N THR D 217 -2.88 32.48 0.33
CA THR D 217 -1.55 32.08 -0.10
C THR D 217 -1.18 32.97 -1.28
N CYS D 218 -0.23 33.90 -1.09
CA CYS D 218 -0.01 34.98 -2.08
C CYS D 218 1.41 35.07 -2.61
N PRO D 219 1.57 35.39 -3.88
CA PRO D 219 2.84 35.82 -4.39
C PRO D 219 3.15 37.22 -3.93
N ILE D 220 4.43 37.51 -3.76
CA ILE D 220 4.88 38.85 -3.40
C ILE D 220 6.05 39.28 -4.26
N THR D 221 5.93 40.50 -4.78
CA THR D 221 6.96 41.17 -5.53
C THR D 221 7.51 42.27 -4.67
N LEU D 222 8.83 42.34 -4.61
CA LEU D 222 9.52 43.44 -3.96
C LEU D 222 10.17 44.31 -5.05
N GLU D 223 9.76 45.57 -5.07
CA GLU D 223 10.16 46.54 -6.06
C GLU D 223 10.63 47.76 -5.29
N ASN D 224 11.95 47.85 -5.13
CA ASN D 224 12.60 48.85 -4.28
C ASN D 224 11.89 49.08 -2.97
N CYS D 225 11.64 48.00 -2.27
CA CYS D 225 11.04 48.03 -0.95
C CYS D 225 12.13 48.37 0.04
N ALA D 226 12.14 49.63 0.45
CA ALA D 226 13.13 50.11 1.41
C ALA D 226 12.56 50.13 2.80
N ILE D 227 13.33 49.58 3.76
CA ILE D 227 12.99 49.42 5.19
C ILE D 227 14.17 49.93 6.01
N PRO D 228 13.91 50.41 7.26
CA PRO D 228 15.04 50.91 8.07
C PRO D 228 16.13 49.87 8.23
N GLN D 229 17.36 50.32 8.45
CA GLN D 229 18.48 49.42 8.66
C GLN D 229 18.32 48.49 9.86
N GLU D 230 17.79 49.02 10.94
CA GLU D 230 17.50 48.26 12.16
C GLU D 230 16.35 47.22 12.00
N ASN D 231 15.85 47.01 10.79
CA ASN D 231 14.94 45.89 10.50
C ASN D 231 15.64 44.65 9.96
N LEU D 232 16.96 44.70 9.79
CA LEU D 232 17.79 43.49 9.68
C LEU D 232 17.54 42.61 10.91
N LEU D 233 17.33 41.29 10.71
CA LEU D 233 17.02 40.34 11.78
C LEU D 233 18.13 39.34 11.93
N GLY D 234 18.76 39.32 13.10
CA GLY D 234 20.08 38.65 13.23
C GLY D 234 21.24 39.44 12.60
N LYS D 235 22.42 38.82 12.54
CA LYS D 235 23.56 39.40 11.84
C LYS D 235 23.45 39.14 10.33
N ARG D 236 24.07 40.04 9.56
CA ARG D 236 24.22 39.86 8.12
C ARG D 236 24.89 38.51 7.82
N GLY D 237 24.31 37.72 6.92
CA GLY D 237 24.81 36.38 6.68
C GLY D 237 24.15 35.27 7.50
N GLU D 238 23.32 35.63 8.49
CA GLU D 238 22.62 34.63 9.31
C GLU D 238 21.28 34.19 8.69
N GLY D 239 20.98 34.58 7.46
CA GLY D 239 19.68 34.26 6.85
C GLY D 239 19.27 32.80 6.75
N LEU D 240 20.13 32.01 6.14
CA LEU D 240 19.89 30.56 6.04
C LEU D 240 19.70 29.94 7.42
N LYS D 241 20.61 30.21 8.38
CA LYS D 241 20.45 29.60 9.72
C LYS D 241 19.08 29.95 10.27
N ILE D 242 18.69 31.22 10.13
CA ILE D 242 17.39 31.68 10.63
C ILE D 242 16.21 30.97 9.94
N ALA D 243 16.27 30.92 8.61
CA ALA D 243 15.26 30.23 7.84
C ALA D 243 15.12 28.75 8.25
N LEU D 244 16.17 28.17 8.84
CA LEU D 244 16.17 26.76 9.25
C LEU D 244 15.97 26.52 10.73
N SER D 245 15.72 27.57 11.51
CA SER D 245 15.67 27.45 12.98
C SER D 245 14.32 26.94 13.52
N ASN D 246 13.33 26.81 12.65
CA ASN D 246 12.01 26.39 13.10
C ASN D 246 11.45 25.21 12.31
N LEU D 247 12.30 24.36 11.80
CA LEU D 247 11.83 23.20 11.07
C LEU D 247 11.10 22.23 11.98
N GLU D 248 11.63 22.01 13.18
CA GLU D 248 10.99 21.12 14.13
C GLU D 248 9.58 21.58 14.51
N GLY D 249 9.46 22.83 14.96
CA GLY D 249 8.12 23.40 15.32
C GLY D 249 7.14 23.38 14.17
N GLY D 250 7.59 23.78 12.99
CA GLY D 250 6.76 23.79 11.82
C GLY D 250 6.20 22.41 11.47
N ARG D 251 7.08 21.42 11.38
CA ARG D 251 6.70 20.07 11.03
C ARG D 251 5.79 19.39 12.06
N ILE D 252 6.09 19.60 13.33
CA ILE D 252 5.23 19.18 14.41
C ILE D 252 3.81 19.80 14.23
N GLY D 253 3.77 21.11 13.97
CA GLY D 253 2.50 21.82 13.73
C GLY D 253 1.67 21.18 12.58
N ILE D 254 2.33 20.91 11.45
CA ILE D 254 1.64 20.40 10.30
C ILE D 254 1.27 18.94 10.50
N ALA D 255 2.12 18.15 11.18
CA ALA D 255 1.73 16.79 11.56
C ALA D 255 0.44 16.82 12.42
N ALA D 256 0.38 17.77 13.34
CA ALA D 256 -0.80 17.96 14.16
C ALA D 256 -2.02 18.32 13.26
N GLN D 257 -1.78 19.14 12.26
CA GLN D 257 -2.87 19.54 11.36
C GLN D 257 -3.39 18.33 10.58
N ALA D 258 -2.47 17.49 10.04
CA ALA D 258 -2.85 16.26 9.29
C ALA D 258 -3.70 15.36 10.13
N THR D 259 -3.29 15.20 11.39
CA THR D 259 -3.99 14.39 12.38
C THR D 259 -5.41 14.88 12.60
N GLY D 260 -5.57 16.22 12.78
CA GLY D 260 -6.90 16.77 13.00
C GLY D 260 -7.88 16.64 11.84
N ILE D 261 -7.42 16.89 10.63
CA ILE D 261 -8.21 16.75 9.43
C ILE D 261 -8.62 15.28 9.21
N ALA D 262 -7.66 14.36 9.32
CA ALA D 262 -7.95 12.94 9.28
C ALA D 262 -8.99 12.58 10.33
N ARG D 263 -8.81 13.08 11.55
CA ARG D 263 -9.72 12.75 12.63
C ARG D 263 -11.12 13.27 12.36
N ALA D 264 -11.23 14.50 11.87
CA ALA D 264 -12.58 15.02 11.52
C ALA D 264 -13.29 14.13 10.51
N ALA D 265 -12.58 13.64 9.51
CA ALA D 265 -13.25 12.87 8.46
C ALA D 265 -13.64 11.51 9.05
N PHE D 266 -12.79 10.98 9.90
CA PHE D 266 -13.02 9.67 10.55
C PHE D 266 -14.23 9.74 11.48
N ASP D 267 -14.32 10.86 12.23
CA ASP D 267 -15.46 11.07 13.12
C ASP D 267 -16.73 11.08 12.37
N ARG D 268 -16.77 11.73 11.21
CA ARG D 268 -17.96 11.71 10.38
C ARG D 268 -18.24 10.34 9.79
N ALA D 269 -17.19 9.64 9.34
CA ALA D 269 -17.41 8.34 8.74
C ALA D 269 -18.06 7.40 9.76
N ARG D 270 -17.51 7.39 10.98
CA ARG D 270 -17.98 6.42 11.96
C ARG D 270 -19.35 6.76 12.47
N ARG D 271 -19.71 8.05 12.48
CA ARG D 271 -21.07 8.48 12.75
C ARG D 271 -22.03 8.05 11.60
N TYR D 272 -21.65 8.28 10.34
CA TYR D 272 -22.43 7.77 9.22
C TYR D 272 -22.57 6.22 9.20
N ALA D 273 -21.51 5.49 9.55
CA ALA D 273 -21.59 4.04 9.58
C ALA D 273 -22.57 3.56 10.66
N ARG D 274 -22.58 4.25 11.80
CA ARG D 274 -23.40 3.82 12.95
C ARG D 274 -24.89 4.05 12.63
N GLU D 275 -25.22 5.13 11.94
CA GLU D 275 -26.59 5.46 11.55
C GLU D 275 -27.15 4.76 10.29
N ARG D 276 -26.35 4.63 9.25
CA ARG D 276 -26.81 3.99 8.00
C ARG D 276 -27.10 2.49 8.18
N LYS D 281 -27.90 -5.18 9.66
CA LYS D 281 -27.50 -4.21 10.68
C LYS D 281 -26.92 -2.92 10.06
N PRO D 282 -26.59 -1.91 10.90
CA PRO D 282 -25.82 -0.74 10.42
C PRO D 282 -24.46 -1.12 9.85
N ILE D 283 -23.98 -0.30 8.92
CA ILE D 283 -22.81 -0.68 8.09
C ILE D 283 -21.45 -0.79 8.85
N ALA D 284 -21.37 -0.27 10.07
CA ALA D 284 -20.14 -0.37 10.90
C ALA D 284 -19.81 -1.80 11.38
N GLU D 285 -20.69 -2.79 11.12
CA GLU D 285 -20.48 -4.22 11.48
C GLU D 285 -20.61 -5.11 10.23
N HIS D 286 -20.50 -4.48 9.07
CA HIS D 286 -20.18 -5.19 7.86
C HIS D 286 -18.67 -5.21 7.93
N GLN D 287 -18.10 -6.38 7.68
CA GLN D 287 -16.69 -6.61 7.99
C GLN D 287 -15.78 -5.56 7.37
N ALA D 288 -16.00 -5.27 6.09
CA ALA D 288 -15.11 -4.39 5.33
C ALA D 288 -15.13 -2.97 5.88
N ILE D 289 -16.31 -2.48 6.22
CA ILE D 289 -16.42 -1.14 6.74
C ILE D 289 -15.68 -1.06 8.06
N ALA D 290 -15.90 -2.09 8.88
CA ALA D 290 -15.30 -2.14 10.22
C ALA D 290 -13.76 -2.22 10.14
N GLU D 291 -13.25 -2.95 9.16
CA GLU D 291 -11.82 -2.98 8.91
C GLU D 291 -11.26 -1.61 8.50
N LYS D 292 -12.02 -0.82 7.75
CA LYS D 292 -11.52 0.50 7.33
C LYS D 292 -11.45 1.41 8.54
N LEU D 293 -12.48 1.34 9.38
CA LEU D 293 -12.57 2.19 10.56
C LEU D 293 -11.49 1.84 11.56
N ALA D 294 -11.28 0.55 11.79
CA ALA D 294 -10.15 0.10 12.57
C ALA D 294 -8.83 0.61 12.04
N ASN D 295 -8.61 0.48 10.73
CA ASN D 295 -7.37 1.00 10.14
C ASN D 295 -7.24 2.50 10.32
N MET D 296 -8.37 3.22 10.18
CA MET D 296 -8.32 4.69 10.21
C MET D 296 -7.94 5.13 11.59
N ALA D 297 -8.55 4.48 12.60
CA ALA D 297 -8.27 4.79 14.03
C ALA D 297 -6.83 4.48 14.43
N THR D 298 -6.34 3.32 14.02
CA THR D 298 -4.97 2.95 14.26
C THR D 298 -3.97 3.94 13.68
N GLN D 299 -4.19 4.35 12.42
CA GLN D 299 -3.29 5.27 11.74
C GLN D 299 -3.35 6.67 12.33
N ILE D 300 -4.55 7.16 12.61
CA ILE D 300 -4.67 8.45 13.24
C ILE D 300 -3.96 8.47 14.59
N ASN D 301 -4.12 7.40 15.35
CA ASN D 301 -3.54 7.37 16.69
C ASN D 301 -2.01 7.29 16.61
N ALA D 302 -1.52 6.56 15.63
CA ALA D 302 -0.06 6.45 15.44
C ALA D 302 0.54 7.83 15.08
N ALA D 303 -0.19 8.57 14.23
CA ALA D 303 0.20 9.90 13.83
C ALA D 303 0.23 10.82 15.02
N ARG D 304 -0.79 10.75 15.86
CA ARG D 304 -0.76 11.56 17.05
C ARG D 304 0.46 11.23 17.94
N LEU D 305 0.74 9.95 18.15
CA LEU D 305 1.79 9.56 19.06
C LEU D 305 3.18 9.96 18.53
N LEU D 306 3.37 9.91 17.21
CA LEU D 306 4.62 10.38 16.61
C LEU D 306 4.77 11.89 16.79
N THR D 307 3.63 12.57 16.63
CA THR D 307 3.61 14.01 16.79
C THR D 307 3.96 14.42 18.22
N HIS D 308 3.28 13.82 19.19
CA HIS D 308 3.56 14.07 20.59
C HIS D 308 4.96 13.70 21.01
N HIS D 309 5.47 12.54 20.58
CA HIS D 309 6.84 12.15 20.90
C HIS D 309 7.84 13.20 20.46
N ALA D 310 7.77 13.62 19.20
CA ALA D 310 8.60 14.71 18.78
C ALA D 310 8.41 16.01 19.61
N ALA D 311 7.19 16.27 20.02
CA ALA D 311 6.89 17.48 20.75
C ALA D 311 7.55 17.45 22.13
N ARG D 312 7.62 16.25 22.71
CA ARG D 312 8.29 16.07 24.01
C ARG D 312 9.76 16.35 23.91
N LEU D 313 10.40 15.80 22.87
CA LEU D 313 11.80 16.07 22.67
C LEU D 313 12.03 17.56 22.52
N ARG D 314 11.19 18.22 21.73
CA ARG D 314 11.35 19.66 21.47
C ARG D 314 11.10 20.49 22.72
N THR D 315 10.11 20.10 23.50
CA THR D 315 9.82 20.74 24.76
C THR D 315 11.08 20.70 25.60
N ALA D 316 11.72 19.52 25.67
CA ALA D 316 12.92 19.29 26.51
C ALA D 316 14.16 19.89 25.86
N GLY D 317 14.02 20.45 24.67
CA GLY D 317 15.14 21.13 24.03
C GLY D 317 16.10 20.18 23.32
N LEU D 318 15.71 18.92 23.19
CA LEU D 318 16.54 17.89 22.62
C LEU D 318 16.52 17.89 21.06
N PRO D 319 17.53 17.30 20.43
CA PRO D 319 17.47 17.24 18.96
C PRO D 319 16.28 16.37 18.54
N CYS D 320 15.51 16.83 17.56
CA CYS D 320 14.28 16.17 17.17
C CYS D 320 13.82 16.48 15.75
N LEU D 321 14.72 16.93 14.86
CA LEU D 321 14.33 17.19 13.46
C LEU D 321 13.82 15.88 12.76
N SER D 322 14.53 14.77 12.97
CA SER D 322 14.11 13.48 12.39
C SER D 322 12.77 13.04 12.92
N GLU D 323 12.60 13.12 14.24
CA GLU D 323 11.34 12.75 14.85
C GLU D 323 10.17 13.64 14.39
N ALA D 324 10.41 14.92 14.25
CA ALA D 324 9.38 15.83 13.76
C ALA D 324 9.05 15.55 12.27
N SER D 325 10.06 15.21 11.50
CA SER D 325 9.94 14.94 10.10
C SER D 325 9.26 13.59 9.92
N GLN D 326 9.48 12.66 10.83
CA GLN D 326 8.77 11.39 10.77
C GLN D 326 7.28 11.59 11.04
N ALA D 327 6.95 12.43 12.00
CA ALA D 327 5.54 12.69 12.33
C ALA D 327 4.78 13.33 11.19
N LYS D 328 5.45 14.29 10.56
CA LYS D 328 4.85 15.13 9.54
C LYS D 328 4.63 14.24 8.32
N LEU D 329 5.66 13.51 7.93
CA LEU D 329 5.61 12.51 6.91
C LEU D 329 4.44 11.55 7.11
N PHE D 330 4.48 10.84 8.24
CA PHE D 330 3.52 9.81 8.54
C PHE D 330 2.11 10.37 8.59
N ALA D 331 1.93 11.43 9.38
CA ALA D 331 0.61 12.08 9.55
C ALA D 331 0.04 12.57 8.18
N SER D 332 0.89 13.15 7.35
CA SER D 332 0.46 13.71 6.10
C SER D 332 -0.03 12.65 5.16
N GLU D 333 0.71 11.56 5.00
CA GLU D 333 0.30 10.52 4.07
C GLU D 333 -0.92 9.78 4.58
N MET D 334 -0.94 9.54 5.89
CA MET D 334 -2.03 8.89 6.63
C MET D 334 -3.32 9.60 6.32
N ALA D 335 -3.28 10.92 6.50
CA ALA D 335 -4.47 11.78 6.35
C ALA D 335 -5.17 11.68 5.03
N GLU D 336 -4.42 11.70 3.93
CA GLU D 336 -5.05 11.44 2.59
C GLU D 336 -5.74 10.04 2.52
N ALA D 337 -5.10 9.01 3.06
CA ALA D 337 -5.68 7.66 2.99
C ALA D 337 -6.89 7.58 3.91
N VAL D 338 -6.80 8.16 5.09
CA VAL D 338 -7.90 8.11 6.01
C VAL D 338 -9.06 8.89 5.40
N CYS D 339 -8.83 10.10 4.89
CA CYS D 339 -9.92 10.89 4.28
C CYS D 339 -10.53 10.21 3.05
N SER D 340 -9.72 9.49 2.27
CA SER D 340 -10.21 8.69 1.15
C SER D 340 -11.14 7.56 1.65
N ASP D 341 -10.75 6.85 2.69
CA ASP D 341 -11.71 5.88 3.32
C ASP D 341 -13.02 6.49 3.86
N ALA D 342 -12.93 7.70 4.42
CA ALA D 342 -14.13 8.37 4.90
C ALA D 342 -15.13 8.64 3.79
N ILE D 343 -14.62 9.00 2.62
CA ILE D 343 -15.41 9.21 1.43
C ILE D 343 -16.03 7.86 1.03
N GLN D 344 -15.21 6.81 0.97
CA GLN D 344 -15.67 5.50 0.50
C GLN D 344 -16.78 4.98 1.38
N ILE D 345 -16.63 5.10 2.68
CA ILE D 345 -17.62 4.64 3.63
C ILE D 345 -18.96 5.36 3.47
N HIS D 346 -18.95 6.57 2.90
CA HIS D 346 -20.20 7.34 2.65
C HIS D 346 -20.89 7.01 1.32
N GLY D 347 -20.22 6.25 0.44
CA GLY D 347 -20.83 5.86 -0.85
C GLY D 347 -20.96 7.07 -1.76
N GLY D 348 -22.02 7.10 -2.57
CA GLY D 348 -22.35 8.26 -3.37
C GLY D 348 -22.31 9.59 -2.63
N TYR D 349 -22.74 9.57 -1.39
CA TYR D 349 -22.79 10.81 -0.59
C TYR D 349 -21.39 11.36 -0.33
N GLY D 350 -20.38 10.49 -0.41
CA GLY D 350 -18.99 10.90 -0.06
C GLY D 350 -18.41 11.97 -0.99
N PHE D 351 -18.82 11.93 -2.25
CA PHE D 351 -18.41 12.90 -3.27
C PHE D 351 -19.19 14.23 -3.18
N LEU D 352 -20.23 14.32 -2.33
CA LEU D 352 -21.10 15.48 -2.25
C LEU D 352 -20.65 16.52 -1.23
N VAL D 353 -20.63 17.75 -1.66
CA VAL D 353 -20.19 18.86 -0.81
C VAL D 353 -20.83 18.92 0.53
N ASP D 354 -22.16 18.71 0.57
CA ASP D 354 -22.92 18.80 1.83
C ASP D 354 -22.47 17.77 2.85
N TYR D 355 -21.75 16.72 2.46
CA TYR D 355 -21.32 15.68 3.39
C TYR D 355 -19.94 15.90 4.00
N GLU D 356 -19.24 16.95 3.56
CA GLU D 356 -18.03 17.47 4.17
C GLU D 356 -16.73 16.67 4.06
N VAL D 357 -16.81 15.33 4.00
CA VAL D 357 -15.60 14.54 3.86
C VAL D 357 -14.85 14.89 2.59
N GLU D 358 -15.55 15.33 1.54
CA GLU D 358 -14.80 15.74 0.34
C GLU D 358 -13.90 16.94 0.60
N ARG D 359 -14.36 17.83 1.46
CA ARG D 359 -13.55 18.98 1.91
C ARG D 359 -12.30 18.53 2.65
N HIS D 360 -12.49 17.61 3.60
CA HIS D 360 -11.37 17.11 4.40
C HIS D 360 -10.32 16.46 3.51
N TYR D 361 -10.76 15.84 2.43
CA TYR D 361 -9.89 15.15 1.46
C TYR D 361 -9.07 16.18 0.69
N ARG D 362 -9.72 17.25 0.21
CA ARG D 362 -9.00 18.30 -0.47
C ARG D 362 -8.05 19.01 0.46
N ASP D 363 -8.51 19.32 1.66
CA ASP D 363 -7.64 19.99 2.64
C ASP D 363 -6.43 19.15 3.00
N ALA D 364 -6.57 17.84 3.09
CA ALA D 364 -5.54 17.02 3.60
C ALA D 364 -4.32 16.98 2.70
N ARG D 365 -4.55 17.15 1.42
CA ARG D 365 -3.56 16.85 0.41
C ARG D 365 -2.35 17.74 0.50
N ILE D 366 -2.56 18.99 0.87
CA ILE D 366 -1.49 19.95 0.96
C ILE D 366 -0.48 19.55 2.00
N THR D 367 -0.86 18.83 3.04
CA THR D 367 0.10 18.48 4.09
C THR D 367 1.30 17.64 3.65
N GLN D 368 1.20 16.93 2.52
CA GLN D 368 2.34 16.19 1.98
C GLN D 368 3.31 17.09 1.22
N ILE D 369 2.94 18.34 1.00
CA ILE D 369 3.69 19.23 0.10
C ILE D 369 4.39 20.32 0.86
N TYR D 370 3.65 21.15 1.58
CA TYR D 370 4.30 22.30 2.23
C TYR D 370 4.97 21.92 3.52
N GLU D 371 5.81 22.81 4.03
CA GLU D 371 6.66 22.57 5.17
C GLU D 371 7.63 21.39 4.94
N GLY D 372 8.16 21.32 3.74
CA GLY D 372 9.10 20.30 3.34
C GLY D 372 8.26 19.16 2.80
N THR D 373 8.43 18.90 1.51
CA THR D 373 7.78 17.75 0.86
C THR D 373 8.18 16.46 1.47
N SER D 374 7.32 15.47 1.30
CA SER D 374 7.60 14.12 1.76
C SER D 374 9.00 13.70 1.33
N GLU D 375 9.43 14.09 0.14
CA GLU D 375 10.74 13.65 -0.38
C GLU D 375 11.87 14.25 0.49
N VAL D 376 11.68 15.52 0.87
CA VAL D 376 12.58 16.19 1.79
C VAL D 376 12.49 15.57 3.16
N GLN D 377 11.29 15.25 3.61
CA GLN D 377 11.17 14.64 4.92
C GLN D 377 11.99 13.36 4.90
N ARG D 378 11.85 12.54 3.86
CA ARG D 378 12.58 11.26 3.81
C ARG D 378 14.10 11.44 3.75
N MET D 379 14.57 12.51 3.11
CA MET D 379 16.00 12.75 2.97
C MET D 379 16.59 12.96 4.32
N VAL D 380 15.96 13.80 5.12
CA VAL D 380 16.53 14.12 6.43
C VAL D 380 16.43 12.97 7.42
N ILE D 381 15.35 12.22 7.39
CA ILE D 381 15.25 11.07 8.28
C ILE D 381 16.35 10.10 7.89
N ALA D 382 16.60 9.88 6.60
CA ALA D 382 17.59 8.88 6.15
C ALA D 382 19.01 9.34 6.46
N ARG D 383 19.22 10.65 6.40
CA ARG D 383 20.55 11.24 6.55
C ARG D 383 21.11 10.80 7.90
N GLN D 384 20.23 10.73 8.90
CA GLN D 384 20.62 10.49 10.28
C GLN D 384 20.56 9.02 10.75
N LEU D 385 20.41 8.08 9.80
CA LEU D 385 20.52 6.63 10.04
C LEU D 385 21.87 6.11 9.60
PA FDA E . 23.47 -4.78 -5.32
O1A FDA E . 23.67 -4.40 -6.80
O2A FDA E . 24.65 -4.62 -4.36
O5B FDA E . 22.22 -3.85 -4.79
C5B FDA E . 21.83 -3.78 -3.40
C4B FDA E . 20.59 -2.90 -3.38
O4B FDA E . 20.93 -1.56 -3.78
C3B FDA E . 19.49 -3.40 -4.34
O3B FDA E . 18.14 -3.18 -3.83
C2B FDA E . 19.61 -2.54 -5.56
O2B FDA E . 18.35 -2.40 -6.26
C1B FDA E . 20.11 -1.22 -4.94
N9A FDA E . 20.88 -0.44 -5.91
C8A FDA E . 22.09 -0.76 -6.52
N7A FDA E . 22.47 0.22 -7.40
C5A FDA E . 21.48 1.18 -7.33
C6A FDA E . 21.17 2.50 -7.96
N6A FDA E . 22.06 2.98 -8.85
N1A FDA E . 20.02 3.17 -7.64
C2A FDA E . 19.12 2.67 -6.74
N3A FDA E . 19.29 1.49 -6.12
C4A FDA E . 20.42 0.72 -6.38
N1 FDA E . 23.75 -13.43 -11.82
C2 FDA E . 24.34 -14.08 -12.87
O2 FDA E . 25.31 -13.50 -13.44
N3 FDA E . 23.89 -15.27 -13.34
C4 FDA E . 22.84 -15.89 -12.77
O4 FDA E . 22.45 -16.97 -13.20
C4X FDA E . 22.13 -15.26 -11.61
N5 FDA E . 21.06 -15.83 -10.95
C5X FDA E . 20.80 -15.44 -9.67
C6 FDA E . 20.10 -16.28 -8.78
C7 FDA E . 19.86 -15.89 -7.46
C7M FDA E . 19.11 -16.77 -6.51
C8 FDA E . 20.35 -14.56 -6.97
C8M FDA E . 20.12 -14.14 -5.55
C9 FDA E . 21.04 -13.70 -7.85
C9A FDA E . 21.30 -14.11 -9.18
N10 FDA E . 22.04 -13.29 -10.08
C10 FDA E . 22.67 -13.94 -11.18
C1' FDA E . 22.61 -12.02 -9.61
C2' FDA E . 21.52 -10.98 -9.55
O2' FDA E . 21.39 -10.54 -10.91
C3' FDA E . 21.96 -9.91 -8.55
O3' FDA E . 21.61 -10.35 -7.23
C4' FDA E . 21.33 -8.57 -8.86
O4' FDA E . 22.01 -8.07 -10.07
C5' FDA E . 21.47 -7.61 -7.67
O5' FDA E . 22.90 -7.47 -7.38
P FDA E . 23.54 -7.65 -5.88
O1P FDA E . 22.84 -8.83 -5.25
O2P FDA E . 25.08 -7.61 -6.14
O3P FDA E . 22.90 -6.30 -5.17
#